data_1POC
# 
_entry.id   1POC 
# 
_audit_conform.dict_name       mmcif_pdbx.dic 
_audit_conform.dict_version    5.398 
_audit_conform.dict_location   http://mmcif.pdb.org/dictionaries/ascii/mmcif_pdbx.dic 
# 
loop_
_database_2.database_id 
_database_2.database_code 
_database_2.pdbx_database_accession 
_database_2.pdbx_DOI 
PDB   1POC         pdb_00001poc 10.2210/pdb1poc/pdb 
WWPDB D_1000175763 ?            ?                   
# 
loop_
_pdbx_audit_revision_history.ordinal 
_pdbx_audit_revision_history.data_content_type 
_pdbx_audit_revision_history.major_revision 
_pdbx_audit_revision_history.minor_revision 
_pdbx_audit_revision_history.revision_date 
1 'Structure model' 1 0 1993-10-31 
2 'Structure model' 1 1 2008-03-03 
3 'Structure model' 1 2 2011-07-13 
4 'Structure model' 1 3 2019-07-17 
5 'Structure model' 1 4 2019-08-14 
6 'Structure model' 1 5 2024-10-30 
# 
_pdbx_audit_revision_details.ordinal             1 
_pdbx_audit_revision_details.revision_ordinal    1 
_pdbx_audit_revision_details.data_content_type   'Structure model' 
_pdbx_audit_revision_details.provider            repository 
_pdbx_audit_revision_details.type                'Initial release' 
_pdbx_audit_revision_details.description         ? 
_pdbx_audit_revision_details.details             ? 
# 
loop_
_pdbx_audit_revision_group.ordinal 
_pdbx_audit_revision_group.revision_ordinal 
_pdbx_audit_revision_group.data_content_type 
_pdbx_audit_revision_group.group 
1  2 'Structure model' 'Version format compliance' 
2  3 'Structure model' 'Version format compliance' 
3  4 'Structure model' 'Data collection'           
4  4 'Structure model' Other                       
5  4 'Structure model' 'Refinement description'    
6  5 'Structure model' 'Data collection'           
7  5 'Structure model' 'Refinement description'    
8  6 'Structure model' 'Data collection'           
9  6 'Structure model' 'Database references'       
10 6 'Structure model' 'Derived calculations'      
11 6 'Structure model' 'Structure summary'         
# 
loop_
_pdbx_audit_revision_category.ordinal 
_pdbx_audit_revision_category.revision_ordinal 
_pdbx_audit_revision_category.data_content_type 
_pdbx_audit_revision_category.category 
1  4 'Structure model' pdbx_database_status      
2  4 'Structure model' software                  
3  5 'Structure model' software                  
4  6 'Structure model' chem_comp_atom            
5  6 'Structure model' chem_comp_bond            
6  6 'Structure model' database_2                
7  6 'Structure model' pdbx_entry_details        
8  6 'Structure model' pdbx_modification_feature 
9  6 'Structure model' pdbx_struct_conn_angle    
10 6 'Structure model' struct_conn               
11 6 'Structure model' struct_site               
# 
loop_
_pdbx_audit_revision_item.ordinal 
_pdbx_audit_revision_item.revision_ordinal 
_pdbx_audit_revision_item.data_content_type 
_pdbx_audit_revision_item.item 
1  4 'Structure model' '_pdbx_database_status.process_site'          
2  4 'Structure model' '_software.classification'                    
3  5 'Structure model' '_software.classification'                    
4  6 'Structure model' '_database_2.pdbx_DOI'                        
5  6 'Structure model' '_database_2.pdbx_database_accession'         
6  6 'Structure model' '_pdbx_struct_conn_angle.ptnr1_auth_comp_id'  
7  6 'Structure model' '_pdbx_struct_conn_angle.ptnr1_auth_seq_id'   
8  6 'Structure model' '_pdbx_struct_conn_angle.ptnr1_label_atom_id' 
9  6 'Structure model' '_pdbx_struct_conn_angle.ptnr1_label_comp_id' 
10 6 'Structure model' '_pdbx_struct_conn_angle.ptnr1_label_seq_id'  
11 6 'Structure model' '_pdbx_struct_conn_angle.ptnr3_auth_comp_id'  
12 6 'Structure model' '_pdbx_struct_conn_angle.ptnr3_auth_seq_id'   
13 6 'Structure model' '_pdbx_struct_conn_angle.ptnr3_label_atom_id' 
14 6 'Structure model' '_pdbx_struct_conn_angle.ptnr3_label_comp_id' 
15 6 'Structure model' '_pdbx_struct_conn_angle.ptnr3_label_seq_id'  
16 6 'Structure model' '_pdbx_struct_conn_angle.value'               
17 6 'Structure model' '_struct_conn.pdbx_dist_value'                
18 6 'Structure model' '_struct_conn.ptnr1_auth_comp_id'             
19 6 'Structure model' '_struct_conn.ptnr1_auth_seq_id'              
20 6 'Structure model' '_struct_conn.ptnr1_label_asym_id'            
21 6 'Structure model' '_struct_conn.ptnr1_label_atom_id'            
22 6 'Structure model' '_struct_conn.ptnr1_label_comp_id'            
23 6 'Structure model' '_struct_conn.ptnr1_label_seq_id'             
24 6 'Structure model' '_struct_conn.ptnr2_auth_comp_id'             
25 6 'Structure model' '_struct_conn.ptnr2_auth_seq_id'              
26 6 'Structure model' '_struct_conn.ptnr2_label_asym_id'            
27 6 'Structure model' '_struct_conn.ptnr2_label_atom_id'            
28 6 'Structure model' '_struct_conn.ptnr2_label_comp_id'            
29 6 'Structure model' '_struct_conn.ptnr2_label_seq_id'             
30 6 'Structure model' '_struct_site.pdbx_auth_asym_id'              
31 6 'Structure model' '_struct_site.pdbx_auth_comp_id'              
32 6 'Structure model' '_struct_site.pdbx_auth_seq_id'               
# 
_pdbx_database_status.status_code                     REL 
_pdbx_database_status.entry_id                        1POC 
_pdbx_database_status.recvd_initial_deposition_date   1992-09-07 
_pdbx_database_status.deposit_site                    ? 
_pdbx_database_status.process_site                    BNL 
_pdbx_database_status.SG_entry                        . 
_pdbx_database_status.pdb_format_compatible           Y 
_pdbx_database_status.status_code_mr                  ? 
_pdbx_database_status.status_code_sf                  ? 
_pdbx_database_status.status_code_cs                  ? 
_pdbx_database_status.methods_development_category    ? 
_pdbx_database_status.status_code_nmr_data            ? 
# 
loop_
_audit_author.name 
_audit_author.pdbx_ordinal 
'Scott, D.L.'    1 
'Otwinowski, Z.' 2 
'Sigler, P.B.'   3 
# 
loop_
_citation.id 
_citation.title 
_citation.journal_abbrev 
_citation.journal_volume 
_citation.page_first 
_citation.page_last 
_citation.year 
_citation.journal_id_ASTM 
_citation.country 
_citation.journal_id_ISSN 
_citation.journal_id_CSD 
_citation.book_publisher 
_citation.pdbx_database_id_PubMed 
_citation.pdbx_database_id_DOI 
primary 'Crystal structure of bee-venom phospholipase A2 in a complex with a transition-state analogue.' Science 250 1563 1566 
1990 SCIEAS US 0036-8075 0038 ? 2274788 ? 
1       'Interfacial Catalysis: The Mechanism of Phospholipase A2'                                       Science 250 1541 ?    
1990 SCIEAS US 0036-8075 0038 ? ?       ? 
# 
loop_
_citation_author.citation_id 
_citation_author.name 
_citation_author.ordinal 
_citation_author.identifier_ORCID 
primary 'Scott, D.L.'    1  ? 
primary 'Otwinowski, Z.' 2  ? 
primary 'Gelb, M.H.'     3  ? 
primary 'Sigler, P.B.'   4  ? 
1       'Scott, D.L.'    5  ? 
1       'White, S.P.'    6  ? 
1       'Otwinowski, Z.' 7  ? 
1       'Yuan, W.'       8  ? 
1       'Gelb, M.H.'     9  ? 
1       'Sigler, P.B.'   10 ? 
# 
loop_
_entity.id 
_entity.type 
_entity.src_method 
_entity.pdbx_description 
_entity.formula_weight 
_entity.pdbx_number_of_molecules 
_entity.pdbx_ec 
_entity.pdbx_mutation 
_entity.pdbx_fragment 
_entity.details 
1 polymer     man 'PHOSPHOLIPASE A2'                                            15274.324 1  3.1.1.4 ? ? ? 
2 non-polymer syn 'CALCIUM ION'                                                 40.078    1  ?       ? ? ? 
3 non-polymer syn 1-O-OCTYL-2-HEPTYLPHOSPHONYL-SN-GLYCERO-3-PHOSPHOETHANOLAMINE 489.521   1  ?       ? ? ? 
4 water       nat water                                                         18.015    80 ?       ? ? ? 
# 
_entity_poly.entity_id                      1 
_entity_poly.type                           'polypeptide(L)' 
_entity_poly.nstd_linkage                   no 
_entity_poly.nstd_monomer                   no 
_entity_poly.pdbx_seq_one_letter_code       
;IIYPGTLWCGHGNKSSGPNELGRFKHTDACCRTHDMCPDVMSAGESKHGLTNTASHTRLSCDCDDKFYDCLKNSADTISS
YFVGKMYFNLIDTKCYKLEHPVTGCGERTEGRCLHYTVDKSKPKVYQWFDLRKY
;
_entity_poly.pdbx_seq_one_letter_code_can   
;IIYPGTLWCGHGNKSSGPNELGRFKHTDACCRTHDMCPDVMSAGESKHGLTNTASHTRLSCDCDDKFYDCLKNSADTISS
YFVGKMYFNLIDTKCYKLEHPVTGCGERTEGRCLHYTVDKSKPKVYQWFDLRKY
;
_entity_poly.pdbx_strand_id                 A 
_entity_poly.pdbx_target_identifier         ? 
# 
loop_
_pdbx_entity_nonpoly.entity_id 
_pdbx_entity_nonpoly.name 
_pdbx_entity_nonpoly.comp_id 
2 'CALCIUM ION'                                                 CA  
3 1-O-OCTYL-2-HEPTYLPHOSPHONYL-SN-GLYCERO-3-PHOSPHOETHANOLAMINE GEL 
4 water                                                         HOH 
# 
loop_
_entity_poly_seq.entity_id 
_entity_poly_seq.num 
_entity_poly_seq.mon_id 
_entity_poly_seq.hetero 
1 1   ILE n 
1 2   ILE n 
1 3   TYR n 
1 4   PRO n 
1 5   GLY n 
1 6   THR n 
1 7   LEU n 
1 8   TRP n 
1 9   CYS n 
1 10  GLY n 
1 11  HIS n 
1 12  GLY n 
1 13  ASN n 
1 14  LYS n 
1 15  SER n 
1 16  SER n 
1 17  GLY n 
1 18  PRO n 
1 19  ASN n 
1 20  GLU n 
1 21  LEU n 
1 22  GLY n 
1 23  ARG n 
1 24  PHE n 
1 25  LYS n 
1 26  HIS n 
1 27  THR n 
1 28  ASP n 
1 29  ALA n 
1 30  CYS n 
1 31  CYS n 
1 32  ARG n 
1 33  THR n 
1 34  HIS n 
1 35  ASP n 
1 36  MET n 
1 37  CYS n 
1 38  PRO n 
1 39  ASP n 
1 40  VAL n 
1 41  MET n 
1 42  SER n 
1 43  ALA n 
1 44  GLY n 
1 45  GLU n 
1 46  SER n 
1 47  LYS n 
1 48  HIS n 
1 49  GLY n 
1 50  LEU n 
1 51  THR n 
1 52  ASN n 
1 53  THR n 
1 54  ALA n 
1 55  SER n 
1 56  HIS n 
1 57  THR n 
1 58  ARG n 
1 59  LEU n 
1 60  SER n 
1 61  CYS n 
1 62  ASP n 
1 63  CYS n 
1 64  ASP n 
1 65  ASP n 
1 66  LYS n 
1 67  PHE n 
1 68  TYR n 
1 69  ASP n 
1 70  CYS n 
1 71  LEU n 
1 72  LYS n 
1 73  ASN n 
1 74  SER n 
1 75  ALA n 
1 76  ASP n 
1 77  THR n 
1 78  ILE n 
1 79  SER n 
1 80  SER n 
1 81  TYR n 
1 82  PHE n 
1 83  VAL n 
1 84  GLY n 
1 85  LYS n 
1 86  MET n 
1 87  TYR n 
1 88  PHE n 
1 89  ASN n 
1 90  LEU n 
1 91  ILE n 
1 92  ASP n 
1 93  THR n 
1 94  LYS n 
1 95  CYS n 
1 96  TYR n 
1 97  LYS n 
1 98  LEU n 
1 99  GLU n 
1 100 HIS n 
1 101 PRO n 
1 102 VAL n 
1 103 THR n 
1 104 GLY n 
1 105 CYS n 
1 106 GLY n 
1 107 GLU n 
1 108 ARG n 
1 109 THR n 
1 110 GLU n 
1 111 GLY n 
1 112 ARG n 
1 113 CYS n 
1 114 LEU n 
1 115 HIS n 
1 116 TYR n 
1 117 THR n 
1 118 VAL n 
1 119 ASP n 
1 120 LYS n 
1 121 SER n 
1 122 LYS n 
1 123 PRO n 
1 124 LYS n 
1 125 VAL n 
1 126 TYR n 
1 127 GLN n 
1 128 TRP n 
1 129 PHE n 
1 130 ASP n 
1 131 LEU n 
1 132 ARG n 
1 133 LYS n 
1 134 TYR n 
# 
_entity_src_gen.entity_id                          1 
_entity_src_gen.pdbx_src_id                        1 
_entity_src_gen.pdbx_alt_source_flag               sample 
_entity_src_gen.pdbx_seq_type                      ? 
_entity_src_gen.pdbx_beg_seq_num                   ? 
_entity_src_gen.pdbx_end_seq_num                   ? 
_entity_src_gen.gene_src_common_name               'honey bee' 
_entity_src_gen.gene_src_genus                     Apis 
_entity_src_gen.pdbx_gene_src_gene                 ? 
_entity_src_gen.gene_src_species                   ? 
_entity_src_gen.gene_src_strain                    ? 
_entity_src_gen.gene_src_tissue                    ? 
_entity_src_gen.gene_src_tissue_fraction           ? 
_entity_src_gen.gene_src_details                   ? 
_entity_src_gen.pdbx_gene_src_fragment             ? 
_entity_src_gen.pdbx_gene_src_scientific_name      'Apis mellifera' 
_entity_src_gen.pdbx_gene_src_ncbi_taxonomy_id     7460 
_entity_src_gen.pdbx_gene_src_variant              ? 
_entity_src_gen.pdbx_gene_src_cell_line            ? 
_entity_src_gen.pdbx_gene_src_atcc                 ? 
_entity_src_gen.pdbx_gene_src_organ                ? 
_entity_src_gen.pdbx_gene_src_organelle            ? 
_entity_src_gen.pdbx_gene_src_cell                 ? 
_entity_src_gen.pdbx_gene_src_cellular_location    ? 
_entity_src_gen.host_org_common_name               ? 
_entity_src_gen.pdbx_host_org_scientific_name      ? 
_entity_src_gen.pdbx_host_org_ncbi_taxonomy_id     ? 
_entity_src_gen.host_org_genus                     ? 
_entity_src_gen.pdbx_host_org_gene                 ? 
_entity_src_gen.pdbx_host_org_organ                ? 
_entity_src_gen.host_org_species                   ? 
_entity_src_gen.pdbx_host_org_tissue               ? 
_entity_src_gen.pdbx_host_org_tissue_fraction      ? 
_entity_src_gen.pdbx_host_org_strain               ? 
_entity_src_gen.pdbx_host_org_variant              ? 
_entity_src_gen.pdbx_host_org_cell_line            ? 
_entity_src_gen.pdbx_host_org_atcc                 ? 
_entity_src_gen.pdbx_host_org_culture_collection   ? 
_entity_src_gen.pdbx_host_org_cell                 ? 
_entity_src_gen.pdbx_host_org_organelle            ? 
_entity_src_gen.pdbx_host_org_cellular_location    ? 
_entity_src_gen.pdbx_host_org_vector_type          ? 
_entity_src_gen.pdbx_host_org_vector               ? 
_entity_src_gen.host_org_details                   ? 
_entity_src_gen.expression_system_id               ? 
_entity_src_gen.plasmid_name                       ? 
_entity_src_gen.plasmid_details                    ? 
_entity_src_gen.pdbx_description                   ? 
# 
loop_
_chem_comp.id 
_chem_comp.type 
_chem_comp.mon_nstd_flag 
_chem_comp.name 
_chem_comp.pdbx_synonyms 
_chem_comp.formula 
_chem_comp.formula_weight 
ALA 'L-peptide linking' y ALANINE                                                       ? 'C3 H7 N O2'      89.093  
ARG 'L-peptide linking' y ARGININE                                                      ? 'C6 H15 N4 O2 1'  175.209 
ASN 'L-peptide linking' y ASPARAGINE                                                    ? 'C4 H8 N2 O3'     132.118 
ASP 'L-peptide linking' y 'ASPARTIC ACID'                                               ? 'C4 H7 N O4'      133.103 
CA  non-polymer         . 'CALCIUM ION'                                                 ? 'Ca 2'            40.078  
CYS 'L-peptide linking' y CYSTEINE                                                      ? 'C3 H7 N O2 S'    121.158 
GEL non-polymer         . 1-O-OCTYL-2-HEPTYLPHOSPHONYL-SN-GLYCERO-3-PHOSPHOETHANOLAMINE ? 'C20 H45 N O8 P2' 489.521 
GLN 'L-peptide linking' y GLUTAMINE                                                     ? 'C5 H10 N2 O3'    146.144 
GLU 'L-peptide linking' y 'GLUTAMIC ACID'                                               ? 'C5 H9 N O4'      147.129 
GLY 'peptide linking'   y GLYCINE                                                       ? 'C2 H5 N O2'      75.067  
HIS 'L-peptide linking' y HISTIDINE                                                     ? 'C6 H10 N3 O2 1'  156.162 
HOH non-polymer         . WATER                                                         ? 'H2 O'            18.015  
ILE 'L-peptide linking' y ISOLEUCINE                                                    ? 'C6 H13 N O2'     131.173 
LEU 'L-peptide linking' y LEUCINE                                                       ? 'C6 H13 N O2'     131.173 
LYS 'L-peptide linking' y LYSINE                                                        ? 'C6 H15 N2 O2 1'  147.195 
MET 'L-peptide linking' y METHIONINE                                                    ? 'C5 H11 N O2 S'   149.211 
PHE 'L-peptide linking' y PHENYLALANINE                                                 ? 'C9 H11 N O2'     165.189 
PRO 'L-peptide linking' y PROLINE                                                       ? 'C5 H9 N O2'      115.130 
SER 'L-peptide linking' y SERINE                                                        ? 'C3 H7 N O3'      105.093 
THR 'L-peptide linking' y THREONINE                                                     ? 'C4 H9 N O3'      119.119 
TRP 'L-peptide linking' y TRYPTOPHAN                                                    ? 'C11 H12 N2 O2'   204.225 
TYR 'L-peptide linking' y TYROSINE                                                      ? 'C9 H11 N O3'     181.189 
VAL 'L-peptide linking' y VALINE                                                        ? 'C5 H11 N O2'     117.146 
# 
loop_
_pdbx_poly_seq_scheme.asym_id 
_pdbx_poly_seq_scheme.entity_id 
_pdbx_poly_seq_scheme.seq_id 
_pdbx_poly_seq_scheme.mon_id 
_pdbx_poly_seq_scheme.ndb_seq_num 
_pdbx_poly_seq_scheme.pdb_seq_num 
_pdbx_poly_seq_scheme.auth_seq_num 
_pdbx_poly_seq_scheme.pdb_mon_id 
_pdbx_poly_seq_scheme.auth_mon_id 
_pdbx_poly_seq_scheme.pdb_strand_id 
_pdbx_poly_seq_scheme.pdb_ins_code 
_pdbx_poly_seq_scheme.hetero 
A 1 1   ILE 1   1   1   ILE ILE A . n 
A 1 2   ILE 2   2   2   ILE ILE A . n 
A 1 3   TYR 3   3   3   TYR TYR A . n 
A 1 4   PRO 4   4   4   PRO PRO A . n 
A 1 5   GLY 5   5   5   GLY GLY A . n 
A 1 6   THR 6   6   6   THR THR A . n 
A 1 7   LEU 7   7   7   LEU LEU A . n 
A 1 8   TRP 8   8   8   TRP TRP A . n 
A 1 9   CYS 9   9   9   CYS CYS A . n 
A 1 10  GLY 10  10  10  GLY GLY A . n 
A 1 11  HIS 11  11  11  HIS HIS A . n 
A 1 12  GLY 12  12  12  GLY GLY A . n 
A 1 13  ASN 13  13  13  ASN ASN A . n 
A 1 14  LYS 14  14  14  LYS LYS A . n 
A 1 15  SER 15  15  15  SER SER A . n 
A 1 16  SER 16  16  16  SER SER A . n 
A 1 17  GLY 17  17  17  GLY GLY A . n 
A 1 18  PRO 18  18  18  PRO PRO A . n 
A 1 19  ASN 19  19  19  ASN ASN A . n 
A 1 20  GLU 20  20  20  GLU GLU A . n 
A 1 21  LEU 21  21  21  LEU LEU A . n 
A 1 22  GLY 22  22  22  GLY GLY A . n 
A 1 23  ARG 23  23  23  ARG ARG A . n 
A 1 24  PHE 24  24  24  PHE PHE A . n 
A 1 25  LYS 25  25  25  LYS LYS A . n 
A 1 26  HIS 26  26  26  HIS HIS A . n 
A 1 27  THR 27  27  27  THR THR A . n 
A 1 28  ASP 28  28  28  ASP ASP A . n 
A 1 29  ALA 29  29  29  ALA ALA A . n 
A 1 30  CYS 30  30  30  CYS CYS A . n 
A 1 31  CYS 31  31  31  CYS CYS A . n 
A 1 32  ARG 32  32  32  ARG ARG A . n 
A 1 33  THR 33  33  33  THR THR A . n 
A 1 34  HIS 34  34  34  HIS HIS A . n 
A 1 35  ASP 35  35  35  ASP ASP A . n 
A 1 36  MET 36  36  36  MET MET A . n 
A 1 37  CYS 37  37  37  CYS CYS A . n 
A 1 38  PRO 38  38  38  PRO PRO A . n 
A 1 39  ASP 39  39  39  ASP ASP A . n 
A 1 40  VAL 40  40  40  VAL VAL A . n 
A 1 41  MET 41  41  41  MET MET A . n 
A 1 42  SER 42  42  42  SER SER A . n 
A 1 43  ALA 43  43  43  ALA ALA A . n 
A 1 44  GLY 44  44  44  GLY GLY A . n 
A 1 45  GLU 45  45  45  GLU GLU A . n 
A 1 46  SER 46  46  46  SER SER A . n 
A 1 47  LYS 47  47  47  LYS LYS A . n 
A 1 48  HIS 48  48  48  HIS HIS A . n 
A 1 49  GLY 49  49  49  GLY GLY A . n 
A 1 50  LEU 50  50  50  LEU LEU A . n 
A 1 51  THR 51  51  51  THR THR A . n 
A 1 52  ASN 52  52  52  ASN ASN A . n 
A 1 53  THR 53  53  53  THR THR A . n 
A 1 54  ALA 54  54  54  ALA ALA A . n 
A 1 55  SER 55  55  55  SER SER A . n 
A 1 56  HIS 56  56  56  HIS HIS A . n 
A 1 57  THR 57  57  57  THR THR A . n 
A 1 58  ARG 58  58  58  ARG ARG A . n 
A 1 59  LEU 59  59  59  LEU LEU A . n 
A 1 60  SER 60  60  60  SER SER A . n 
A 1 61  CYS 61  61  61  CYS CYS A . n 
A 1 62  ASP 62  62  62  ASP ASP A . n 
A 1 63  CYS 63  63  63  CYS CYS A . n 
A 1 64  ASP 64  64  64  ASP ASP A . n 
A 1 65  ASP 65  65  65  ASP ASP A . n 
A 1 66  LYS 66  66  66  LYS LYS A . n 
A 1 67  PHE 67  67  67  PHE PHE A . n 
A 1 68  TYR 68  68  68  TYR TYR A . n 
A 1 69  ASP 69  69  69  ASP ASP A . n 
A 1 70  CYS 70  70  70  CYS CYS A . n 
A 1 71  LEU 71  71  71  LEU LEU A . n 
A 1 72  LYS 72  72  72  LYS LYS A . n 
A 1 73  ASN 73  73  73  ASN ASN A . n 
A 1 74  SER 74  74  74  SER SER A . n 
A 1 75  ALA 75  75  75  ALA ALA A . n 
A 1 76  ASP 76  76  76  ASP ASP A . n 
A 1 77  THR 77  77  77  THR THR A . n 
A 1 78  ILE 78  78  78  ILE ILE A . n 
A 1 79  SER 79  79  79  SER SER A . n 
A 1 80  SER 80  80  80  SER SER A . n 
A 1 81  TYR 81  81  81  TYR TYR A . n 
A 1 82  PHE 82  82  82  PHE PHE A . n 
A 1 83  VAL 83  83  83  VAL VAL A . n 
A 1 84  GLY 84  84  84  GLY GLY A . n 
A 1 85  LYS 85  85  85  LYS LYS A . n 
A 1 86  MET 86  86  86  MET MET A . n 
A 1 87  TYR 87  87  87  TYR TYR A . n 
A 1 88  PHE 88  88  88  PHE PHE A . n 
A 1 89  ASN 89  89  89  ASN ASN A . n 
A 1 90  LEU 90  90  90  LEU LEU A . n 
A 1 91  ILE 91  91  91  ILE ILE A . n 
A 1 92  ASP 92  92  92  ASP ASP A . n 
A 1 93  THR 93  93  93  THR THR A . n 
A 1 94  LYS 94  94  94  LYS LYS A . n 
A 1 95  CYS 95  95  95  CYS CYS A . n 
A 1 96  TYR 96  96  96  TYR TYR A . n 
A 1 97  LYS 97  97  97  LYS LYS A . n 
A 1 98  LEU 98  98  98  LEU LEU A . n 
A 1 99  GLU 99  99  99  GLU GLU A . n 
A 1 100 HIS 100 100 100 HIS HIS A . n 
A 1 101 PRO 101 101 101 PRO PRO A . n 
A 1 102 VAL 102 102 102 VAL VAL A . n 
A 1 103 THR 103 103 103 THR THR A . n 
A 1 104 GLY 104 104 104 GLY GLY A . n 
A 1 105 CYS 105 105 105 CYS CYS A . n 
A 1 106 GLY 106 106 106 GLY GLY A . n 
A 1 107 GLU 107 107 107 GLU GLU A . n 
A 1 108 ARG 108 108 108 ARG ARG A . n 
A 1 109 THR 109 109 109 THR THR A . n 
A 1 110 GLU 110 110 110 GLU GLU A . n 
A 1 111 GLY 111 111 111 GLY GLY A . n 
A 1 112 ARG 112 112 112 ARG ARG A . n 
A 1 113 CYS 113 113 113 CYS CYS A . n 
A 1 114 LEU 114 114 114 LEU LEU A . n 
A 1 115 HIS 115 115 115 HIS HIS A . n 
A 1 116 TYR 116 116 116 TYR TYR A . n 
A 1 117 THR 117 117 117 THR THR A . n 
A 1 118 VAL 118 118 118 VAL VAL A . n 
A 1 119 ASP 119 119 119 ASP ASP A . n 
A 1 120 LYS 120 120 120 LYS LYS A . n 
A 1 121 SER 121 121 121 SER SER A . n 
A 1 122 LYS 122 122 122 LYS LYS A . n 
A 1 123 PRO 123 123 123 PRO PRO A . n 
A 1 124 LYS 124 124 124 LYS LYS A . n 
A 1 125 VAL 125 125 125 VAL VAL A . n 
A 1 126 TYR 126 126 126 TYR TYR A . n 
A 1 127 GLN 127 127 127 GLN GLN A . n 
A 1 128 TRP 128 128 128 TRP TRP A . n 
A 1 129 PHE 129 129 129 PHE PHE A . n 
A 1 130 ASP 130 130 130 ASP ASP A . n 
A 1 131 LEU 131 131 131 LEU LEU A . n 
A 1 132 ARG 132 132 132 ARG ARG A . n 
A 1 133 LYS 133 133 133 LYS LYS A . n 
A 1 134 TYR 134 134 134 TYR TYR A . n 
# 
loop_
_pdbx_nonpoly_scheme.asym_id 
_pdbx_nonpoly_scheme.entity_id 
_pdbx_nonpoly_scheme.mon_id 
_pdbx_nonpoly_scheme.ndb_seq_num 
_pdbx_nonpoly_scheme.pdb_seq_num 
_pdbx_nonpoly_scheme.auth_seq_num 
_pdbx_nonpoly_scheme.pdb_mon_id 
_pdbx_nonpoly_scheme.auth_mon_id 
_pdbx_nonpoly_scheme.pdb_strand_id 
_pdbx_nonpoly_scheme.pdb_ins_code 
B 2 CA  1  501 501 CA  CA  A . 
C 3 GEL 1  420 420 GEL GEL A . 
D 4 HOH 1  201 201 HOH HOH A . 
D 4 HOH 2  202 202 HOH HOH A . 
D 4 HOH 3  203 203 HOH HOH A . 
D 4 HOH 4  204 204 HOH HOH A . 
D 4 HOH 5  205 205 HOH HOH A . 
D 4 HOH 6  206 206 HOH HOH A . 
D 4 HOH 7  207 207 HOH HOH A . 
D 4 HOH 8  208 208 HOH HOH A . 
D 4 HOH 9  209 209 HOH HOH A . 
D 4 HOH 10 210 210 HOH HOH A . 
D 4 HOH 11 211 211 HOH HOH A . 
D 4 HOH 12 212 212 HOH HOH A . 
D 4 HOH 13 213 213 HOH HOH A . 
D 4 HOH 14 214 214 HOH HOH A . 
D 4 HOH 15 215 215 HOH HOH A . 
D 4 HOH 16 216 216 HOH HOH A . 
D 4 HOH 17 217 217 HOH HOH A . 
D 4 HOH 18 218 218 HOH HOH A . 
D 4 HOH 19 219 219 HOH HOH A . 
D 4 HOH 20 220 220 HOH HOH A . 
D 4 HOH 21 221 221 HOH HOH A . 
D 4 HOH 22 222 222 HOH HOH A . 
D 4 HOH 23 223 223 HOH HOH A . 
D 4 HOH 24 224 224 HOH HOH A . 
D 4 HOH 25 225 225 HOH HOH A . 
D 4 HOH 26 226 226 HOH HOH A . 
D 4 HOH 27 227 227 HOH HOH A . 
D 4 HOH 28 228 228 HOH HOH A . 
D 4 HOH 29 229 229 HOH HOH A . 
D 4 HOH 30 230 230 HOH HOH A . 
D 4 HOH 31 231 231 HOH HOH A . 
D 4 HOH 32 232 232 HOH HOH A . 
D 4 HOH 33 233 233 HOH HOH A . 
D 4 HOH 34 234 234 HOH HOH A . 
D 4 HOH 35 235 235 HOH HOH A . 
D 4 HOH 36 236 236 HOH HOH A . 
D 4 HOH 37 237 237 HOH HOH A . 
D 4 HOH 38 238 238 HOH HOH A . 
D 4 HOH 39 239 239 HOH HOH A . 
D 4 HOH 40 240 240 HOH HOH A . 
D 4 HOH 41 241 241 HOH HOH A . 
D 4 HOH 42 242 242 HOH HOH A . 
D 4 HOH 43 243 243 HOH HOH A . 
D 4 HOH 44 244 244 HOH HOH A . 
D 4 HOH 45 245 245 HOH HOH A . 
D 4 HOH 46 246 246 HOH HOH A . 
D 4 HOH 47 247 247 HOH HOH A . 
D 4 HOH 48 248 248 HOH HOH A . 
D 4 HOH 49 249 249 HOH HOH A . 
D 4 HOH 50 250 250 HOH HOH A . 
D 4 HOH 51 251 251 HOH HOH A . 
D 4 HOH 52 252 252 HOH HOH A . 
D 4 HOH 53 253 253 HOH HOH A . 
D 4 HOH 54 254 254 HOH HOH A . 
D 4 HOH 55 255 255 HOH HOH A . 
D 4 HOH 56 256 256 HOH HOH A . 
D 4 HOH 57 257 257 HOH HOH A . 
D 4 HOH 58 258 258 HOH HOH A . 
D 4 HOH 59 259 259 HOH HOH A . 
D 4 HOH 60 260 260 HOH HOH A . 
D 4 HOH 61 261 261 HOH HOH A . 
D 4 HOH 62 262 262 HOH HOH A . 
D 4 HOH 63 263 263 HOH HOH A . 
D 4 HOH 64 264 264 HOH HOH A . 
D 4 HOH 65 265 265 HOH HOH A . 
D 4 HOH 66 266 266 HOH HOH A . 
D 4 HOH 67 267 267 HOH HOH A . 
D 4 HOH 68 268 268 HOH HOH A . 
D 4 HOH 69 269 269 HOH HOH A . 
D 4 HOH 70 270 270 HOH HOH A . 
D 4 HOH 71 271 271 HOH HOH A . 
D 4 HOH 72 272 272 HOH HOH A . 
D 4 HOH 73 273 273 HOH HOH A . 
D 4 HOH 74 274 274 HOH HOH A . 
D 4 HOH 75 275 275 HOH HOH A . 
D 4 HOH 76 276 276 HOH HOH A . 
D 4 HOH 77 277 277 HOH HOH A . 
D 4 HOH 78 278 278 HOH HOH A . 
D 4 HOH 79 279 279 HOH HOH A . 
D 4 HOH 80 280 280 HOH HOH A . 
# 
loop_
_software.name 
_software.classification 
_software.version 
_software.citation_id 
_software.pdbx_ordinal 
X-PLOR 'model building' . ? 1 
PROFFT refinement       . ? 2 
X-PLOR refinement       . ? 3 
X-PLOR phasing          . ? 4 
# 
_cell.entry_id           1POC 
_cell.length_a           89.500 
_cell.length_b           89.500 
_cell.length_c           132.500 
_cell.angle_alpha        90.00 
_cell.angle_beta         90.00 
_cell.angle_gamma        90.00 
_cell.Z_PDB              16 
_cell.pdbx_unique_axis   ? 
# 
_symmetry.entry_id                         1POC 
_symmetry.space_group_name_H-M             'I 41 2 2' 
_symmetry.pdbx_full_space_group_name_H-M   ? 
_symmetry.cell_setting                     ? 
_symmetry.Int_Tables_number                98 
# 
_exptl.entry_id          1POC 
_exptl.method            'X-RAY DIFFRACTION' 
_exptl.crystals_number   ? 
# 
_exptl_crystal.id                    1 
_exptl_crystal.density_meas          ? 
_exptl_crystal.density_Matthews      4.34 
_exptl_crystal.density_percent_sol   71.67 
_exptl_crystal.description           ? 
# 
_diffrn.id                     1 
_diffrn.ambient_temp           ? 
_diffrn.ambient_temp_details   ? 
_diffrn.crystal_id             1 
# 
_diffrn_radiation.diffrn_id                        1 
_diffrn_radiation.wavelength_id                    1 
_diffrn_radiation.pdbx_monochromatic_or_laue_m_l   ? 
_diffrn_radiation.monochromator                    ? 
_diffrn_radiation.pdbx_diffrn_protocol             ? 
_diffrn_radiation.pdbx_scattering_type             x-ray 
# 
_diffrn_radiation_wavelength.id           1 
_diffrn_radiation_wavelength.wavelength   . 
_diffrn_radiation_wavelength.wt           1.0 
# 
_refine.entry_id                                 1POC 
_refine.ls_number_reflns_obs                     ? 
_refine.ls_number_reflns_all                     ? 
_refine.pdbx_ls_sigma_I                          ? 
_refine.pdbx_ls_sigma_F                          ? 
_refine.pdbx_data_cutoff_high_absF               ? 
_refine.pdbx_data_cutoff_low_absF                ? 
_refine.pdbx_data_cutoff_high_rms_absF           ? 
_refine.ls_d_res_low                             ? 
_refine.ls_d_res_high                            2.0 
_refine.ls_percent_reflns_obs                    ? 
_refine.ls_R_factor_obs                          0.192 
_refine.ls_R_factor_all                          ? 
_refine.ls_R_factor_R_work                       0.192 
_refine.ls_R_factor_R_free                       ? 
_refine.ls_R_factor_R_free_error                 ? 
_refine.ls_R_factor_R_free_error_details         ? 
_refine.ls_percent_reflns_R_free                 ? 
_refine.ls_number_reflns_R_free                  ? 
_refine.ls_number_parameters                     ? 
_refine.ls_number_restraints                     ? 
_refine.occupancy_min                            ? 
_refine.occupancy_max                            ? 
_refine.B_iso_mean                               ? 
_refine.aniso_B[1][1]                            ? 
_refine.aniso_B[2][2]                            ? 
_refine.aniso_B[3][3]                            ? 
_refine.aniso_B[1][2]                            ? 
_refine.aniso_B[1][3]                            ? 
_refine.aniso_B[2][3]                            ? 
_refine.solvent_model_details                    ? 
_refine.solvent_model_param_ksol                 ? 
_refine.solvent_model_param_bsol                 ? 
_refine.pdbx_ls_cross_valid_method               ? 
_refine.details                                  ? 
_refine.pdbx_starting_model                      ? 
_refine.pdbx_method_to_determine_struct          ? 
_refine.pdbx_isotropic_thermal_model             ? 
_refine.pdbx_stereochemistry_target_values       ? 
_refine.pdbx_stereochem_target_val_spec_case     ? 
_refine.pdbx_R_Free_selection_details            ? 
_refine.pdbx_overall_ESU_R                       ? 
_refine.pdbx_overall_ESU_R_Free                  ? 
_refine.overall_SU_ML                            ? 
_refine.overall_SU_B                             ? 
_refine.pdbx_refine_id                           'X-RAY DIFFRACTION' 
_refine.pdbx_diffrn_id                           1 
_refine.pdbx_TLS_residual_ADP_flag               ? 
_refine.correlation_coeff_Fo_to_Fc               ? 
_refine.correlation_coeff_Fo_to_Fc_free          ? 
_refine.pdbx_solvent_vdw_probe_radii             ? 
_refine.pdbx_solvent_ion_probe_radii             ? 
_refine.pdbx_solvent_shrinkage_radii             ? 
_refine.pdbx_overall_phase_error                 ? 
_refine.overall_SU_R_Cruickshank_DPI             ? 
_refine.pdbx_overall_SU_R_free_Cruickshank_DPI   ? 
_refine.pdbx_overall_SU_R_Blow_DPI               ? 
_refine.pdbx_overall_SU_R_free_Blow_DPI          ? 
# 
_refine_hist.pdbx_refine_id                   'X-RAY DIFFRACTION' 
_refine_hist.cycle_id                         LAST 
_refine_hist.pdbx_number_atoms_protein        1065 
_refine_hist.pdbx_number_atoms_nucleic_acid   0 
_refine_hist.pdbx_number_atoms_ligand         32 
_refine_hist.number_atoms_solvent             80 
_refine_hist.number_atoms_total               1177 
_refine_hist.d_res_high                       2.0 
_refine_hist.d_res_low                        . 
# 
loop_
_refine_ls_restr.type 
_refine_ls_restr.dev_ideal 
_refine_ls_restr.dev_ideal_target 
_refine_ls_restr.weight 
_refine_ls_restr.number 
_refine_ls_restr.pdbx_refine_id 
_refine_ls_restr.pdbx_restraint_function 
x_bond_d                0.017 ? ? ? 'X-RAY DIFFRACTION' ? 
x_bond_d_na             ?     ? ? ? 'X-RAY DIFFRACTION' ? 
x_bond_d_prot           ?     ? ? ? 'X-RAY DIFFRACTION' ? 
x_angle_d               ?     ? ? ? 'X-RAY DIFFRACTION' ? 
x_angle_d_na            ?     ? ? ? 'X-RAY DIFFRACTION' ? 
x_angle_d_prot          ?     ? ? ? 'X-RAY DIFFRACTION' ? 
x_angle_deg             2.10  ? ? ? 'X-RAY DIFFRACTION' ? 
x_angle_deg_na          ?     ? ? ? 'X-RAY DIFFRACTION' ? 
x_angle_deg_prot        ?     ? ? ? 'X-RAY DIFFRACTION' ? 
x_dihedral_angle_d      ?     ? ? ? 'X-RAY DIFFRACTION' ? 
x_dihedral_angle_d_na   ?     ? ? ? 'X-RAY DIFFRACTION' ? 
x_dihedral_angle_d_prot ?     ? ? ? 'X-RAY DIFFRACTION' ? 
x_improper_angle_d      ?     ? ? ? 'X-RAY DIFFRACTION' ? 
x_improper_angle_d_na   ?     ? ? ? 'X-RAY DIFFRACTION' ? 
x_improper_angle_d_prot ?     ? ? ? 'X-RAY DIFFRACTION' ? 
x_mcbond_it             ?     ? ? ? 'X-RAY DIFFRACTION' ? 
x_mcangle_it            ?     ? ? ? 'X-RAY DIFFRACTION' ? 
x_scbond_it             ?     ? ? ? 'X-RAY DIFFRACTION' ? 
x_scangle_it            ?     ? ? ? 'X-RAY DIFFRACTION' ? 
# 
_struct.entry_id                  1POC 
_struct.title                     'CRYSTAL STRUCTURE OF BEE-VENOM PHOSPHOLIPASE A2 IN A COMPLEX WITH A TRANSITION-STATE ANALOGUE' 
_struct.pdbx_model_details        ? 
_struct.pdbx_CASP_flag            ? 
_struct.pdbx_model_type_details   ? 
# 
_struct_keywords.entry_id        1POC 
_struct_keywords.pdbx_keywords   HYDROLASE 
_struct_keywords.text            HYDROLASE 
# 
loop_
_struct_asym.id 
_struct_asym.pdbx_blank_PDB_chainid_flag 
_struct_asym.pdbx_modified 
_struct_asym.entity_id 
_struct_asym.details 
A N N 1 ? 
B N N 2 ? 
C N N 3 ? 
D N N 4 ? 
# 
_struct_ref.id                         1 
_struct_ref.db_name                    UNP 
_struct_ref.db_code                    PA2_APIME 
_struct_ref.entity_id                  1 
_struct_ref.pdbx_db_accession          P00630 
_struct_ref.pdbx_align_begin           1 
_struct_ref.pdbx_seq_one_letter_code   
;GSLFLLLLSTSHGWQIRDRIGDNELEERIIYPGTLWCGHGNKSSGPNELGRFKHTDACCRTHDMCPDVMSAGESKHGLTN
TASHTRLSCDCDDKFYDCLKNSADTISSYFVGKMYFNLIDTKCYKLEHPVTGCGERTEGRCLHYTVDKSKPKVYQWFDLR
KY
;
_struct_ref.pdbx_db_isoform            ? 
# 
_struct_ref_seq.align_id                      1 
_struct_ref_seq.ref_id                        1 
_struct_ref_seq.pdbx_PDB_id_code              1POC 
_struct_ref_seq.pdbx_strand_id                A 
_struct_ref_seq.seq_align_beg                 1 
_struct_ref_seq.pdbx_seq_align_beg_ins_code   ? 
_struct_ref_seq.seq_align_end                 134 
_struct_ref_seq.pdbx_seq_align_end_ins_code   ? 
_struct_ref_seq.pdbx_db_accession             P00630 
_struct_ref_seq.db_align_beg                  29 
_struct_ref_seq.pdbx_db_align_beg_ins_code    ? 
_struct_ref_seq.db_align_end                  162 
_struct_ref_seq.pdbx_db_align_end_ins_code    ? 
_struct_ref_seq.pdbx_auth_seq_align_beg       1 
_struct_ref_seq.pdbx_auth_seq_align_end       134 
# 
_pdbx_struct_assembly.id                   1 
_pdbx_struct_assembly.details              author_defined_assembly 
_pdbx_struct_assembly.method_details       ? 
_pdbx_struct_assembly.oligomeric_details   dimeric 
_pdbx_struct_assembly.oligomeric_count     2 
# 
_pdbx_struct_assembly_gen.assembly_id       1 
_pdbx_struct_assembly_gen.oper_expression   1,2 
_pdbx_struct_assembly_gen.asym_id_list      A,B,C,D 
# 
loop_
_pdbx_struct_oper_list.id 
_pdbx_struct_oper_list.type 
_pdbx_struct_oper_list.name 
_pdbx_struct_oper_list.symmetry_operation 
_pdbx_struct_oper_list.matrix[1][1] 
_pdbx_struct_oper_list.matrix[1][2] 
_pdbx_struct_oper_list.matrix[1][3] 
_pdbx_struct_oper_list.vector[1] 
_pdbx_struct_oper_list.matrix[2][1] 
_pdbx_struct_oper_list.matrix[2][2] 
_pdbx_struct_oper_list.matrix[2][3] 
_pdbx_struct_oper_list.vector[2] 
_pdbx_struct_oper_list.matrix[3][1] 
_pdbx_struct_oper_list.matrix[3][2] 
_pdbx_struct_oper_list.matrix[3][3] 
_pdbx_struct_oper_list.vector[3] 
1 'identity operation'         1_555  x,y,z       1.0000000000 0.0000000000 0.0000000000  0.0000000000  0.0000000000 1.0000000000  0.0000000000  0.0000000000  0.0000000000  0.0000000000  1.0000000000  0.0000000000  
2 'crystal symmetry operation' 10_665 -x+1,-y+1,z 0.5336014523 0.8387681654 -0.1083395344 -8.6463656351 0.8387681654 -0.5412549758 -0.0592538253 18.3839031562 -0.1083395344 -0.0592538253 -0.9923464765 19.9350480883 
# 
_struct_biol.id   1 
# 
loop_
_struct_conf.conf_type_id 
_struct_conf.id 
_struct_conf.pdbx_PDB_helix_id 
_struct_conf.beg_label_comp_id 
_struct_conf.beg_label_asym_id 
_struct_conf.beg_label_seq_id 
_struct_conf.pdbx_beg_PDB_ins_code 
_struct_conf.end_label_comp_id 
_struct_conf.end_label_asym_id 
_struct_conf.end_label_seq_id 
_struct_conf.pdbx_end_PDB_ins_code 
_struct_conf.beg_auth_comp_id 
_struct_conf.beg_auth_asym_id 
_struct_conf.beg_auth_seq_id 
_struct_conf.end_auth_comp_id 
_struct_conf.end_auth_asym_id 
_struct_conf.end_auth_seq_id 
_struct_conf.pdbx_PDB_helix_class 
_struct_conf.details 
_struct_conf.pdbx_PDB_helix_length 
HELX_P HELX_P1 H1 PHE A 24 ? CYS A 37 ? PHE A 24 CYS A 37 1 ? 14 
HELX_P HELX_P2 H2 CYS A 61 ? SER A 74 ? CYS A 61 SER A 74 1 ? 14 
HELX_P HELX_P3 H3 ASP A 76 ? ASN A 89 ? ASP A 76 ASN A 89 1 ? 14 
# 
_struct_conf_type.id          HELX_P 
_struct_conf_type.criteria    ? 
_struct_conf_type.reference   ? 
# 
loop_
_struct_conn.id 
_struct_conn.conn_type_id 
_struct_conn.pdbx_leaving_atom_flag 
_struct_conn.pdbx_PDB_id 
_struct_conn.ptnr1_label_asym_id 
_struct_conn.ptnr1_label_comp_id 
_struct_conn.ptnr1_label_seq_id 
_struct_conn.ptnr1_label_atom_id 
_struct_conn.pdbx_ptnr1_label_alt_id 
_struct_conn.pdbx_ptnr1_PDB_ins_code 
_struct_conn.pdbx_ptnr1_standard_comp_id 
_struct_conn.ptnr1_symmetry 
_struct_conn.ptnr2_label_asym_id 
_struct_conn.ptnr2_label_comp_id 
_struct_conn.ptnr2_label_seq_id 
_struct_conn.ptnr2_label_atom_id 
_struct_conn.pdbx_ptnr2_label_alt_id 
_struct_conn.pdbx_ptnr2_PDB_ins_code 
_struct_conn.ptnr1_auth_asym_id 
_struct_conn.ptnr1_auth_comp_id 
_struct_conn.ptnr1_auth_seq_id 
_struct_conn.ptnr2_auth_asym_id 
_struct_conn.ptnr2_auth_comp_id 
_struct_conn.ptnr2_auth_seq_id 
_struct_conn.ptnr2_symmetry 
_struct_conn.pdbx_ptnr3_label_atom_id 
_struct_conn.pdbx_ptnr3_label_seq_id 
_struct_conn.pdbx_ptnr3_label_comp_id 
_struct_conn.pdbx_ptnr3_label_asym_id 
_struct_conn.pdbx_ptnr3_label_alt_id 
_struct_conn.pdbx_ptnr3_PDB_ins_code 
_struct_conn.details 
_struct_conn.pdbx_dist_value 
_struct_conn.pdbx_value_order 
_struct_conn.pdbx_role 
disulf1 disulf ? ? A CYS 9   SG  ? ? ? 1_555 A CYS 31  SG ? ? A CYS 9   A CYS 31  1_555 ? ? ? ? ? ? ? 2.012 ? ? 
disulf2 disulf ? ? A CYS 30  SG  ? ? ? 1_555 A CYS 70  SG ? ? A CYS 30  A CYS 70  1_555 ? ? ? ? ? ? ? 1.767 ? ? 
disulf3 disulf ? ? A CYS 37  SG  ? ? ? 1_555 A CYS 63  SG ? ? A CYS 37  A CYS 63  1_555 ? ? ? ? ? ? ? 1.979 ? ? 
disulf4 disulf ? ? A CYS 61  SG  ? ? ? 1_555 A CYS 95  SG ? ? A CYS 61  A CYS 95  1_555 ? ? ? ? ? ? ? 2.034 ? ? 
disulf5 disulf ? ? A CYS 105 SG  ? ? ? 1_555 A CYS 113 SG ? ? A CYS 105 A CYS 113 1_555 ? ? ? ? ? ? ? 1.928 ? ? 
metalc1 metalc ? ? A TRP 8   O   ? ? ? 1_555 B CA  .   CA ? ? A TRP 8   A CA  501 1_555 ? ? ? ? ? ? ? 2.351 ? ? 
metalc2 metalc ? ? A GLY 10  O   ? ? ? 1_555 B CA  .   CA ? ? A GLY 10  A CA  501 1_555 ? ? ? ? ? ? ? 2.380 ? ? 
metalc3 metalc ? ? A GLY 12  O   ? ? ? 1_555 B CA  .   CA ? ? A GLY 12  A CA  501 1_555 ? ? ? ? ? ? ? 2.356 ? ? 
metalc4 metalc ? ? A ASP 35  OD2 ? ? ? 1_555 B CA  .   CA ? ? A ASP 35  A CA  501 1_555 ? ? ? ? ? ? ? 2.404 ? ? 
metalc5 metalc ? ? A ASP 35  OD1 ? ? ? 1_555 B CA  .   CA ? ? A ASP 35  A CA  501 1_555 ? ? ? ? ? ? ? 2.422 ? ? 
metalc6 metalc ? ? C GEL .   O4P ? ? ? 1_555 B CA  .   CA ? ? A GEL 420 A CA  501 1_555 ? ? ? ? ? ? ? 2.293 ? ? 
metalc7 metalc ? ? C GEL .   O2P ? ? ? 1_555 B CA  .   CA ? ? A GEL 420 A CA  501 1_555 ? ? ? ? ? ? ? 2.298 ? ? 
# 
loop_
_struct_conn_type.id 
_struct_conn_type.criteria 
_struct_conn_type.reference 
disulf ? ? 
metalc ? ? 
# 
loop_
_pdbx_struct_conn_angle.id 
_pdbx_struct_conn_angle.ptnr1_label_atom_id 
_pdbx_struct_conn_angle.ptnr1_label_alt_id 
_pdbx_struct_conn_angle.ptnr1_label_asym_id 
_pdbx_struct_conn_angle.ptnr1_label_comp_id 
_pdbx_struct_conn_angle.ptnr1_label_seq_id 
_pdbx_struct_conn_angle.ptnr1_auth_atom_id 
_pdbx_struct_conn_angle.ptnr1_auth_asym_id 
_pdbx_struct_conn_angle.ptnr1_auth_comp_id 
_pdbx_struct_conn_angle.ptnr1_auth_seq_id 
_pdbx_struct_conn_angle.ptnr1_PDB_ins_code 
_pdbx_struct_conn_angle.ptnr1_symmetry 
_pdbx_struct_conn_angle.ptnr2_label_atom_id 
_pdbx_struct_conn_angle.ptnr2_label_alt_id 
_pdbx_struct_conn_angle.ptnr2_label_asym_id 
_pdbx_struct_conn_angle.ptnr2_label_comp_id 
_pdbx_struct_conn_angle.ptnr2_label_seq_id 
_pdbx_struct_conn_angle.ptnr2_auth_atom_id 
_pdbx_struct_conn_angle.ptnr2_auth_asym_id 
_pdbx_struct_conn_angle.ptnr2_auth_comp_id 
_pdbx_struct_conn_angle.ptnr2_auth_seq_id 
_pdbx_struct_conn_angle.ptnr2_PDB_ins_code 
_pdbx_struct_conn_angle.ptnr2_symmetry 
_pdbx_struct_conn_angle.ptnr3_label_atom_id 
_pdbx_struct_conn_angle.ptnr3_label_alt_id 
_pdbx_struct_conn_angle.ptnr3_label_asym_id 
_pdbx_struct_conn_angle.ptnr3_label_comp_id 
_pdbx_struct_conn_angle.ptnr3_label_seq_id 
_pdbx_struct_conn_angle.ptnr3_auth_atom_id 
_pdbx_struct_conn_angle.ptnr3_auth_asym_id 
_pdbx_struct_conn_angle.ptnr3_auth_comp_id 
_pdbx_struct_conn_angle.ptnr3_auth_seq_id 
_pdbx_struct_conn_angle.ptnr3_PDB_ins_code 
_pdbx_struct_conn_angle.ptnr3_symmetry 
_pdbx_struct_conn_angle.value 
_pdbx_struct_conn_angle.value_esd 
1  O   ? A TRP 8  ? A TRP 8   ? 1_555 CA ? B CA . ? A CA 501 ? 1_555 O   ? A GLY 10 ? A GLY 10  ? 1_555 97.2  ? 
2  O   ? A TRP 8  ? A TRP 8   ? 1_555 CA ? B CA . ? A CA 501 ? 1_555 O   ? A GLY 12 ? A GLY 12  ? 1_555 88.5  ? 
3  O   ? A GLY 10 ? A GLY 10  ? 1_555 CA ? B CA . ? A CA 501 ? 1_555 O   ? A GLY 12 ? A GLY 12  ? 1_555 79.5  ? 
4  O   ? A TRP 8  ? A TRP 8   ? 1_555 CA ? B CA . ? A CA 501 ? 1_555 OD2 ? A ASP 35 ? A ASP 35  ? 1_555 94.8  ? 
5  O   ? A GLY 10 ? A GLY 10  ? 1_555 CA ? B CA . ? A CA 501 ? 1_555 OD2 ? A ASP 35 ? A ASP 35  ? 1_555 150.7 ? 
6  O   ? A GLY 12 ? A GLY 12  ? 1_555 CA ? B CA . ? A CA 501 ? 1_555 OD2 ? A ASP 35 ? A ASP 35  ? 1_555 74.1  ? 
7  O   ? A TRP 8  ? A TRP 8   ? 1_555 CA ? B CA . ? A CA 501 ? 1_555 OD1 ? A ASP 35 ? A ASP 35  ? 1_555 100.8 ? 
8  O   ? A GLY 10 ? A GLY 10  ? 1_555 CA ? B CA . ? A CA 501 ? 1_555 OD1 ? A ASP 35 ? A ASP 35  ? 1_555 146.4 ? 
9  O   ? A GLY 12 ? A GLY 12  ? 1_555 CA ? B CA . ? A CA 501 ? 1_555 OD1 ? A ASP 35 ? A ASP 35  ? 1_555 128.8 ? 
10 OD2 ? A ASP 35 ? A ASP 35  ? 1_555 CA ? B CA . ? A CA 501 ? 1_555 OD1 ? A ASP 35 ? A ASP 35  ? 1_555 55.1  ? 
11 O   ? A TRP 8  ? A TRP 8   ? 1_555 CA ? B CA . ? A CA 501 ? 1_555 O4P ? C GEL .  ? A GEL 420 ? 1_555 179.3 ? 
12 O   ? A GLY 10 ? A GLY 10  ? 1_555 CA ? B CA . ? A CA 501 ? 1_555 O4P ? C GEL .  ? A GEL 420 ? 1_555 82.3  ? 
13 O   ? A GLY 12 ? A GLY 12  ? 1_555 CA ? B CA . ? A CA 501 ? 1_555 O4P ? C GEL .  ? A GEL 420 ? 1_555 91.8  ? 
14 OD2 ? A ASP 35 ? A ASP 35  ? 1_555 CA ? B CA . ? A CA 501 ? 1_555 O4P ? C GEL .  ? A GEL 420 ? 1_555 85.9  ? 
15 OD1 ? A ASP 35 ? A ASP 35  ? 1_555 CA ? B CA . ? A CA 501 ? 1_555 O4P ? C GEL .  ? A GEL 420 ? 1_555 79.5  ? 
16 O   ? A TRP 8  ? A TRP 8   ? 1_555 CA ? B CA . ? A CA 501 ? 1_555 O2P ? C GEL .  ? A GEL 420 ? 1_555 76.4  ? 
17 O   ? A GLY 10 ? A GLY 10  ? 1_555 CA ? B CA . ? A CA 501 ? 1_555 O2P ? C GEL .  ? A GEL 420 ? 1_555 76.3  ? 
18 O   ? A GLY 12 ? A GLY 12  ? 1_555 CA ? B CA . ? A CA 501 ? 1_555 O2P ? C GEL .  ? A GEL 420 ? 1_555 149.5 ? 
19 OD2 ? A ASP 35 ? A ASP 35  ? 1_555 CA ? B CA . ? A CA 501 ? 1_555 O2P ? C GEL .  ? A GEL 420 ? 1_555 132.7 ? 
20 OD1 ? A ASP 35 ? A ASP 35  ? 1_555 CA ? B CA . ? A CA 501 ? 1_555 O2P ? C GEL .  ? A GEL 420 ? 1_555 80.6  ? 
21 O4P ? C GEL .  ? A GEL 420 ? 1_555 CA ? B CA . ? A CA 501 ? 1_555 O2P ? C GEL .  ? A GEL 420 ? 1_555 103.0 ? 
# 
loop_
_pdbx_modification_feature.ordinal 
_pdbx_modification_feature.label_comp_id 
_pdbx_modification_feature.label_asym_id 
_pdbx_modification_feature.label_seq_id 
_pdbx_modification_feature.label_alt_id 
_pdbx_modification_feature.modified_residue_label_comp_id 
_pdbx_modification_feature.modified_residue_label_asym_id 
_pdbx_modification_feature.modified_residue_label_seq_id 
_pdbx_modification_feature.modified_residue_label_alt_id 
_pdbx_modification_feature.auth_comp_id 
_pdbx_modification_feature.auth_asym_id 
_pdbx_modification_feature.auth_seq_id 
_pdbx_modification_feature.PDB_ins_code 
_pdbx_modification_feature.symmetry 
_pdbx_modification_feature.modified_residue_auth_comp_id 
_pdbx_modification_feature.modified_residue_auth_asym_id 
_pdbx_modification_feature.modified_residue_auth_seq_id 
_pdbx_modification_feature.modified_residue_PDB_ins_code 
_pdbx_modification_feature.modified_residue_symmetry 
_pdbx_modification_feature.comp_id_linking_atom 
_pdbx_modification_feature.modified_residue_id_linking_atom 
_pdbx_modification_feature.modified_residue_id 
_pdbx_modification_feature.ref_pcm_id 
_pdbx_modification_feature.ref_comp_id 
_pdbx_modification_feature.type 
_pdbx_modification_feature.category 
1 CYS A 9   ? CYS A 31  ? CYS A 9   ? 1_555 CYS A 31  ? 1_555 SG SG . . . None 'Disulfide bridge' 
2 CYS A 30  ? CYS A 70  ? CYS A 30  ? 1_555 CYS A 70  ? 1_555 SG SG . . . None 'Disulfide bridge' 
3 CYS A 37  ? CYS A 63  ? CYS A 37  ? 1_555 CYS A 63  ? 1_555 SG SG . . . None 'Disulfide bridge' 
4 CYS A 61  ? CYS A 95  ? CYS A 61  ? 1_555 CYS A 95  ? 1_555 SG SG . . . None 'Disulfide bridge' 
5 CYS A 105 ? CYS A 113 ? CYS A 105 ? 1_555 CYS A 113 ? 1_555 SG SG . . . None 'Disulfide bridge' 
# 
loop_
_struct_sheet.id 
_struct_sheet.type 
_struct_sheet.number_strands 
_struct_sheet.details 
A ? 2 ? 
B ? 2 ? 
C ? 2 ? 
D ? 2 ? 
# 
loop_
_struct_sheet_order.sheet_id 
_struct_sheet_order.range_id_1 
_struct_sheet_order.range_id_2 
_struct_sheet_order.offset 
_struct_sheet_order.sense 
A 1 2 ? anti-parallel 
B 1 2 ? anti-parallel 
C 1 2 ? anti-parallel 
D 1 2 ? anti-parallel 
# 
loop_
_struct_sheet_range.sheet_id 
_struct_sheet_range.id 
_struct_sheet_range.beg_label_comp_id 
_struct_sheet_range.beg_label_asym_id 
_struct_sheet_range.beg_label_seq_id 
_struct_sheet_range.pdbx_beg_PDB_ins_code 
_struct_sheet_range.end_label_comp_id 
_struct_sheet_range.end_label_asym_id 
_struct_sheet_range.end_label_seq_id 
_struct_sheet_range.pdbx_end_PDB_ins_code 
_struct_sheet_range.beg_auth_comp_id 
_struct_sheet_range.beg_auth_asym_id 
_struct_sheet_range.beg_auth_seq_id 
_struct_sheet_range.end_auth_comp_id 
_struct_sheet_range.end_auth_asym_id 
_struct_sheet_range.end_auth_seq_id 
A 1 VAL A 40  ? MET A 41  ? VAL A 40  MET A 41  
A 2 ARG A 58  ? LEU A 59  ? ARG A 58  LEU A 59  
B 1 SER A 46  ? LYS A 47  ? SER A 46  LYS A 47  
B 2 LEU A 50  ? THR A 51  ? LEU A 50  THR A 51  
C 1 CYS A 95  ? GLU A 99  ? CYS A 95  GLU A 99  
C 2 VAL A 125 ? PHE A 129 ? VAL A 125 PHE A 129 
D 1 VAL A 102 ? GLY A 104 ? VAL A 102 GLY A 104 
D 2 THR A 117 ? VAL A 118 ? THR A 117 VAL A 118 
# 
loop_
_pdbx_struct_sheet_hbond.sheet_id 
_pdbx_struct_sheet_hbond.range_id_1 
_pdbx_struct_sheet_hbond.range_id_2 
_pdbx_struct_sheet_hbond.range_1_label_atom_id 
_pdbx_struct_sheet_hbond.range_1_label_comp_id 
_pdbx_struct_sheet_hbond.range_1_label_asym_id 
_pdbx_struct_sheet_hbond.range_1_label_seq_id 
_pdbx_struct_sheet_hbond.range_1_PDB_ins_code 
_pdbx_struct_sheet_hbond.range_1_auth_atom_id 
_pdbx_struct_sheet_hbond.range_1_auth_comp_id 
_pdbx_struct_sheet_hbond.range_1_auth_asym_id 
_pdbx_struct_sheet_hbond.range_1_auth_seq_id 
_pdbx_struct_sheet_hbond.range_2_label_atom_id 
_pdbx_struct_sheet_hbond.range_2_label_comp_id 
_pdbx_struct_sheet_hbond.range_2_label_asym_id 
_pdbx_struct_sheet_hbond.range_2_label_seq_id 
_pdbx_struct_sheet_hbond.range_2_PDB_ins_code 
_pdbx_struct_sheet_hbond.range_2_auth_atom_id 
_pdbx_struct_sheet_hbond.range_2_auth_comp_id 
_pdbx_struct_sheet_hbond.range_2_auth_asym_id 
_pdbx_struct_sheet_hbond.range_2_auth_seq_id 
A 1 2 N MET A 41  ? N MET A 41  O ARG A 58  ? O ARG A 58  
B 1 2 O LYS A 47  ? O LYS A 47  N LEU A 50  ? N LEU A 50  
C 1 2 O GLU A 99  ? O GLU A 99  N VAL A 125 ? N VAL A 125 
D 1 2 N THR A 103 ? N THR A 103 O THR A 117 ? O THR A 117 
# 
loop_
_struct_site.id 
_struct_site.pdbx_evidence_code 
_struct_site.pdbx_auth_asym_id 
_struct_site.pdbx_auth_comp_id 
_struct_site.pdbx_auth_seq_id 
_struct_site.pdbx_auth_ins_code 
_struct_site.pdbx_num_residues 
_struct_site.details 
CA1 Unknown  ? ?   ?   ? 4  ?                                    
AC1 Software A CA  501 ? 5  'BINDING SITE FOR RESIDUE CA A 501'  
AC2 Software A GEL 420 ? 13 'BINDING SITE FOR RESIDUE GEL A 420' 
# 
loop_
_struct_site_gen.id 
_struct_site_gen.site_id 
_struct_site_gen.pdbx_num_res 
_struct_site_gen.label_comp_id 
_struct_site_gen.label_asym_id 
_struct_site_gen.label_seq_id 
_struct_site_gen.pdbx_auth_ins_code 
_struct_site_gen.auth_comp_id 
_struct_site_gen.auth_asym_id 
_struct_site_gen.auth_seq_id 
_struct_site_gen.label_atom_id 
_struct_site_gen.label_alt_id 
_struct_site_gen.symmetry 
_struct_site_gen.details 
1  CA1 4  TRP A 8  ? TRP A 8   . ? 1_555  ? 
2  CA1 4  GLY A 10 ? GLY A 10  . ? 1_555  ? 
3  CA1 4  GLY A 12 ? GLY A 12  . ? 1_555  ? 
4  CA1 4  ASP A 35 ? ASP A 35  . ? 1_555  ? 
5  AC1 5  TRP A 8  ? TRP A 8   . ? 1_555  ? 
6  AC1 5  GLY A 10 ? GLY A 10  . ? 1_555  ? 
7  AC1 5  GLY A 12 ? GLY A 12  . ? 1_555  ? 
8  AC1 5  ASP A 35 ? ASP A 35  . ? 1_555  ? 
9  AC1 5  GEL C .  ? GEL A 420 . ? 1_555  ? 
10 AC2 13 ILE A 1  ? ILE A 1   . ? 1_555  ? 
11 AC2 13 TRP A 8  ? TRP A 8   . ? 1_555  ? 
12 AC2 13 GLY A 10 ? GLY A 10  . ? 1_555  ? 
13 AC2 13 HIS A 11 ? HIS A 11  . ? 1_555  ? 
14 AC2 13 GLY A 12 ? GLY A 12  . ? 1_555  ? 
15 AC2 13 HIS A 34 ? HIS A 34  . ? 1_555  ? 
16 AC2 13 ASP A 35 ? ASP A 35  . ? 1_555  ? 
17 AC2 13 THR A 57 ? THR A 57  . ? 1_555  ? 
18 AC2 13 PHE A 67 ? PHE A 67  . ? 1_555  ? 
19 AC2 13 PHE A 82 ? PHE A 82  . ? 10_665 ? 
20 AC2 13 MET A 86 ? MET A 86  . ? 10_665 ? 
21 AC2 13 TYR A 87 ? TYR A 87  . ? 1_555  ? 
22 AC2 13 CA  B .  ? CA  A 501 . ? 1_555  ? 
# 
_pdbx_entry_details.entry_id                   1POC 
_pdbx_entry_details.compound_details           ? 
_pdbx_entry_details.source_details             ? 
_pdbx_entry_details.nonpolymer_details         ? 
_pdbx_entry_details.sequence_details           ? 
_pdbx_entry_details.has_ligand_of_interest     ? 
_pdbx_entry_details.has_protein_modification   Y 
# 
loop_
_pdbx_validate_close_contact.id 
_pdbx_validate_close_contact.PDB_model_num 
_pdbx_validate_close_contact.auth_atom_id_1 
_pdbx_validate_close_contact.auth_asym_id_1 
_pdbx_validate_close_contact.auth_comp_id_1 
_pdbx_validate_close_contact.auth_seq_id_1 
_pdbx_validate_close_contact.PDB_ins_code_1 
_pdbx_validate_close_contact.label_alt_id_1 
_pdbx_validate_close_contact.auth_atom_id_2 
_pdbx_validate_close_contact.auth_asym_id_2 
_pdbx_validate_close_contact.auth_comp_id_2 
_pdbx_validate_close_contact.auth_seq_id_2 
_pdbx_validate_close_contact.PDB_ins_code_2 
_pdbx_validate_close_contact.label_alt_id_2 
_pdbx_validate_close_contact.dist 
1 1 O   A PHE 88  ? ? NH2 A ARG 112 ? ? 1.89 
2 1 OE1 A GLU 107 ? ? OE2 A GLU 110 ? ? 2.19 
# 
loop_
_pdbx_validate_symm_contact.id 
_pdbx_validate_symm_contact.PDB_model_num 
_pdbx_validate_symm_contact.auth_atom_id_1 
_pdbx_validate_symm_contact.auth_asym_id_1 
_pdbx_validate_symm_contact.auth_comp_id_1 
_pdbx_validate_symm_contact.auth_seq_id_1 
_pdbx_validate_symm_contact.PDB_ins_code_1 
_pdbx_validate_symm_contact.label_alt_id_1 
_pdbx_validate_symm_contact.site_symmetry_1 
_pdbx_validate_symm_contact.auth_atom_id_2 
_pdbx_validate_symm_contact.auth_asym_id_2 
_pdbx_validate_symm_contact.auth_comp_id_2 
_pdbx_validate_symm_contact.auth_seq_id_2 
_pdbx_validate_symm_contact.PDB_ins_code_2 
_pdbx_validate_symm_contact.label_alt_id_2 
_pdbx_validate_symm_contact.site_symmetry_2 
_pdbx_validate_symm_contact.dist 
1 1 O   A HOH 241 ? ? 1_555 O A HOH 244 ? ? 6_555  1.06 
2 1 O   A HOH 244 ? ? 1_555 O A HOH 247 ? ? 6_555  2.02 
3 1 NH1 A ARG 23  ? ? 1_555 O A HOH 224 ? ? 10_665 2.15 
# 
loop_
_pdbx_validate_rmsd_angle.id 
_pdbx_validate_rmsd_angle.PDB_model_num 
_pdbx_validate_rmsd_angle.auth_atom_id_1 
_pdbx_validate_rmsd_angle.auth_asym_id_1 
_pdbx_validate_rmsd_angle.auth_comp_id_1 
_pdbx_validate_rmsd_angle.auth_seq_id_1 
_pdbx_validate_rmsd_angle.PDB_ins_code_1 
_pdbx_validate_rmsd_angle.label_alt_id_1 
_pdbx_validate_rmsd_angle.auth_atom_id_2 
_pdbx_validate_rmsd_angle.auth_asym_id_2 
_pdbx_validate_rmsd_angle.auth_comp_id_2 
_pdbx_validate_rmsd_angle.auth_seq_id_2 
_pdbx_validate_rmsd_angle.PDB_ins_code_2 
_pdbx_validate_rmsd_angle.label_alt_id_2 
_pdbx_validate_rmsd_angle.auth_atom_id_3 
_pdbx_validate_rmsd_angle.auth_asym_id_3 
_pdbx_validate_rmsd_angle.auth_comp_id_3 
_pdbx_validate_rmsd_angle.auth_seq_id_3 
_pdbx_validate_rmsd_angle.PDB_ins_code_3 
_pdbx_validate_rmsd_angle.label_alt_id_3 
_pdbx_validate_rmsd_angle.angle_value 
_pdbx_validate_rmsd_angle.angle_target_value 
_pdbx_validate_rmsd_angle.angle_deviation 
_pdbx_validate_rmsd_angle.angle_standard_deviation 
_pdbx_validate_rmsd_angle.linker_flag 
1  1 NE A ARG 32  ? ? CZ A ARG 32  ? ? NH2 A ARG 32  ? ? 123.70 120.30 3.40  0.50 N 
2  1 CG A MET 41  ? ? SD A MET 41  ? ? CE  A MET 41  ? ? 110.28 100.20 10.08 1.60 N 
3  1 NE A ARG 58  ? ? CZ A ARG 58  ? ? NH2 A ARG 58  ? ? 123.75 120.30 3.45  0.50 N 
4  1 CD A LYS 85  ? ? CE A LYS 85  ? ? NZ  A LYS 85  ? ? 138.33 111.70 26.63 2.30 N 
5  1 NE A ARG 108 ? ? CZ A ARG 108 ? ? NH2 A ARG 108 ? ? 123.62 120.30 3.32  0.50 N 
6  1 CB A LYS 122 ? ? CG A LYS 122 ? ? CD  A LYS 122 ? ? 137.97 111.60 26.37 2.60 N 
7  1 CG A LYS 122 ? ? CD A LYS 122 ? ? CE  A LYS 122 ? ? 146.66 111.90 34.76 3.00 N 
8  1 CB A ASP 130 ? ? CG A ASP 130 ? ? OD1 A ASP 130 ? ? 125.03 118.30 6.73  0.90 N 
9  1 CB A ASP 130 ? ? CG A ASP 130 ? ? OD2 A ASP 130 ? ? 112.41 118.30 -5.89 0.90 N 
10 1 CD A ARG 132 ? ? NE A ARG 132 ? ? CZ  A ARG 132 ? ? 160.54 123.60 36.94 1.40 N 
11 1 NE A ARG 132 ? ? CZ A ARG 132 ? ? NH1 A ARG 132 ? ? 126.79 120.30 6.49  0.50 N 
12 1 NE A ARG 132 ? ? CZ A ARG 132 ? ? NH2 A ARG 132 ? ? 117.11 120.30 -3.19 0.50 N 
# 
loop_
_pdbx_validate_torsion.id 
_pdbx_validate_torsion.PDB_model_num 
_pdbx_validate_torsion.auth_comp_id 
_pdbx_validate_torsion.auth_asym_id 
_pdbx_validate_torsion.auth_seq_id 
_pdbx_validate_torsion.PDB_ins_code 
_pdbx_validate_torsion.label_alt_id 
_pdbx_validate_torsion.phi 
_pdbx_validate_torsion.psi 
1 1 GLU A 107 ? ? -6.04   76.32  
2 1 ARG A 108 ? ? -60.59  7.32   
3 1 THR A 109 ? ? 165.05  91.22  
4 1 GLU A 110 ? ? -23.88  164.91 
5 1 HIS A 115 ? ? -117.85 74.79  
# 
loop_
_chem_comp_atom.comp_id 
_chem_comp_atom.atom_id 
_chem_comp_atom.type_symbol 
_chem_comp_atom.pdbx_aromatic_flag 
_chem_comp_atom.pdbx_stereo_config 
_chem_comp_atom.pdbx_ordinal 
ALA N    N  N N 1   
ALA CA   C  N S 2   
ALA C    C  N N 3   
ALA O    O  N N 4   
ALA CB   C  N N 5   
ALA OXT  O  N N 6   
ALA H    H  N N 7   
ALA H2   H  N N 8   
ALA HA   H  N N 9   
ALA HB1  H  N N 10  
ALA HB2  H  N N 11  
ALA HB3  H  N N 12  
ALA HXT  H  N N 13  
ARG N    N  N N 14  
ARG CA   C  N S 15  
ARG C    C  N N 16  
ARG O    O  N N 17  
ARG CB   C  N N 18  
ARG CG   C  N N 19  
ARG CD   C  N N 20  
ARG NE   N  N N 21  
ARG CZ   C  N N 22  
ARG NH1  N  N N 23  
ARG NH2  N  N N 24  
ARG OXT  O  N N 25  
ARG H    H  N N 26  
ARG H2   H  N N 27  
ARG HA   H  N N 28  
ARG HB2  H  N N 29  
ARG HB3  H  N N 30  
ARG HG2  H  N N 31  
ARG HG3  H  N N 32  
ARG HD2  H  N N 33  
ARG HD3  H  N N 34  
ARG HE   H  N N 35  
ARG HH11 H  N N 36  
ARG HH12 H  N N 37  
ARG HH21 H  N N 38  
ARG HH22 H  N N 39  
ARG HXT  H  N N 40  
ASN N    N  N N 41  
ASN CA   C  N S 42  
ASN C    C  N N 43  
ASN O    O  N N 44  
ASN CB   C  N N 45  
ASN CG   C  N N 46  
ASN OD1  O  N N 47  
ASN ND2  N  N N 48  
ASN OXT  O  N N 49  
ASN H    H  N N 50  
ASN H2   H  N N 51  
ASN HA   H  N N 52  
ASN HB2  H  N N 53  
ASN HB3  H  N N 54  
ASN HD21 H  N N 55  
ASN HD22 H  N N 56  
ASN HXT  H  N N 57  
ASP N    N  N N 58  
ASP CA   C  N S 59  
ASP C    C  N N 60  
ASP O    O  N N 61  
ASP CB   C  N N 62  
ASP CG   C  N N 63  
ASP OD1  O  N N 64  
ASP OD2  O  N N 65  
ASP OXT  O  N N 66  
ASP H    H  N N 67  
ASP H2   H  N N 68  
ASP HA   H  N N 69  
ASP HB2  H  N N 70  
ASP HB3  H  N N 71  
ASP HD2  H  N N 72  
ASP HXT  H  N N 73  
CA  CA   CA N N 74  
CYS N    N  N N 75  
CYS CA   C  N R 76  
CYS C    C  N N 77  
CYS O    O  N N 78  
CYS CB   C  N N 79  
CYS SG   S  N N 80  
CYS OXT  O  N N 81  
CYS H    H  N N 82  
CYS H2   H  N N 83  
CYS HA   H  N N 84  
CYS HB2  H  N N 85  
CYS HB3  H  N N 86  
CYS HG   H  N N 87  
CYS HXT  H  N N 88  
GEL C1   C  N N 89  
GEL O1   O  N N 90  
GEL C11  C  N N 91  
GEL C12  C  N N 92  
GEL C13  C  N N 93  
GEL C14  C  N N 94  
GEL C15  C  N N 95  
GEL C16  C  N N 96  
GEL C17  C  N N 97  
GEL C18  C  N N 98  
GEL C2   C  N R 99  
GEL O2   O  N N 100 
GEL P2   P  N S 101 
GEL O1P  O  N N 102 
GEL O2P  O  N N 103 
GEL C22  C  N N 104 
GEL C23  C  N N 105 
GEL C24  C  N N 106 
GEL C25  C  N N 107 
GEL C26  C  N N 108 
GEL C27  C  N N 109 
GEL C28  C  N N 110 
GEL C3   C  N N 111 
GEL O3   O  N N 112 
GEL P3   P  N R 113 
GEL O3P  O  N N 114 
GEL O4P  O  N N 115 
GEL O5P  O  N N 116 
GEL C31  C  N N 117 
GEL C32  C  N N 118 
GEL N3   N  N N 119 
GEL H11  H  N N 120 
GEL H12  H  N N 121 
GEL H111 H  N N 122 
GEL H112 H  N N 123 
GEL H121 H  N N 124 
GEL H122 H  N N 125 
GEL H131 H  N N 126 
GEL H132 H  N N 127 
GEL H141 H  N N 128 
GEL H142 H  N N 129 
GEL H151 H  N N 130 
GEL H152 H  N N 131 
GEL H161 H  N N 132 
GEL H162 H  N N 133 
GEL H171 H  N N 134 
GEL H172 H  N N 135 
GEL H181 H  N N 136 
GEL H182 H  N N 137 
GEL H183 H  N N 138 
GEL H2   H  N N 139 
GEL HOP2 H  N N 140 
GEL H221 H  N N 141 
GEL H222 H  N N 142 
GEL H231 H  N N 143 
GEL H232 H  N N 144 
GEL H241 H  N N 145 
GEL H242 H  N N 146 
GEL H251 H  N N 147 
GEL H252 H  N N 148 
GEL H261 H  N N 149 
GEL H262 H  N N 150 
GEL H271 H  N N 151 
GEL H272 H  N N 152 
GEL H281 H  N N 153 
GEL H282 H  N N 154 
GEL H283 H  N N 155 
GEL H31  H  N N 156 
GEL H32  H  N N 157 
GEL HOP4 H  N N 158 
GEL H311 H  N N 159 
GEL H312 H  N N 160 
GEL H321 H  N N 161 
GEL H322 H  N N 162 
GEL HN31 H  N N 163 
GEL HN32 H  N N 164 
GLN N    N  N N 165 
GLN CA   C  N S 166 
GLN C    C  N N 167 
GLN O    O  N N 168 
GLN CB   C  N N 169 
GLN CG   C  N N 170 
GLN CD   C  N N 171 
GLN OE1  O  N N 172 
GLN NE2  N  N N 173 
GLN OXT  O  N N 174 
GLN H    H  N N 175 
GLN H2   H  N N 176 
GLN HA   H  N N 177 
GLN HB2  H  N N 178 
GLN HB3  H  N N 179 
GLN HG2  H  N N 180 
GLN HG3  H  N N 181 
GLN HE21 H  N N 182 
GLN HE22 H  N N 183 
GLN HXT  H  N N 184 
GLU N    N  N N 185 
GLU CA   C  N S 186 
GLU C    C  N N 187 
GLU O    O  N N 188 
GLU CB   C  N N 189 
GLU CG   C  N N 190 
GLU CD   C  N N 191 
GLU OE1  O  N N 192 
GLU OE2  O  N N 193 
GLU OXT  O  N N 194 
GLU H    H  N N 195 
GLU H2   H  N N 196 
GLU HA   H  N N 197 
GLU HB2  H  N N 198 
GLU HB3  H  N N 199 
GLU HG2  H  N N 200 
GLU HG3  H  N N 201 
GLU HE2  H  N N 202 
GLU HXT  H  N N 203 
GLY N    N  N N 204 
GLY CA   C  N N 205 
GLY C    C  N N 206 
GLY O    O  N N 207 
GLY OXT  O  N N 208 
GLY H    H  N N 209 
GLY H2   H  N N 210 
GLY HA2  H  N N 211 
GLY HA3  H  N N 212 
GLY HXT  H  N N 213 
HIS N    N  N N 214 
HIS CA   C  N S 215 
HIS C    C  N N 216 
HIS O    O  N N 217 
HIS CB   C  N N 218 
HIS CG   C  Y N 219 
HIS ND1  N  Y N 220 
HIS CD2  C  Y N 221 
HIS CE1  C  Y N 222 
HIS NE2  N  Y N 223 
HIS OXT  O  N N 224 
HIS H    H  N N 225 
HIS H2   H  N N 226 
HIS HA   H  N N 227 
HIS HB2  H  N N 228 
HIS HB3  H  N N 229 
HIS HD1  H  N N 230 
HIS HD2  H  N N 231 
HIS HE1  H  N N 232 
HIS HE2  H  N N 233 
HIS HXT  H  N N 234 
HOH O    O  N N 235 
HOH H1   H  N N 236 
HOH H2   H  N N 237 
ILE N    N  N N 238 
ILE CA   C  N S 239 
ILE C    C  N N 240 
ILE O    O  N N 241 
ILE CB   C  N S 242 
ILE CG1  C  N N 243 
ILE CG2  C  N N 244 
ILE CD1  C  N N 245 
ILE OXT  O  N N 246 
ILE H    H  N N 247 
ILE H2   H  N N 248 
ILE HA   H  N N 249 
ILE HB   H  N N 250 
ILE HG12 H  N N 251 
ILE HG13 H  N N 252 
ILE HG21 H  N N 253 
ILE HG22 H  N N 254 
ILE HG23 H  N N 255 
ILE HD11 H  N N 256 
ILE HD12 H  N N 257 
ILE HD13 H  N N 258 
ILE HXT  H  N N 259 
LEU N    N  N N 260 
LEU CA   C  N S 261 
LEU C    C  N N 262 
LEU O    O  N N 263 
LEU CB   C  N N 264 
LEU CG   C  N N 265 
LEU CD1  C  N N 266 
LEU CD2  C  N N 267 
LEU OXT  O  N N 268 
LEU H    H  N N 269 
LEU H2   H  N N 270 
LEU HA   H  N N 271 
LEU HB2  H  N N 272 
LEU HB3  H  N N 273 
LEU HG   H  N N 274 
LEU HD11 H  N N 275 
LEU HD12 H  N N 276 
LEU HD13 H  N N 277 
LEU HD21 H  N N 278 
LEU HD22 H  N N 279 
LEU HD23 H  N N 280 
LEU HXT  H  N N 281 
LYS N    N  N N 282 
LYS CA   C  N S 283 
LYS C    C  N N 284 
LYS O    O  N N 285 
LYS CB   C  N N 286 
LYS CG   C  N N 287 
LYS CD   C  N N 288 
LYS CE   C  N N 289 
LYS NZ   N  N N 290 
LYS OXT  O  N N 291 
LYS H    H  N N 292 
LYS H2   H  N N 293 
LYS HA   H  N N 294 
LYS HB2  H  N N 295 
LYS HB3  H  N N 296 
LYS HG2  H  N N 297 
LYS HG3  H  N N 298 
LYS HD2  H  N N 299 
LYS HD3  H  N N 300 
LYS HE2  H  N N 301 
LYS HE3  H  N N 302 
LYS HZ1  H  N N 303 
LYS HZ2  H  N N 304 
LYS HZ3  H  N N 305 
LYS HXT  H  N N 306 
MET N    N  N N 307 
MET CA   C  N S 308 
MET C    C  N N 309 
MET O    O  N N 310 
MET CB   C  N N 311 
MET CG   C  N N 312 
MET SD   S  N N 313 
MET CE   C  N N 314 
MET OXT  O  N N 315 
MET H    H  N N 316 
MET H2   H  N N 317 
MET HA   H  N N 318 
MET HB2  H  N N 319 
MET HB3  H  N N 320 
MET HG2  H  N N 321 
MET HG3  H  N N 322 
MET HE1  H  N N 323 
MET HE2  H  N N 324 
MET HE3  H  N N 325 
MET HXT  H  N N 326 
PHE N    N  N N 327 
PHE CA   C  N S 328 
PHE C    C  N N 329 
PHE O    O  N N 330 
PHE CB   C  N N 331 
PHE CG   C  Y N 332 
PHE CD1  C  Y N 333 
PHE CD2  C  Y N 334 
PHE CE1  C  Y N 335 
PHE CE2  C  Y N 336 
PHE CZ   C  Y N 337 
PHE OXT  O  N N 338 
PHE H    H  N N 339 
PHE H2   H  N N 340 
PHE HA   H  N N 341 
PHE HB2  H  N N 342 
PHE HB3  H  N N 343 
PHE HD1  H  N N 344 
PHE HD2  H  N N 345 
PHE HE1  H  N N 346 
PHE HE2  H  N N 347 
PHE HZ   H  N N 348 
PHE HXT  H  N N 349 
PRO N    N  N N 350 
PRO CA   C  N S 351 
PRO C    C  N N 352 
PRO O    O  N N 353 
PRO CB   C  N N 354 
PRO CG   C  N N 355 
PRO CD   C  N N 356 
PRO OXT  O  N N 357 
PRO H    H  N N 358 
PRO HA   H  N N 359 
PRO HB2  H  N N 360 
PRO HB3  H  N N 361 
PRO HG2  H  N N 362 
PRO HG3  H  N N 363 
PRO HD2  H  N N 364 
PRO HD3  H  N N 365 
PRO HXT  H  N N 366 
SER N    N  N N 367 
SER CA   C  N S 368 
SER C    C  N N 369 
SER O    O  N N 370 
SER CB   C  N N 371 
SER OG   O  N N 372 
SER OXT  O  N N 373 
SER H    H  N N 374 
SER H2   H  N N 375 
SER HA   H  N N 376 
SER HB2  H  N N 377 
SER HB3  H  N N 378 
SER HG   H  N N 379 
SER HXT  H  N N 380 
THR N    N  N N 381 
THR CA   C  N S 382 
THR C    C  N N 383 
THR O    O  N N 384 
THR CB   C  N R 385 
THR OG1  O  N N 386 
THR CG2  C  N N 387 
THR OXT  O  N N 388 
THR H    H  N N 389 
THR H2   H  N N 390 
THR HA   H  N N 391 
THR HB   H  N N 392 
THR HG1  H  N N 393 
THR HG21 H  N N 394 
THR HG22 H  N N 395 
THR HG23 H  N N 396 
THR HXT  H  N N 397 
TRP N    N  N N 398 
TRP CA   C  N S 399 
TRP C    C  N N 400 
TRP O    O  N N 401 
TRP CB   C  N N 402 
TRP CG   C  Y N 403 
TRP CD1  C  Y N 404 
TRP CD2  C  Y N 405 
TRP NE1  N  Y N 406 
TRP CE2  C  Y N 407 
TRP CE3  C  Y N 408 
TRP CZ2  C  Y N 409 
TRP CZ3  C  Y N 410 
TRP CH2  C  Y N 411 
TRP OXT  O  N N 412 
TRP H    H  N N 413 
TRP H2   H  N N 414 
TRP HA   H  N N 415 
TRP HB2  H  N N 416 
TRP HB3  H  N N 417 
TRP HD1  H  N N 418 
TRP HE1  H  N N 419 
TRP HE3  H  N N 420 
TRP HZ2  H  N N 421 
TRP HZ3  H  N N 422 
TRP HH2  H  N N 423 
TRP HXT  H  N N 424 
TYR N    N  N N 425 
TYR CA   C  N S 426 
TYR C    C  N N 427 
TYR O    O  N N 428 
TYR CB   C  N N 429 
TYR CG   C  Y N 430 
TYR CD1  C  Y N 431 
TYR CD2  C  Y N 432 
TYR CE1  C  Y N 433 
TYR CE2  C  Y N 434 
TYR CZ   C  Y N 435 
TYR OH   O  N N 436 
TYR OXT  O  N N 437 
TYR H    H  N N 438 
TYR H2   H  N N 439 
TYR HA   H  N N 440 
TYR HB2  H  N N 441 
TYR HB3  H  N N 442 
TYR HD1  H  N N 443 
TYR HD2  H  N N 444 
TYR HE1  H  N N 445 
TYR HE2  H  N N 446 
TYR HH   H  N N 447 
TYR HXT  H  N N 448 
VAL N    N  N N 449 
VAL CA   C  N S 450 
VAL C    C  N N 451 
VAL O    O  N N 452 
VAL CB   C  N N 453 
VAL CG1  C  N N 454 
VAL CG2  C  N N 455 
VAL OXT  O  N N 456 
VAL H    H  N N 457 
VAL H2   H  N N 458 
VAL HA   H  N N 459 
VAL HB   H  N N 460 
VAL HG11 H  N N 461 
VAL HG12 H  N N 462 
VAL HG13 H  N N 463 
VAL HG21 H  N N 464 
VAL HG22 H  N N 465 
VAL HG23 H  N N 466 
VAL HXT  H  N N 467 
# 
loop_
_chem_comp_bond.comp_id 
_chem_comp_bond.atom_id_1 
_chem_comp_bond.atom_id_2 
_chem_comp_bond.value_order 
_chem_comp_bond.pdbx_aromatic_flag 
_chem_comp_bond.pdbx_stereo_config 
_chem_comp_bond.pdbx_ordinal 
ALA N   CA   sing N N 1   
ALA N   H    sing N N 2   
ALA N   H2   sing N N 3   
ALA CA  C    sing N N 4   
ALA CA  CB   sing N N 5   
ALA CA  HA   sing N N 6   
ALA C   O    doub N N 7   
ALA C   OXT  sing N N 8   
ALA CB  HB1  sing N N 9   
ALA CB  HB2  sing N N 10  
ALA CB  HB3  sing N N 11  
ALA OXT HXT  sing N N 12  
ARG N   CA   sing N N 13  
ARG N   H    sing N N 14  
ARG N   H2   sing N N 15  
ARG CA  C    sing N N 16  
ARG CA  CB   sing N N 17  
ARG CA  HA   sing N N 18  
ARG C   O    doub N N 19  
ARG C   OXT  sing N N 20  
ARG CB  CG   sing N N 21  
ARG CB  HB2  sing N N 22  
ARG CB  HB3  sing N N 23  
ARG CG  CD   sing N N 24  
ARG CG  HG2  sing N N 25  
ARG CG  HG3  sing N N 26  
ARG CD  NE   sing N N 27  
ARG CD  HD2  sing N N 28  
ARG CD  HD3  sing N N 29  
ARG NE  CZ   sing N N 30  
ARG NE  HE   sing N N 31  
ARG CZ  NH1  sing N N 32  
ARG CZ  NH2  doub N N 33  
ARG NH1 HH11 sing N N 34  
ARG NH1 HH12 sing N N 35  
ARG NH2 HH21 sing N N 36  
ARG NH2 HH22 sing N N 37  
ARG OXT HXT  sing N N 38  
ASN N   CA   sing N N 39  
ASN N   H    sing N N 40  
ASN N   H2   sing N N 41  
ASN CA  C    sing N N 42  
ASN CA  CB   sing N N 43  
ASN CA  HA   sing N N 44  
ASN C   O    doub N N 45  
ASN C   OXT  sing N N 46  
ASN CB  CG   sing N N 47  
ASN CB  HB2  sing N N 48  
ASN CB  HB3  sing N N 49  
ASN CG  OD1  doub N N 50  
ASN CG  ND2  sing N N 51  
ASN ND2 HD21 sing N N 52  
ASN ND2 HD22 sing N N 53  
ASN OXT HXT  sing N N 54  
ASP N   CA   sing N N 55  
ASP N   H    sing N N 56  
ASP N   H2   sing N N 57  
ASP CA  C    sing N N 58  
ASP CA  CB   sing N N 59  
ASP CA  HA   sing N N 60  
ASP C   O    doub N N 61  
ASP C   OXT  sing N N 62  
ASP CB  CG   sing N N 63  
ASP CB  HB2  sing N N 64  
ASP CB  HB3  sing N N 65  
ASP CG  OD1  doub N N 66  
ASP CG  OD2  sing N N 67  
ASP OD2 HD2  sing N N 68  
ASP OXT HXT  sing N N 69  
CYS N   CA   sing N N 70  
CYS N   H    sing N N 71  
CYS N   H2   sing N N 72  
CYS CA  C    sing N N 73  
CYS CA  CB   sing N N 74  
CYS CA  HA   sing N N 75  
CYS C   O    doub N N 76  
CYS C   OXT  sing N N 77  
CYS CB  SG   sing N N 78  
CYS CB  HB2  sing N N 79  
CYS CB  HB3  sing N N 80  
CYS SG  HG   sing N N 81  
CYS OXT HXT  sing N N 82  
GEL C1  O1   sing N N 83  
GEL C1  C2   sing N N 84  
GEL C1  H11  sing N N 85  
GEL C1  H12  sing N N 86  
GEL O1  C11  sing N N 87  
GEL C11 C12  sing N N 88  
GEL C11 H111 sing N N 89  
GEL C11 H112 sing N N 90  
GEL C12 C13  sing N N 91  
GEL C12 H121 sing N N 92  
GEL C12 H122 sing N N 93  
GEL C13 C14  sing N N 94  
GEL C13 H131 sing N N 95  
GEL C13 H132 sing N N 96  
GEL C14 C15  sing N N 97  
GEL C14 H141 sing N N 98  
GEL C14 H142 sing N N 99  
GEL C15 C16  sing N N 100 
GEL C15 H151 sing N N 101 
GEL C15 H152 sing N N 102 
GEL C16 C17  sing N N 103 
GEL C16 H161 sing N N 104 
GEL C16 H162 sing N N 105 
GEL C17 C18  sing N N 106 
GEL C17 H171 sing N N 107 
GEL C17 H172 sing N N 108 
GEL C18 H181 sing N N 109 
GEL C18 H182 sing N N 110 
GEL C18 H183 sing N N 111 
GEL C2  O2   sing N N 112 
GEL C2  C3   sing N N 113 
GEL C2  H2   sing N N 114 
GEL O2  P2   sing N N 115 
GEL P2  O1P  doub N N 116 
GEL P2  O2P  sing N N 117 
GEL P2  C22  sing N N 118 
GEL O2P HOP2 sing N N 119 
GEL C22 C23  sing N N 120 
GEL C22 H221 sing N N 121 
GEL C22 H222 sing N N 122 
GEL C23 C24  sing N N 123 
GEL C23 H231 sing N N 124 
GEL C23 H232 sing N N 125 
GEL C24 C25  sing N N 126 
GEL C24 H241 sing N N 127 
GEL C24 H242 sing N N 128 
GEL C25 C26  sing N N 129 
GEL C25 H251 sing N N 130 
GEL C25 H252 sing N N 131 
GEL C26 C27  sing N N 132 
GEL C26 H261 sing N N 133 
GEL C26 H262 sing N N 134 
GEL C27 C28  sing N N 135 
GEL C27 H271 sing N N 136 
GEL C27 H272 sing N N 137 
GEL C28 H281 sing N N 138 
GEL C28 H282 sing N N 139 
GEL C28 H283 sing N N 140 
GEL C3  O3   sing N N 141 
GEL C3  H31  sing N N 142 
GEL C3  H32  sing N N 143 
GEL O3  P3   sing N N 144 
GEL P3  O3P  doub N N 145 
GEL P3  O4P  sing N N 146 
GEL P3  O5P  sing N N 147 
GEL O4P HOP4 sing N N 148 
GEL O5P C31  sing N N 149 
GEL C31 C32  sing N N 150 
GEL C31 H311 sing N N 151 
GEL C31 H312 sing N N 152 
GEL C32 N3   sing N N 153 
GEL C32 H321 sing N N 154 
GEL C32 H322 sing N N 155 
GEL N3  HN31 sing N N 156 
GEL N3  HN32 sing N N 157 
GLN N   CA   sing N N 158 
GLN N   H    sing N N 159 
GLN N   H2   sing N N 160 
GLN CA  C    sing N N 161 
GLN CA  CB   sing N N 162 
GLN CA  HA   sing N N 163 
GLN C   O    doub N N 164 
GLN C   OXT  sing N N 165 
GLN CB  CG   sing N N 166 
GLN CB  HB2  sing N N 167 
GLN CB  HB3  sing N N 168 
GLN CG  CD   sing N N 169 
GLN CG  HG2  sing N N 170 
GLN CG  HG3  sing N N 171 
GLN CD  OE1  doub N N 172 
GLN CD  NE2  sing N N 173 
GLN NE2 HE21 sing N N 174 
GLN NE2 HE22 sing N N 175 
GLN OXT HXT  sing N N 176 
GLU N   CA   sing N N 177 
GLU N   H    sing N N 178 
GLU N   H2   sing N N 179 
GLU CA  C    sing N N 180 
GLU CA  CB   sing N N 181 
GLU CA  HA   sing N N 182 
GLU C   O    doub N N 183 
GLU C   OXT  sing N N 184 
GLU CB  CG   sing N N 185 
GLU CB  HB2  sing N N 186 
GLU CB  HB3  sing N N 187 
GLU CG  CD   sing N N 188 
GLU CG  HG2  sing N N 189 
GLU CG  HG3  sing N N 190 
GLU CD  OE1  doub N N 191 
GLU CD  OE2  sing N N 192 
GLU OE2 HE2  sing N N 193 
GLU OXT HXT  sing N N 194 
GLY N   CA   sing N N 195 
GLY N   H    sing N N 196 
GLY N   H2   sing N N 197 
GLY CA  C    sing N N 198 
GLY CA  HA2  sing N N 199 
GLY CA  HA3  sing N N 200 
GLY C   O    doub N N 201 
GLY C   OXT  sing N N 202 
GLY OXT HXT  sing N N 203 
HIS N   CA   sing N N 204 
HIS N   H    sing N N 205 
HIS N   H2   sing N N 206 
HIS CA  C    sing N N 207 
HIS CA  CB   sing N N 208 
HIS CA  HA   sing N N 209 
HIS C   O    doub N N 210 
HIS C   OXT  sing N N 211 
HIS CB  CG   sing N N 212 
HIS CB  HB2  sing N N 213 
HIS CB  HB3  sing N N 214 
HIS CG  ND1  sing Y N 215 
HIS CG  CD2  doub Y N 216 
HIS ND1 CE1  doub Y N 217 
HIS ND1 HD1  sing N N 218 
HIS CD2 NE2  sing Y N 219 
HIS CD2 HD2  sing N N 220 
HIS CE1 NE2  sing Y N 221 
HIS CE1 HE1  sing N N 222 
HIS NE2 HE2  sing N N 223 
HIS OXT HXT  sing N N 224 
HOH O   H1   sing N N 225 
HOH O   H2   sing N N 226 
ILE N   CA   sing N N 227 
ILE N   H    sing N N 228 
ILE N   H2   sing N N 229 
ILE CA  C    sing N N 230 
ILE CA  CB   sing N N 231 
ILE CA  HA   sing N N 232 
ILE C   O    doub N N 233 
ILE C   OXT  sing N N 234 
ILE CB  CG1  sing N N 235 
ILE CB  CG2  sing N N 236 
ILE CB  HB   sing N N 237 
ILE CG1 CD1  sing N N 238 
ILE CG1 HG12 sing N N 239 
ILE CG1 HG13 sing N N 240 
ILE CG2 HG21 sing N N 241 
ILE CG2 HG22 sing N N 242 
ILE CG2 HG23 sing N N 243 
ILE CD1 HD11 sing N N 244 
ILE CD1 HD12 sing N N 245 
ILE CD1 HD13 sing N N 246 
ILE OXT HXT  sing N N 247 
LEU N   CA   sing N N 248 
LEU N   H    sing N N 249 
LEU N   H2   sing N N 250 
LEU CA  C    sing N N 251 
LEU CA  CB   sing N N 252 
LEU CA  HA   sing N N 253 
LEU C   O    doub N N 254 
LEU C   OXT  sing N N 255 
LEU CB  CG   sing N N 256 
LEU CB  HB2  sing N N 257 
LEU CB  HB3  sing N N 258 
LEU CG  CD1  sing N N 259 
LEU CG  CD2  sing N N 260 
LEU CG  HG   sing N N 261 
LEU CD1 HD11 sing N N 262 
LEU CD1 HD12 sing N N 263 
LEU CD1 HD13 sing N N 264 
LEU CD2 HD21 sing N N 265 
LEU CD2 HD22 sing N N 266 
LEU CD2 HD23 sing N N 267 
LEU OXT HXT  sing N N 268 
LYS N   CA   sing N N 269 
LYS N   H    sing N N 270 
LYS N   H2   sing N N 271 
LYS CA  C    sing N N 272 
LYS CA  CB   sing N N 273 
LYS CA  HA   sing N N 274 
LYS C   O    doub N N 275 
LYS C   OXT  sing N N 276 
LYS CB  CG   sing N N 277 
LYS CB  HB2  sing N N 278 
LYS CB  HB3  sing N N 279 
LYS CG  CD   sing N N 280 
LYS CG  HG2  sing N N 281 
LYS CG  HG3  sing N N 282 
LYS CD  CE   sing N N 283 
LYS CD  HD2  sing N N 284 
LYS CD  HD3  sing N N 285 
LYS CE  NZ   sing N N 286 
LYS CE  HE2  sing N N 287 
LYS CE  HE3  sing N N 288 
LYS NZ  HZ1  sing N N 289 
LYS NZ  HZ2  sing N N 290 
LYS NZ  HZ3  sing N N 291 
LYS OXT HXT  sing N N 292 
MET N   CA   sing N N 293 
MET N   H    sing N N 294 
MET N   H2   sing N N 295 
MET CA  C    sing N N 296 
MET CA  CB   sing N N 297 
MET CA  HA   sing N N 298 
MET C   O    doub N N 299 
MET C   OXT  sing N N 300 
MET CB  CG   sing N N 301 
MET CB  HB2  sing N N 302 
MET CB  HB3  sing N N 303 
MET CG  SD   sing N N 304 
MET CG  HG2  sing N N 305 
MET CG  HG3  sing N N 306 
MET SD  CE   sing N N 307 
MET CE  HE1  sing N N 308 
MET CE  HE2  sing N N 309 
MET CE  HE3  sing N N 310 
MET OXT HXT  sing N N 311 
PHE N   CA   sing N N 312 
PHE N   H    sing N N 313 
PHE N   H2   sing N N 314 
PHE CA  C    sing N N 315 
PHE CA  CB   sing N N 316 
PHE CA  HA   sing N N 317 
PHE C   O    doub N N 318 
PHE C   OXT  sing N N 319 
PHE CB  CG   sing N N 320 
PHE CB  HB2  sing N N 321 
PHE CB  HB3  sing N N 322 
PHE CG  CD1  doub Y N 323 
PHE CG  CD2  sing Y N 324 
PHE CD1 CE1  sing Y N 325 
PHE CD1 HD1  sing N N 326 
PHE CD2 CE2  doub Y N 327 
PHE CD2 HD2  sing N N 328 
PHE CE1 CZ   doub Y N 329 
PHE CE1 HE1  sing N N 330 
PHE CE2 CZ   sing Y N 331 
PHE CE2 HE2  sing N N 332 
PHE CZ  HZ   sing N N 333 
PHE OXT HXT  sing N N 334 
PRO N   CA   sing N N 335 
PRO N   CD   sing N N 336 
PRO N   H    sing N N 337 
PRO CA  C    sing N N 338 
PRO CA  CB   sing N N 339 
PRO CA  HA   sing N N 340 
PRO C   O    doub N N 341 
PRO C   OXT  sing N N 342 
PRO CB  CG   sing N N 343 
PRO CB  HB2  sing N N 344 
PRO CB  HB3  sing N N 345 
PRO CG  CD   sing N N 346 
PRO CG  HG2  sing N N 347 
PRO CG  HG3  sing N N 348 
PRO CD  HD2  sing N N 349 
PRO CD  HD3  sing N N 350 
PRO OXT HXT  sing N N 351 
SER N   CA   sing N N 352 
SER N   H    sing N N 353 
SER N   H2   sing N N 354 
SER CA  C    sing N N 355 
SER CA  CB   sing N N 356 
SER CA  HA   sing N N 357 
SER C   O    doub N N 358 
SER C   OXT  sing N N 359 
SER CB  OG   sing N N 360 
SER CB  HB2  sing N N 361 
SER CB  HB3  sing N N 362 
SER OG  HG   sing N N 363 
SER OXT HXT  sing N N 364 
THR N   CA   sing N N 365 
THR N   H    sing N N 366 
THR N   H2   sing N N 367 
THR CA  C    sing N N 368 
THR CA  CB   sing N N 369 
THR CA  HA   sing N N 370 
THR C   O    doub N N 371 
THR C   OXT  sing N N 372 
THR CB  OG1  sing N N 373 
THR CB  CG2  sing N N 374 
THR CB  HB   sing N N 375 
THR OG1 HG1  sing N N 376 
THR CG2 HG21 sing N N 377 
THR CG2 HG22 sing N N 378 
THR CG2 HG23 sing N N 379 
THR OXT HXT  sing N N 380 
TRP N   CA   sing N N 381 
TRP N   H    sing N N 382 
TRP N   H2   sing N N 383 
TRP CA  C    sing N N 384 
TRP CA  CB   sing N N 385 
TRP CA  HA   sing N N 386 
TRP C   O    doub N N 387 
TRP C   OXT  sing N N 388 
TRP CB  CG   sing N N 389 
TRP CB  HB2  sing N N 390 
TRP CB  HB3  sing N N 391 
TRP CG  CD1  doub Y N 392 
TRP CG  CD2  sing Y N 393 
TRP CD1 NE1  sing Y N 394 
TRP CD1 HD1  sing N N 395 
TRP CD2 CE2  doub Y N 396 
TRP CD2 CE3  sing Y N 397 
TRP NE1 CE2  sing Y N 398 
TRP NE1 HE1  sing N N 399 
TRP CE2 CZ2  sing Y N 400 
TRP CE3 CZ3  doub Y N 401 
TRP CE3 HE3  sing N N 402 
TRP CZ2 CH2  doub Y N 403 
TRP CZ2 HZ2  sing N N 404 
TRP CZ3 CH2  sing Y N 405 
TRP CZ3 HZ3  sing N N 406 
TRP CH2 HH2  sing N N 407 
TRP OXT HXT  sing N N 408 
TYR N   CA   sing N N 409 
TYR N   H    sing N N 410 
TYR N   H2   sing N N 411 
TYR CA  C    sing N N 412 
TYR CA  CB   sing N N 413 
TYR CA  HA   sing N N 414 
TYR C   O    doub N N 415 
TYR C   OXT  sing N N 416 
TYR CB  CG   sing N N 417 
TYR CB  HB2  sing N N 418 
TYR CB  HB3  sing N N 419 
TYR CG  CD1  doub Y N 420 
TYR CG  CD2  sing Y N 421 
TYR CD1 CE1  sing Y N 422 
TYR CD1 HD1  sing N N 423 
TYR CD2 CE2  doub Y N 424 
TYR CD2 HD2  sing N N 425 
TYR CE1 CZ   doub Y N 426 
TYR CE1 HE1  sing N N 427 
TYR CE2 CZ   sing Y N 428 
TYR CE2 HE2  sing N N 429 
TYR CZ  OH   sing N N 430 
TYR OH  HH   sing N N 431 
TYR OXT HXT  sing N N 432 
VAL N   CA   sing N N 433 
VAL N   H    sing N N 434 
VAL N   H2   sing N N 435 
VAL CA  C    sing N N 436 
VAL CA  CB   sing N N 437 
VAL CA  HA   sing N N 438 
VAL C   O    doub N N 439 
VAL C   OXT  sing N N 440 
VAL CB  CG1  sing N N 441 
VAL CB  CG2  sing N N 442 
VAL CB  HB   sing N N 443 
VAL CG1 HG11 sing N N 444 
VAL CG1 HG12 sing N N 445 
VAL CG1 HG13 sing N N 446 
VAL CG2 HG21 sing N N 447 
VAL CG2 HG22 sing N N 448 
VAL CG2 HG23 sing N N 449 
VAL OXT HXT  sing N N 450 
# 
_atom_sites.entry_id                    1POC 
_atom_sites.fract_transf_matrix[1][1]   -0.00386227 
_atom_sites.fract_transf_matrix[1][2]   0.00594646 
_atom_sites.fract_transf_matrix[1][3]   -0.00863472 
_atom_sites.fract_transf_matrix[2][1]   -0.00376756 
_atom_sites.fract_transf_matrix[2][2]   0.00780010 
_atom_sites.fract_transf_matrix[2][3]   0.00705690 
_atom_sites.fract_transf_matrix[3][1]   0.00660869 
_atom_sites.fract_transf_matrix[3][2]   0.00361447 
_atom_sites.fract_transf_matrix[3][3]   -0.00046686 
_atom_sites.fract_transf_vector[1]      0.514702 
_atom_sites.fract_transf_vector[2]      0.341666 
_atom_sites.fract_transf_vector[3]      0.197088 
# 
loop_
_atom_type.symbol 
C  
CA 
N  
O  
P  
S  
# 
loop_
_atom_site.group_PDB 
_atom_site.id 
_atom_site.type_symbol 
_atom_site.label_atom_id 
_atom_site.label_alt_id 
_atom_site.label_comp_id 
_atom_site.label_asym_id 
_atom_site.label_entity_id 
_atom_site.label_seq_id 
_atom_site.pdbx_PDB_ins_code 
_atom_site.Cartn_x 
_atom_site.Cartn_y 
_atom_site.Cartn_z 
_atom_site.occupancy 
_atom_site.B_iso_or_equiv 
_atom_site.pdbx_formal_charge 
_atom_site.auth_seq_id 
_atom_site.auth_comp_id 
_atom_site.auth_asym_id 
_atom_site.auth_atom_id 
_atom_site.pdbx_PDB_model_num 
ATOM   1    N  N   . ILE A 1 1   ? -4.279  0.468   15.322  1.00 18.98 ? 1   ILE A N   1 
ATOM   2    C  CA  . ILE A 1 1   ? -5.730  0.747   15.156  1.00 18.89 ? 1   ILE A CA  1 
ATOM   3    C  C   . ILE A 1 1   ? -6.278  -0.146  14.042  1.00 18.37 ? 1   ILE A C   1 
ATOM   4    O  O   . ILE A 1 1   ? -5.657  -0.293  12.980  1.00 18.95 ? 1   ILE A O   1 
ATOM   5    C  CB  . ILE A 1 1   ? -5.887  2.260   14.750  1.00 19.70 ? 1   ILE A CB  1 
ATOM   6    C  CG1 . ILE A 1 1   ? -7.238  2.838   15.176  1.00 21.46 ? 1   ILE A CG1 1 
ATOM   7    C  CG2 . ILE A 1 1   ? -5.768  2.496   13.244  1.00 20.13 ? 1   ILE A CG2 1 
ATOM   8    C  CD1 . ILE A 1 1   ? -7.757  2.238   16.487  1.00 22.09 ? 1   ILE A CD1 1 
ATOM   9    N  N   . ILE A 1 2   ? -7.417  -0.742  14.315  1.00 17.90 ? 2   ILE A N   1 
ATOM   10   C  CA  . ILE A 1 2   ? -8.142  -1.538  13.314  1.00 17.95 ? 2   ILE A CA  1 
ATOM   11   C  C   . ILE A 1 2   ? -9.529  -0.913  13.179  1.00 18.22 ? 2   ILE A C   1 
ATOM   12   O  O   . ILE A 1 2   ? -10.179 -0.582  14.180  1.00 18.20 ? 2   ILE A O   1 
ATOM   13   C  CB  . ILE A 1 2   ? -8.207  -3.023  13.709  1.00 16.86 ? 2   ILE A CB  1 
ATOM   14   C  CG1 . ILE A 1 2   ? -6.906  -3.776  13.403  1.00 17.93 ? 2   ILE A CG1 1 
ATOM   15   C  CG2 . ILE A 1 2   ? -9.302  -3.799  12.963  1.00 15.17 ? 2   ILE A CG2 1 
ATOM   16   C  CD1 . ILE A 1 2   ? -6.319  -4.480  14.628  1.00 20.81 ? 2   ILE A CD1 1 
ATOM   17   N  N   . TYR A 1 3   ? -9.925  -0.749  11.937  1.00 18.95 ? 3   TYR A N   1 
ATOM   18   C  CA  . TYR A 1 3   ? -11.215 -0.143  11.579  1.00 19.54 ? 3   TYR A CA  1 
ATOM   19   C  C   . TYR A 1 3   ? -12.348 -1.092  11.978  1.00 20.45 ? 3   TYR A C   1 
ATOM   20   O  O   . TYR A 1 3   ? -12.448 -2.218  11.465  1.00 21.62 ? 3   TYR A O   1 
ATOM   21   C  CB  . TYR A 1 3   ? -11.220 0.131   10.076  1.00 19.52 ? 3   TYR A CB  1 
ATOM   22   C  CG  . TYR A 1 3   ? -12.534 0.701   9.545   1.00 19.16 ? 3   TYR A CG  1 
ATOM   23   C  CD1 . TYR A 1 3   ? -12.948 1.986   9.916   1.00 20.43 ? 3   TYR A CD1 1 
ATOM   24   C  CD2 . TYR A 1 3   ? -13.318 -0.064  8.678   1.00 19.54 ? 3   TYR A CD2 1 
ATOM   25   C  CE1 . TYR A 1 3   ? -14.144 2.507   9.410   1.00 20.84 ? 3   TYR A CE1 1 
ATOM   26   C  CE2 . TYR A 1 3   ? -14.514 0.455   8.175   1.00 20.49 ? 3   TYR A CE2 1 
ATOM   27   C  CZ  . TYR A 1 3   ? -14.926 1.742   8.538   1.00 20.58 ? 3   TYR A CZ  1 
ATOM   28   O  OH  . TYR A 1 3   ? -16.083 2.254   8.043   1.00 22.55 ? 3   TYR A OH  1 
ATOM   29   N  N   . PRO A 1 4   ? -13.233 -0.689  12.905  1.00 20.53 ? 4   PRO A N   1 
ATOM   30   C  CA  . PRO A 1 4   ? -14.316 -1.551  13.352  1.00 20.05 ? 4   PRO A CA  1 
ATOM   31   C  C   . PRO A 1 4   ? -15.162 -1.996  12.187  1.00 19.68 ? 4   PRO A C   1 
ATOM   32   O  O   . PRO A 1 4   ? -15.521 -1.149  11.315  1.00 19.91 ? 4   PRO A O   1 
ATOM   33   C  CB  . PRO A 1 4   ? -15.046 -0.713  14.376  1.00 19.80 ? 4   PRO A CB  1 
ATOM   34   C  CG  . PRO A 1 4   ? -14.317 0.614   14.497  1.00 19.88 ? 4   PRO A CG  1 
ATOM   35   C  CD  . PRO A 1 4   ? -13.180 0.634   13.528  1.00 19.87 ? 4   PRO A CD  1 
ATOM   36   N  N   . GLY A 1 5   ? -15.451 -3.285  12.194  1.00 19.07 ? 5   GLY A N   1 
ATOM   37   C  CA  . GLY A 1 5   ? -16.245 -3.934  11.141  1.00 19.04 ? 5   GLY A CA  1 
ATOM   38   C  C   . GLY A 1 5   ? -15.327 -4.768  10.243  1.00 18.52 ? 5   GLY A C   1 
ATOM   39   O  O   . GLY A 1 5   ? -15.786 -5.461  9.325   1.00 19.24 ? 5   GLY A O   1 
ATOM   40   N  N   . THR A 1 6   ? -14.048 -4.654  10.536  1.00 18.13 ? 6   THR A N   1 
ATOM   41   C  CA  . THR A 1 6   ? -12.995 -5.409  9.843   1.00 16.22 ? 6   THR A CA  1 
ATOM   42   C  C   . THR A 1 6   ? -12.051 -5.984  10.892  1.00 16.36 ? 6   THR A C   1 
ATOM   43   O  O   . THR A 1 6   ? -11.997 -5.506  12.036  1.00 17.59 ? 6   THR A O   1 
ATOM   44   C  CB  . THR A 1 6   ? -12.206 -4.513  8.873   1.00 14.46 ? 6   THR A CB  1 
ATOM   45   O  OG1 . THR A 1 6   ? -11.350 -3.641  9.596   1.00 14.57 ? 6   THR A OG1 1 
ATOM   46   C  CG2 . THR A 1 6   ? -13.099 -3.646  7.979   1.00 14.40 ? 6   THR A CG2 1 
ATOM   47   N  N   . LEU A 1 7   ? -11.333 -7.005  10.490  1.00 15.76 ? 7   LEU A N   1 
ATOM   48   C  CA  . LEU A 1 7   ? -10.383 -7.668  11.380  1.00 15.83 ? 7   LEU A CA  1 
ATOM   49   C  C   . LEU A 1 7   ? -8.938  -7.397  10.938  1.00 15.37 ? 7   LEU A C   1 
ATOM   50   O  O   . LEU A 1 7   ? -7.993  -7.561  11.723  1.00 16.73 ? 7   LEU A O   1 
ATOM   51   C  CB  . LEU A 1 7   ? -10.604 -9.192  11.364  1.00 16.11 ? 7   LEU A CB  1 
ATOM   52   C  CG  . LEU A 1 7   ? -11.916 -9.641  12.020  1.00 16.44 ? 7   LEU A CG  1 
ATOM   53   C  CD1 . LEU A 1 7   ? -12.011 -11.163 12.174  1.00 16.53 ? 7   LEU A CD1 1 
ATOM   54   C  CD2 . LEU A 1 7   ? -12.113 -9.064  13.424  1.00 16.21 ? 7   LEU A CD2 1 
ATOM   55   N  N   . TRP A 1 8   ? -8.784  -6.966  9.689   1.00 14.74 ? 8   TRP A N   1 
ATOM   56   C  CA  . TRP A 1 8   ? -7.442  -6.793  9.090   1.00 14.23 ? 8   TRP A CA  1 
ATOM   57   C  C   . TRP A 1 8   ? -7.091  -5.350  8.655   1.00 13.78 ? 8   TRP A C   1 
ATOM   58   O  O   . TRP A 1 8   ? -5.923  -5.036  8.380   1.00 15.14 ? 8   TRP A O   1 
ATOM   59   C  CB  . TRP A 1 8   ? -7.317  -7.661  7.832   1.00 12.62 ? 8   TRP A CB  1 
ATOM   60   C  CG  . TRP A 1 8   ? -7.619  -9.144  8.083   1.00 11.39 ? 8   TRP A CG  1 
ATOM   61   C  CD1 . TRP A 1 8   ? -8.826  -9.723  8.165   1.00 11.33 ? 8   TRP A CD1 1 
ATOM   62   C  CD2 . TRP A 1 8   ? -6.640  -10.157 8.266   1.00 11.57 ? 8   TRP A CD2 1 
ATOM   63   N  NE1 . TRP A 1 8   ? -8.611  -11.117 8.410   1.00 11.69 ? 8   TRP A NE1 1 
ATOM   64   C  CE2 . TRP A 1 8   ? -7.322  -11.350 8.466   1.00 11.52 ? 8   TRP A CE2 1 
ATOM   65   C  CE3 . TRP A 1 8   ? -5.240  -10.158 8.279   1.00 10.49 ? 8   TRP A CE3 1 
ATOM   66   C  CZ2 . TRP A 1 8   ? -6.674  -12.572 8.690   1.00 11.18 ? 8   TRP A CZ2 1 
ATOM   67   C  CZ3 . TRP A 1 8   ? -4.597  -11.392 8.501   1.00 11.14 ? 8   TRP A CZ3 1 
ATOM   68   C  CH2 . TRP A 1 8   ? -5.283  -12.542 8.699   1.00 10.70 ? 8   TRP A CH2 1 
ATOM   69   N  N   . CYS A 1 9   ? -8.068  -4.462  8.581   1.00 14.27 ? 9   CYS A N   1 
ATOM   70   C  CA  . CYS A 1 9   ? -7.802  -3.070  8.131   1.00 15.31 ? 9   CYS A CA  1 
ATOM   71   C  C   . CYS A 1 9   ? -7.275  -2.204  9.287   1.00 15.44 ? 9   CYS A C   1 
ATOM   72   O  O   . CYS A 1 9   ? -8.042  -1.763  10.156  1.00 16.61 ? 9   CYS A O   1 
ATOM   73   C  CB  . CYS A 1 9   ? -9.073  -2.434  7.569   1.00 15.39 ? 9   CYS A CB  1 
ATOM   74   S  SG  . CYS A 1 9   ? -9.738  -3.344  6.092   1.00 15.32 ? 9   CYS A SG  1 
ATOM   75   N  N   . GLY A 1 10  ? -5.969  -1.987  9.239   1.00 15.57 ? 10  GLY A N   1 
ATOM   76   C  CA  . GLY A 1 10  ? -5.226  -1.202  10.247  1.00 16.26 ? 10  GLY A CA  1 
ATOM   77   C  C   . GLY A 1 10  ? -3.914  -1.927  10.577  1.00 16.87 ? 10  GLY A C   1 
ATOM   78   O  O   . GLY A 1 10  ? -3.537  -2.893  9.901   1.00 18.10 ? 10  GLY A O   1 
ATOM   79   N  N   . HIS A 1 11  ? -3.239  -1.442  11.612  1.00 16.88 ? 11  HIS A N   1 
ATOM   80   C  CA  . HIS A 1 11  ? -1.968  -2.040  12.071  1.00 17.22 ? 11  HIS A CA  1 
ATOM   81   C  C   . HIS A 1 11  ? -2.182  -3.496  12.462  1.00 17.32 ? 11  HIS A C   1 
ATOM   82   O  O   . HIS A 1 11  ? -2.895  -3.794  13.430  1.00 17.68 ? 11  HIS A O   1 
ATOM   83   C  CB  . HIS A 1 11  ? -1.436  -1.340  13.323  1.00 16.92 ? 11  HIS A CB  1 
ATOM   84   C  CG  . HIS A 1 11  ? -1.233  0.156   13.141  1.00 15.73 ? 11  HIS A CG  1 
ATOM   85   N  ND1 . HIS A 1 11  ? -2.275  1.056   13.294  1.00 16.03 ? 11  HIS A ND1 1 
ATOM   86   C  CD2 . HIS A 1 11  ? -0.132  0.886   12.829  1.00 16.02 ? 11  HIS A CD2 1 
ATOM   87   C  CE1 . HIS A 1 11  ? -1.803  2.269   13.079  1.00 15.44 ? 11  HIS A CE1 1 
ATOM   88   N  NE2 . HIS A 1 11  ? -0.525  2.186   12.800  1.00 16.65 ? 11  HIS A NE2 1 
ATOM   89   N  N   . GLY A 1 12  ? -1.548  -4.365  11.706  1.00 17.56 ? 12  GLY A N   1 
ATOM   90   C  CA  . GLY A 1 12  ? -1.649  -5.810  11.924  1.00 18.17 ? 12  GLY A CA  1 
ATOM   91   C  C   . GLY A 1 12  ? -3.083  -6.262  11.653  1.00 19.09 ? 12  GLY A C   1 
ATOM   92   O  O   . GLY A 1 12  ? -3.723  -5.811  10.693  1.00 19.30 ? 12  GLY A O   1 
ATOM   93   N  N   . ASN A 1 13  ? -3.544  -7.141  12.514  1.00 20.05 ? 13  ASN A N   1 
ATOM   94   C  CA  . ASN A 1 13  ? -4.894  -7.713  12.430  1.00 21.30 ? 13  ASN A CA  1 
ATOM   95   C  C   . ASN A 1 13  ? -5.312  -8.200  13.815  1.00 22.50 ? 13  ASN A C   1 
ATOM   96   O  O   . ASN A 1 13  ? -4.466  -8.426  14.689  1.00 23.24 ? 13  ASN A O   1 
ATOM   97   C  CB  . ASN A 1 13  ? -4.886  -8.887  11.444  1.00 20.86 ? 13  ASN A CB  1 
ATOM   98   C  CG  . ASN A 1 13  ? -4.230  -10.150 12.015  1.00 20.29 ? 13  ASN A CG  1 
ATOM   99   O  OD1 . ASN A 1 13  ? -4.911  -10.976 12.619  1.00 21.74 ? 13  ASN A OD1 1 
ATOM   100  N  ND2 . ASN A 1 13  ? -2.933  -10.358 11.859  1.00 21.08 ? 13  ASN A ND2 1 
ATOM   101  N  N   . LYS A 1 14  ? -6.613  -8.349  13.994  1.00 23.30 ? 14  LYS A N   1 
ATOM   102  C  CA  . LYS A 1 14  ? -7.165  -8.832  15.270  1.00 24.49 ? 14  LYS A CA  1 
ATOM   103  C  C   . LYS A 1 14  ? -8.077  -10.037 15.012  1.00 25.28 ? 14  LYS A C   1 
ATOM   104  O  O   . LYS A 1 14  ? -9.054  -10.270 15.740  1.00 25.98 ? 14  LYS A O   1 
ATOM   105  C  CB  . LYS A 1 14  ? -7.910  -7.706  15.994  1.00 25.26 ? 14  LYS A CB  1 
ATOM   106  C  CG  . LYS A 1 14  ? -9.225  -7.303  15.333  1.00 26.96 ? 14  LYS A CG  1 
ATOM   107  C  CD  . LYS A 1 14  ? -9.927  -6.162  16.072  1.00 29.06 ? 14  LYS A CD  1 
ATOM   108  C  CE  . LYS A 1 14  ? -11.449 -6.227  15.964  1.00 30.69 ? 14  LYS A CE  1 
ATOM   109  N  NZ  . LYS A 1 14  ? -12.025 -5.068  15.269  1.00 32.53 ? 14  LYS A NZ  1 
ATOM   110  N  N   . SER A 1 15  ? -7.700  -10.757 13.971  1.00 25.28 ? 15  SER A N   1 
ATOM   111  C  CA  . SER A 1 15  ? -8.370  -11.994 13.546  1.00 25.83 ? 15  SER A CA  1 
ATOM   112  C  C   . SER A 1 15  ? -7.920  -13.125 14.480  1.00 26.12 ? 15  SER A C   1 
ATOM   113  O  O   . SER A 1 15  ? -6.798  -13.109 15.007  1.00 26.39 ? 15  SER A O   1 
ATOM   114  C  CB  . SER A 1 15  ? -7.966  -12.301 12.099  1.00 25.87 ? 15  SER A CB  1 
ATOM   115  O  OG  . SER A 1 15  ? -8.495  -13.553 11.692  1.00 25.71 ? 15  SER A OG  1 
ATOM   116  N  N   . SER A 1 16  ? -8.796  -14.096 14.674  1.00 26.26 ? 16  SER A N   1 
ATOM   117  C  CA  . SER A 1 16  ? -8.509  -15.229 15.574  1.00 26.71 ? 16  SER A CA  1 
ATOM   118  C  C   . SER A 1 16  ? -7.940  -16.421 14.787  1.00 26.67 ? 16  SER A C   1 
ATOM   119  O  O   . SER A 1 16  ? -7.379  -17.361 15.369  1.00 27.84 ? 16  SER A O   1 
ATOM   120  C  CB  . SER A 1 16  ? -9.775  -15.640 16.335  1.00 27.58 ? 16  SER A CB  1 
ATOM   121  O  OG  . SER A 1 16  ? -10.711 -16.242 15.454  1.00 28.35 ? 16  SER A OG  1 
ATOM   122  N  N   . GLY A 1 17  ? -8.092  -16.344 13.477  1.00 25.83 ? 17  GLY A N   1 
ATOM   123  C  CA  . GLY A 1 17  ? -7.598  -17.373 12.546  1.00 24.78 ? 17  GLY A CA  1 
ATOM   124  C  C   . GLY A 1 17  ? -7.200  -16.718 11.222  1.00 24.53 ? 17  GLY A C   1 
ATOM   125  O  O   . GLY A 1 17  ? -7.601  -15.581 10.935  1.00 23.78 ? 17  GLY A O   1 
ATOM   126  N  N   . PRO A 1 18  ? -6.410  -17.394 10.375  1.00 24.58 ? 18  PRO A N   1 
ATOM   127  C  CA  . PRO A 1 18  ? -5.974  -16.828 9.109   1.00 24.36 ? 18  PRO A CA  1 
ATOM   128  C  C   . PRO A 1 18  ? -7.116  -16.555 8.150   1.00 23.98 ? 18  PRO A C   1 
ATOM   129  O  O   . PRO A 1 18  ? -6.951  -15.716 7.210   1.00 24.10 ? 18  PRO A O   1 
ATOM   130  C  CB  . PRO A 1 18  ? -5.091  -17.895 8.506   1.00 24.84 ? 18  PRO A CB  1 
ATOM   131  C  CG  . PRO A 1 18  ? -5.071  -19.075 9.462   1.00 24.87 ? 18  PRO A CG  1 
ATOM   132  C  CD  . PRO A 1 18  ? -5.903  -18.740 10.660  1.00 24.80 ? 18  PRO A CD  1 
ATOM   133  N  N   . ASN A 1 19  ? -8.245  -17.216 8.356   1.00 24.21 ? 19  ASN A N   1 
ATOM   134  C  CA  . ASN A 1 19  ? -9.365  -17.129 7.396   1.00 24.50 ? 19  ASN A CA  1 
ATOM   135  C  C   . ASN A 1 19  ? -10.591 -16.362 7.903   1.00 24.90 ? 19  ASN A C   1 
ATOM   136  O  O   . ASN A 1 19  ? -11.646 -16.353 7.253   1.00 25.37 ? 19  ASN A O   1 
ATOM   137  C  CB  . ASN A 1 19  ? -9.806  -18.534 7.010   1.00 24.92 ? 19  ASN A CB  1 
ATOM   138  C  CG  . ASN A 1 19  ? -8.698  -19.270 6.267   1.00 25.47 ? 19  ASN A CG  1 
ATOM   139  O  OD1 . ASN A 1 19  ? -7.972  -18.648 5.491   1.00 27.01 ? 19  ASN A OD1 1 
ATOM   140  N  ND2 . ASN A 1 19  ? -8.515  -20.561 6.462   1.00 24.40 ? 19  ASN A ND2 1 
ATOM   141  N  N   . GLU A 1 20  ? -10.465 -15.713 9.038   1.00 24.45 ? 20  GLU A N   1 
ATOM   142  C  CA  . GLU A 1 20  ? -11.585 -14.931 9.591   1.00 24.37 ? 20  GLU A CA  1 
ATOM   143  C  C   . GLU A 1 20  ? -11.677 -13.566 8.897   1.00 22.95 ? 20  GLU A C   1 
ATOM   144  O  O   . GLU A 1 20  ? -10.656 -12.918 8.627   1.00 22.05 ? 20  GLU A O   1 
ATOM   145  C  CB  . GLU A 1 20  ? -11.385 -14.693 11.091  1.00 26.43 ? 20  GLU A CB  1 
ATOM   146  C  CG  . GLU A 1 20  ? -12.427 -15.407 11.957  1.00 30.40 ? 20  GLU A CG  1 
ATOM   147  C  CD  . GLU A 1 20  ? -13.103 -14.479 12.967  1.00 32.38 ? 20  GLU A CD  1 
ATOM   148  O  OE1 . GLU A 1 20  ? -12.395 -13.895 13.871  1.00 33.30 ? 20  GLU A OE1 1 
ATOM   149  O  OE2 . GLU A 1 20  ? -14.376 -14.284 12.912  1.00 34.11 ? 20  GLU A OE2 1 
ATOM   150  N  N   . LEU A 1 21  ? -12.913 -13.183 8.627   1.00 22.19 ? 21  LEU A N   1 
ATOM   151  C  CA  . LEU A 1 21  ? -13.253 -11.878 8.029   1.00 21.24 ? 21  LEU A CA  1 
ATOM   152  C  C   . LEU A 1 21  ? -14.312 -11.215 8.910   1.00 21.35 ? 21  LEU A C   1 
ATOM   153  O  O   . LEU A 1 21  ? -15.067 -11.897 9.617   1.00 21.50 ? 21  LEU A O   1 
ATOM   154  C  CB  . LEU A 1 21  ? -13.826 -12.049 6.618   1.00 19.69 ? 21  LEU A CB  1 
ATOM   155  C  CG  . LEU A 1 21  ? -12.807 -12.534 5.582   1.00 19.64 ? 21  LEU A CG  1 
ATOM   156  C  CD1 . LEU A 1 21  ? -13.402 -12.637 4.175   1.00 17.58 ? 21  LEU A CD1 1 
ATOM   157  C  CD2 . LEU A 1 21  ? -11.589 -11.616 5.454   1.00 18.45 ? 21  LEU A CD2 1 
ATOM   158  N  N   . GLY A 1 22  ? -14.345 -9.902  8.842   1.00 21.78 ? 22  GLY A N   1 
ATOM   159  C  CA  . GLY A 1 22  ? -15.270 -9.094  9.648   1.00 22.56 ? 22  GLY A CA  1 
ATOM   160  C  C   . GLY A 1 22  ? -16.592 -8.857  8.913   1.00 23.03 ? 22  GLY A C   1 
ATOM   161  O  O   . GLY A 1 22  ? -16.809 -9.372  7.806   1.00 23.62 ? 22  GLY A O   1 
ATOM   162  N  N   . ARG A 1 23  ? -17.406 -8.073  9.591   1.00 22.99 ? 23  ARG A N   1 
ATOM   163  C  CA  . ARG A 1 23  ? -18.745 -7.659  9.146   1.00 23.48 ? 23  ARG A CA  1 
ATOM   164  C  C   . ARG A 1 23  ? -18.704 -7.172  7.687   1.00 22.87 ? 23  ARG A C   1 
ATOM   165  O  O   . ARG A 1 23  ? -19.497 -7.610  6.842   1.00 23.40 ? 23  ARG A O   1 
ATOM   166  C  CB  . ARG A 1 23  ? -19.224 -6.543  10.069  1.00 26.07 ? 23  ARG A CB  1 
ATOM   167  C  CG  . ARG A 1 23  ? -20.568 -5.955  9.674   1.00 30.27 ? 23  ARG A CG  1 
ATOM   168  C  CD  . ARG A 1 23  ? -21.216 -5.163  10.809  1.00 33.77 ? 23  ARG A CD  1 
ATOM   169  N  NE  . ARG A 1 23  ? -22.149 -4.155  10.307  1.00 37.14 ? 23  ARG A NE  1 
ATOM   170  C  CZ  . ARG A 1 23  ? -22.178 -2.879  10.703  1.00 38.59 ? 23  ARG A CZ  1 
ATOM   171  N  NH1 . ARG A 1 23  ? -21.337 -2.423  11.643  1.00 39.42 ? 23  ARG A NH1 1 
ATOM   172  N  NH2 . ARG A 1 23  ? -23.016 -1.971  10.191  1.00 39.34 ? 23  ARG A NH2 1 
ATOM   173  N  N   . PHE A 1 24  ? -17.789 -6.261  7.418   1.00 22.29 ? 24  PHE A N   1 
ATOM   174  C  CA  . PHE A 1 24  ? -17.577 -5.736  6.056   1.00 21.77 ? 24  PHE A CA  1 
ATOM   175  C  C   . PHE A 1 24  ? -16.633 -6.717  5.353   1.00 21.55 ? 24  PHE A C   1 
ATOM   176  O  O   . PHE A 1 24  ? -15.430 -6.447  5.206   1.00 22.20 ? 24  PHE A O   1 
ATOM   177  C  CB  . PHE A 1 24  ? -16.969 -4.325  6.143   1.00 21.68 ? 24  PHE A CB  1 
ATOM   178  C  CG  . PHE A 1 24  ? -17.868 -3.335  6.897   1.00 21.89 ? 24  PHE A CG  1 
ATOM   179  C  CD1 . PHE A 1 24  ? -19.226 -3.241  6.574   1.00 22.64 ? 24  PHE A CD1 1 
ATOM   180  C  CD2 . PHE A 1 24  ? -17.337 -2.523  7.911   1.00 23.08 ? 24  PHE A CD2 1 
ATOM   181  C  CE1 . PHE A 1 24  ? -20.052 -2.344  7.260   1.00 23.74 ? 24  PHE A CE1 1 
ATOM   182  C  CE2 . PHE A 1 24  ? -18.164 -1.625  8.599   1.00 22.91 ? 24  PHE A CE2 1 
ATOM   183  C  CZ  . PHE A 1 24  ? -19.521 -1.536  8.273   1.00 23.26 ? 24  PHE A CZ  1 
ATOM   184  N  N   . LYS A 1 25  ? -17.216 -7.850  4.937   1.00 21.76 ? 25  LYS A N   1 
ATOM   185  C  CA  . LYS A 1 25  ? -16.426 -8.981  4.399   1.00 21.21 ? 25  LYS A CA  1 
ATOM   186  C  C   . LYS A 1 25  ? -15.690 -8.662  3.082   1.00 19.50 ? 25  LYS A C   1 
ATOM   187  O  O   . LYS A 1 25  ? -14.643 -9.251  2.787   1.00 18.54 ? 25  LYS A O   1 
ATOM   188  C  CB  . LYS A 1 25  ? -17.251 -10.314 4.271   1.00 24.25 ? 25  LYS A CB  1 
ATOM   189  C  CG  . LYS A 1 25  ? -18.569 -10.305 3.469   1.00 27.18 ? 25  LYS A CG  1 
ATOM   190  C  CD  . LYS A 1 25  ? -18.801 -11.642 2.708   1.00 29.01 ? 25  LYS A CD  1 
ATOM   191  C  CE  . LYS A 1 25  ? -19.995 -12.476 3.216   1.00 30.55 ? 25  LYS A CE  1 
ATOM   192  N  NZ  . LYS A 1 25  ? -19.776 -13.930 3.098   1.00 32.11 ? 25  LYS A NZ  1 
ATOM   193  N  N   . HIS A 1 26  ? -16.185 -7.733  2.287   1.00 18.57 ? 26  HIS A N   1 
ATOM   194  C  CA  . HIS A 1 26  ? -15.516 -7.412  1.002   1.00 16.94 ? 26  HIS A CA  1 
ATOM   195  C  C   . HIS A 1 26  ? -14.325 -6.472  1.220   1.00 16.98 ? 26  HIS A C   1 
ATOM   196  O  O   . HIS A 1 26  ? -13.256 -6.643  0.613   1.00 16.12 ? 26  HIS A O   1 
ATOM   197  C  CB  . HIS A 1 26  ? -16.507 -6.795  0.026   1.00 18.81 ? 26  HIS A CB  1 
ATOM   198  C  CG  . HIS A 1 26  ? -17.684 -7.727  -0.220  1.00 20.15 ? 26  HIS A CG  1 
ATOM   199  N  ND1 . HIS A 1 26  ? -17.504 -9.021  -0.702  1.00 21.73 ? 26  HIS A ND1 1 
ATOM   200  C  CD2 . HIS A 1 26  ? -19.017 -7.564  -0.045  1.00 20.99 ? 26  HIS A CD2 1 
ATOM   201  C  CE1 . HIS A 1 26  ? -18.692 -9.588  -0.798  1.00 21.48 ? 26  HIS A CE1 1 
ATOM   202  N  NE2 . HIS A 1 26  ? -19.604 -8.732  -0.410  1.00 22.88 ? 26  HIS A NE2 1 
ATOM   203  N  N   . THR A 1 27  ? -14.524 -5.497  2.085   1.00 15.77 ? 27  THR A N   1 
ATOM   204  C  CA  . THR A 1 27  ? -13.471 -4.523  2.411   1.00 14.66 ? 27  THR A CA  1 
ATOM   205  C  C   . THR A 1 27  ? -12.342 -5.213  3.171   1.00 14.37 ? 27  THR A C   1 
ATOM   206  O  O   . THR A 1 27  ? -11.156 -5.005  2.881   1.00 13.61 ? 27  THR A O   1 
ATOM   207  C  CB  . THR A 1 27  ? -14.027 -3.398  3.286   1.00 12.75 ? 27  THR A CB  1 
ATOM   208  O  OG1 . THR A 1 27  ? -14.917 -2.595  2.526   1.00 13.60 ? 27  THR A OG1 1 
ATOM   209  C  CG2 . THR A 1 27  ? -12.933 -2.479  3.841   1.00 14.46 ? 27  THR A CG2 1 
ATOM   210  N  N   . ASP A 1 28  ? -12.757 -6.021  4.125   1.00 14.24 ? 28  ASP A N   1 
ATOM   211  C  CA  . ASP A 1 28  ? -11.836 -6.755  4.996   1.00 14.26 ? 28  ASP A CA  1 
ATOM   212  C  C   . ASP A 1 28  ? -10.989 -7.752  4.195   1.00 15.01 ? 28  ASP A C   1 
ATOM   213  O  O   . ASP A 1 28  ? -9.805  -7.965  4.493   1.00 14.66 ? 28  ASP A O   1 
ATOM   214  C  CB  . ASP A 1 28  ? -12.606 -7.509  6.074   1.00 12.63 ? 28  ASP A CB  1 
ATOM   215  C  CG  . ASP A 1 28  ? -11.753 -7.740  7.316   1.00 13.14 ? 28  ASP A CG  1 
ATOM   216  O  OD1 . ASP A 1 28  ? -10.670 -7.060  7.481   1.00 13.49 ? 28  ASP A OD1 1 
ATOM   217  O  OD2 . ASP A 1 28  ? -12.112 -8.611  8.191   1.00 12.44 ? 28  ASP A OD2 1 
ATOM   218  N  N   . ALA A 1 29  ? -11.606 -8.349  3.194   1.00 14.93 ? 29  ALA A N   1 
ATOM   219  C  CA  . ALA A 1 29  ? -10.925 -9.327  2.328   1.00 15.26 ? 29  ALA A CA  1 
ATOM   220  C  C   . ALA A 1 29  ? -9.750  -8.660  1.607   1.00 15.22 ? 29  ALA A C   1 
ATOM   221  O  O   . ALA A 1 29  ? -8.668  -9.248  1.463   1.00 15.99 ? 29  ALA A O   1 
ATOM   222  C  CB  . ALA A 1 29  ? -11.899 -9.877  1.285   1.00 13.89 ? 29  ALA A CB  1 
ATOM   223  N  N   . CYS A 1 30  ? -10.002 -7.441  1.179   1.00 14.74 ? 30  CYS A N   1 
ATOM   224  C  CA  . CYS A 1 30  ? -9.019  -6.638  0.455   1.00 14.65 ? 30  CYS A CA  1 
ATOM   225  C  C   . CYS A 1 30  ? -7.809  -6.346  1.391   1.00 14.11 ? 30  CYS A C   1 
ATOM   226  O  O   . CYS A 1 30  ? -6.644  -6.354  0.964   1.00 15.20 ? 30  CYS A O   1 
ATOM   227  C  CB  . CYS A 1 30  ? -9.723  -5.385  -0.095  1.00 14.18 ? 30  CYS A CB  1 
ATOM   228  S  SG  . CYS A 1 30  ? -10.632 -5.732  -1.673  1.00 16.09 ? 30  CYS A SG  1 
ATOM   229  N  N   . CYS A 1 31  ? -8.092  -6.116  2.675   1.00 13.56 ? 31  CYS A N   1 
ATOM   230  C  CA  . CYS A 1 31  ? -7.038  -5.815  3.686   1.00 12.68 ? 31  CYS A CA  1 
ATOM   231  C  C   . CYS A 1 31  ? -6.277  -7.078  4.100   1.00 12.19 ? 31  CYS A C   1 
ATOM   232  O  O   . CYS A 1 31  ? -5.064  -7.039  4.355   1.00 13.14 ? 31  CYS A O   1 
ATOM   233  C  CB  . CYS A 1 31  ? -7.643  -5.201  4.950   1.00 11.51 ? 31  CYS A CB  1 
ATOM   234  S  SG  . CYS A 1 31  ? -8.363  -3.523  4.636   1.00 15.15 ? 31  CYS A SG  1 
ATOM   235  N  N   . ARG A 1 32  ? -7.011  -8.168  4.164   1.00 12.52 ? 32  ARG A N   1 
ATOM   236  C  CA  . ARG A 1 32  ? -6.451  -9.474  4.532   1.00 12.51 ? 32  ARG A CA  1 
ATOM   237  C  C   . ARG A 1 32  ? -5.336  -9.845  3.547   1.00 12.35 ? 32  ARG A C   1 
ATOM   238  O  O   . ARG A 1 32  ? -4.221  -10.203 3.951   1.00 12.02 ? 32  ARG A O   1 
ATOM   239  C  CB  . ARG A 1 32  ? -7.551  -10.535 4.494   1.00 12.54 ? 32  ARG A CB  1 
ATOM   240  C  CG  . ARG A 1 32  ? -7.088  -11.906 4.982   1.00 11.72 ? 32  ARG A CG  1 
ATOM   241  C  CD  . ARG A 1 32  ? -8.201  -12.952 4.938   1.00 12.22 ? 32  ARG A CD  1 
ATOM   242  N  NE  . ARG A 1 32  ? -7.695  -14.323 5.034   1.00 13.19 ? 32  ARG A NE  1 
ATOM   243  C  CZ  . ARG A 1 32  ? -7.271  -15.036 3.986   1.00 12.83 ? 32  ARG A CZ  1 
ATOM   244  N  NH1 . ARG A 1 32  ? -7.297  -14.522 2.748   1.00 12.57 ? 32  ARG A NH1 1 
ATOM   245  N  NH2 . ARG A 1 32  ? -6.793  -16.283 4.081   1.00 13.14 ? 32  ARG A NH2 1 
ATOM   246  N  N   . THR A 1 33  ? -5.670  -9.739  2.271   1.00 13.19 ? 33  THR A N   1 
ATOM   247  C  CA  . THR A 1 33  ? -4.734  -10.051 1.177   1.00 13.15 ? 33  THR A CA  1 
ATOM   248  C  C   . THR A 1 33  ? -3.552  -9.077  1.205   1.00 12.75 ? 33  THR A C   1 
ATOM   249  O  O   . THR A 1 33  ? -2.398  -9.465  0.971   1.00 12.97 ? 33  THR A O   1 
ATOM   250  C  CB  . THR A 1 33  ? -5.448  -9.962  -0.175  1.00 13.65 ? 33  THR A CB  1 
ATOM   251  O  OG1 . THR A 1 33  ? -6.426  -10.990 -0.268  1.00 17.27 ? 33  THR A OG1 1 
ATOM   252  C  CG2 . THR A 1 33  ? -4.497  -10.117 -1.366  1.00 14.87 ? 33  THR A CG2 1 
ATOM   253  N  N   . HIS A 1 34  ? -3.871  -7.829  1.497   1.00 12.58 ? 34  HIS A N   1 
ATOM   254  C  CA  . HIS A 1 34  ? -2.869  -6.756  1.590   1.00 12.56 ? 34  HIS A CA  1 
ATOM   255  C  C   . HIS A 1 34  ? -1.835  -7.115  2.669   1.00 13.69 ? 34  HIS A C   1 
ATOM   256  O  O   . HIS A 1 34  ? -0.618  -7.018  2.451   1.00 15.01 ? 34  HIS A O   1 
ATOM   257  C  CB  . HIS A 1 34  ? -3.562  -5.430  1.940   1.00 10.75 ? 34  HIS A CB  1 
ATOM   258  C  CG  . HIS A 1 34  ? -2.704  -4.189  1.659   1.00 10.50 ? 34  HIS A CG  1 
ATOM   259  N  ND1 . HIS A 1 34  ? -2.671  -3.108  2.536   1.00 10.47 ? 34  HIS A ND1 1 
ATOM   260  C  CD2 . HIS A 1 34  ? -1.877  -3.863  0.629   1.00 10.26 ? 34  HIS A CD2 1 
ATOM   261  C  CE1 . HIS A 1 34  ? -1.853  -2.197  2.038   1.00 9.58  ? 34  HIS A CE1 1 
ATOM   262  N  NE2 . HIS A 1 34  ? -1.371  -2.631  0.902   1.00 10.18 ? 34  HIS A NE2 1 
ATOM   263  N  N   . ASP A 1 35  ? -2.352  -7.535  3.811   1.00 15.57 ? 35  ASP A N   1 
ATOM   264  C  CA  . ASP A 1 35  ? -1.526  -7.913  4.974   1.00 16.60 ? 35  ASP A CA  1 
ATOM   265  C  C   . ASP A 1 35  ? -0.660  -9.149  4.669   1.00 16.84 ? 35  ASP A C   1 
ATOM   266  O  O   . ASP A 1 35  ? 0.416   -9.334  5.256   1.00 17.52 ? 35  ASP A O   1 
ATOM   267  C  CB  . ASP A 1 35  ? -2.418  -8.263  6.174   1.00 16.28 ? 35  ASP A CB  1 
ATOM   268  C  CG  . ASP A 1 35  ? -2.852  -7.049  7.003   1.00 15.87 ? 35  ASP A CG  1 
ATOM   269  O  OD1 . ASP A 1 35  ? -2.900  -5.879  6.465   1.00 16.12 ? 35  ASP A OD1 1 
ATOM   270  O  OD2 . ASP A 1 35  ? -3.175  -7.199  8.242   1.00 16.48 ? 35  ASP A OD2 1 
ATOM   271  N  N   . MET A 1 36  ? -1.148  -9.970  3.749   1.00 17.21 ? 36  MET A N   1 
ATOM   272  C  CA  . MET A 1 36  ? -0.487  -11.244 3.386   1.00 16.36 ? 36  MET A CA  1 
ATOM   273  C  C   . MET A 1 36  ? 0.481   -11.083 2.204   1.00 16.64 ? 36  MET A C   1 
ATOM   274  O  O   . MET A 1 36  ? 0.923   -12.075 1.602   1.00 16.44 ? 36  MET A O   1 
ATOM   275  C  CB  . MET A 1 36  ? -1.546  -12.290 3.047   1.00 16.39 ? 36  MET A CB  1 
ATOM   276  C  CG  . MET A 1 36  ? -2.136  -12.912 4.309   1.00 17.68 ? 36  MET A CG  1 
ATOM   277  S  SD  . MET A 1 36  ? -3.488  -14.020 4.007   1.00 19.81 ? 36  MET A SD  1 
ATOM   278  C  CE  . MET A 1 36  ? -4.202  -14.483 5.569   1.00 18.22 ? 36  MET A CE  1 
ATOM   279  N  N   . CYS A 1 37  ? 0.795   -9.836  1.912   1.00 16.00 ? 37  CYS A N   1 
ATOM   280  C  CA  . CYS A 1 37  ? 1.735   -9.473  0.836   1.00 16.13 ? 37  CYS A CA  1 
ATOM   281  C  C   . CYS A 1 37  ? 3.069   -10.210 1.052   1.00 16.11 ? 37  CYS A C   1 
ATOM   282  O  O   . CYS A 1 37  ? 3.627   -10.207 2.160   1.00 16.17 ? 37  CYS A O   1 
ATOM   283  C  CB  . CYS A 1 37  ? 1.960   -7.962  0.858   1.00 15.94 ? 37  CYS A CB  1 
ATOM   284  S  SG  . CYS A 1 37  ? 3.238   -7.401  -0.364  1.00 17.20 ? 37  CYS A SG  1 
ATOM   285  N  N   . PRO A 1 38  ? 3.626   -10.868 0.018   1.00 16.45 ? 38  PRO A N   1 
ATOM   286  C  CA  . PRO A 1 38  ? 4.863   -11.633 0.154   1.00 16.34 ? 38  PRO A CA  1 
ATOM   287  C  C   . PRO A 1 38  ? 6.068   -10.795 0.555   1.00 17.18 ? 38  PRO A C   1 
ATOM   288  O  O   . PRO A 1 38  ? 7.024   -11.344 1.184   1.00 17.04 ? 38  PRO A O   1 
ATOM   289  C  CB  . PRO A 1 38  ? 5.085   -12.229 -1.217  1.00 16.45 ? 38  PRO A CB  1 
ATOM   290  C  CG  . PRO A 1 38  ? 3.955   -11.760 -2.119  1.00 15.63 ? 38  PRO A CG  1 
ATOM   291  C  CD  . PRO A 1 38  ? 3.035   -10.885 -1.326  1.00 15.45 ? 38  PRO A CD  1 
ATOM   292  N  N   . ASP A 1 39  ? 6.045   -9.515  0.220   1.00 18.63 ? 39  ASP A N   1 
ATOM   293  C  CA  . ASP A 1 39  ? 7.198   -8.617  0.471   1.00 19.53 ? 39  ASP A CA  1 
ATOM   294  C  C   . ASP A 1 39  ? 6.750   -7.314  1.157   1.00 20.11 ? 39  ASP A C   1 
ATOM   295  O  O   . ASP A 1 39  ? 6.126   -6.443  0.535   1.00 20.47 ? 39  ASP A O   1 
ATOM   296  C  CB  . ASP A 1 39  ? 7.851   -8.296  -0.883  1.00 20.78 ? 39  ASP A CB  1 
ATOM   297  C  CG  . ASP A 1 39  ? 9.272   -7.731  -0.802  1.00 22.17 ? 39  ASP A CG  1 
ATOM   298  O  OD1 . ASP A 1 39  ? 9.798   -7.447  0.338   1.00 22.57 ? 39  ASP A OD1 1 
ATOM   299  O  OD2 . ASP A 1 39  ? 9.944   -7.534  -1.886  1.00 24.87 ? 39  ASP A OD2 1 
ATOM   300  N  N   . VAL A 1 40  ? 7.090   -7.226  2.431   1.00 19.42 ? 40  VAL A N   1 
ATOM   301  C  CA  . VAL A 1 40  ? 6.780   -6.057  3.274   1.00 20.36 ? 40  VAL A CA  1 
ATOM   302  C  C   . VAL A 1 40  ? 7.968   -5.772  4.190   1.00 20.80 ? 40  VAL A C   1 
ATOM   303  O  O   . VAL A 1 40  ? 8.810   -6.646  4.438   1.00 20.56 ? 40  VAL A O   1 
ATOM   304  C  CB  . VAL A 1 40  ? 5.596   -6.362  4.208   1.00 18.46 ? 40  VAL A CB  1 
ATOM   305  C  CG1 . VAL A 1 40  ? 4.310   -6.704  3.453   1.00 17.50 ? 40  VAL A CG1 1 
ATOM   306  C  CG2 . VAL A 1 40  ? 5.859   -7.548  5.138   1.00 18.79 ? 40  VAL A CG2 1 
ATOM   307  N  N   . MET A 1 41  ? 8.033   -4.553  4.680   1.00 21.90 ? 41  MET A N   1 
ATOM   308  C  CA  . MET A 1 41  ? 9.054   -4.191  5.669   1.00 22.80 ? 41  MET A CA  1 
ATOM   309  C  C   . MET A 1 41  ? 8.391   -3.405  6.794   1.00 23.27 ? 41  MET A C   1 
ATOM   310  O  O   . MET A 1 41  ? 7.806   -2.334  6.569   1.00 23.98 ? 41  MET A O   1 
ATOM   311  C  CB  . MET A 1 41  ? 10.239  -3.425  5.055   1.00 25.76 ? 41  MET A CB  1 
ATOM   312  C  CG  . MET A 1 41  ? 9.874   -2.330  4.056   1.00 26.59 ? 41  MET A CG  1 
ATOM   313  S  SD  . MET A 1 41  ? 11.304  -1.399  3.530   1.00 28.84 ? 41  MET A SD  1 
ATOM   314  C  CE  . MET A 1 41  ? 11.854  -1.961  1.932   1.00 24.76 ? 41  MET A CE  1 
ATOM   315  N  N   . SER A 1 42  ? 8.513   -4.012  7.957   1.00 23.87 ? 42  SER A N   1 
ATOM   316  C  CA  . SER A 1 42  ? 7.959   -3.500  9.207   1.00 24.55 ? 42  SER A CA  1 
ATOM   317  C  C   . SER A 1 42  ? 8.565   -2.145  9.534   1.00 24.84 ? 42  SER A C   1 
ATOM   318  O  O   . SER A 1 42  ? 9.617   -1.767  8.996   1.00 24.37 ? 42  SER A O   1 
ATOM   319  C  CB  . SER A 1 42  ? 8.280   -4.463  10.350  1.00 25.47 ? 42  SER A CB  1 
ATOM   320  O  OG  . SER A 1 42  ? 7.796   -5.762  10.038  1.00 28.56 ? 42  SER A OG  1 
ATOM   321  N  N   . ALA A 1 43  ? 7.876   -1.458  10.411  1.00 25.54 ? 43  ALA A N   1 
ATOM   322  C  CA  . ALA A 1 43  ? 8.294   -0.141  10.874  1.00 26.66 ? 43  ALA A CA  1 
ATOM   323  C  C   . ALA A 1 43  ? 9.723   -0.219  11.412  1.00 27.53 ? 43  ALA A C   1 
ATOM   324  O  O   . ALA A 1 43  ? 10.018  -1.006  12.324  1.00 28.33 ? 43  ALA A O   1 
ATOM   325  C  CB  . ALA A 1 43  ? 7.360   0.340   11.988  1.00 26.76 ? 43  ALA A CB  1 
ATOM   326  N  N   . GLY A 1 44  ? 10.566  0.598   10.808  1.00 28.13 ? 44  GLY A N   1 
ATOM   327  C  CA  . GLY A 1 44  ? 11.977  0.740   11.203  1.00 29.12 ? 44  GLY A CA  1 
ATOM   328  C  C   . GLY A 1 44  ? 12.878  -0.349  10.594  1.00 29.50 ? 44  GLY A C   1 
ATOM   329  O  O   . GLY A 1 44  ? 14.101  -0.351  10.793  1.00 30.36 ? 44  GLY A O   1 
ATOM   330  N  N   . GLU A 1 45  ? 12.284  -1.270  9.854   1.00 29.55 ? 45  GLU A N   1 
ATOM   331  C  CA  . GLU A 1 45  ? 13.054  -2.369  9.233   1.00 29.23 ? 45  GLU A CA  1 
ATOM   332  C  C   . GLU A 1 45  ? 13.850  -1.862  8.023   1.00 29.16 ? 45  GLU A C   1 
ATOM   333  O  O   . GLU A 1 45  ? 13.496  -0.845  7.406   1.00 28.66 ? 45  GLU A O   1 
ATOM   334  C  CB  . GLU A 1 45  ? 12.133  -3.496  8.756   1.00 29.97 ? 45  GLU A CB  1 
ATOM   335  C  CG  . GLU A 1 45  ? 12.916  -4.676  8.165   1.00 30.34 ? 45  GLU A CG  1 
ATOM   336  C  CD  . GLU A 1 45  ? 12.023  -5.810  7.655   1.00 30.94 ? 45  GLU A CD  1 
ATOM   337  O  OE1 . GLU A 1 45  ? 10.830  -5.955  8.123   1.00 30.35 ? 45  GLU A OE1 1 
ATOM   338  O  OE2 . GLU A 1 45  ? 12.465  -6.624  6.756   1.00 32.69 ? 45  GLU A OE2 1 
ATOM   339  N  N   . SER A 1 46  ? 14.908  -2.607  7.735   1.00 28.84 ? 46  SER A N   1 
ATOM   340  C  CA  . SER A 1 46  ? 15.822  -2.336  6.609   1.00 28.45 ? 46  SER A CA  1 
ATOM   341  C  C   . SER A 1 46  ? 15.782  -3.519  5.636   1.00 27.76 ? 46  SER A C   1 
ATOM   342  O  O   . SER A 1 46  ? 15.971  -4.679  6.032   1.00 28.71 ? 46  SER A O   1 
ATOM   343  C  CB  . SER A 1 46  ? 17.248  -2.148  7.130   1.00 29.44 ? 46  SER A CB  1 
ATOM   344  O  OG  . SER A 1 46  ? 17.511  -0.769  7.341   1.00 30.76 ? 46  SER A OG  1 
ATOM   345  N  N   . LYS A 1 47  ? 15.542  -3.187  4.378   1.00 26.67 ? 47  LYS A N   1 
ATOM   346  C  CA  . LYS A 1 47  ? 15.402  -4.187  3.307   1.00 25.88 ? 47  LYS A CA  1 
ATOM   347  C  C   . LYS A 1 47  ? 15.743  -3.589  1.937   1.00 25.44 ? 47  LYS A C   1 
ATOM   348  O  O   . LYS A 1 47  ? 15.473  -2.411  1.669   1.00 25.71 ? 47  LYS A O   1 
ATOM   349  C  CB  . LYS A 1 47  ? 13.944  -4.646  3.244   1.00 25.24 ? 47  LYS A CB  1 
ATOM   350  C  CG  . LYS A 1 47  ? 13.760  -6.156  3.355   1.00 25.32 ? 47  LYS A CG  1 
ATOM   351  C  CD  . LYS A 1 47  ? 12.288  -6.565  3.263   1.00 26.30 ? 47  LYS A CD  1 
ATOM   352  C  CE  . LYS A 1 47  ? 12.089  -8.055  2.995   1.00 25.98 ? 47  LYS A CE  1 
ATOM   353  N  NZ  . LYS A 1 47  ? 10.688  -8.404  2.719   1.00 27.19 ? 47  LYS A NZ  1 
ATOM   354  N  N   . HIS A 1 48  ? 16.325  -4.438  1.111   1.00 25.43 ? 48  HIS A N   1 
ATOM   355  C  CA  . HIS A 1 48  ? 16.699  -4.097  -0.275  1.00 25.57 ? 48  HIS A CA  1 
ATOM   356  C  C   . HIS A 1 48  ? 17.518  -2.804  -0.351  1.00 25.78 ? 48  HIS A C   1 
ATOM   357  O  O   . HIS A 1 48  ? 17.504  -2.098  -1.370  1.00 26.01 ? 48  HIS A O   1 
ATOM   358  C  CB  . HIS A 1 48  ? 15.449  -3.876  -1.128  1.00 25.25 ? 48  HIS A CB  1 
ATOM   359  C  CG  . HIS A 1 48  ? 14.430  -5.013  -1.029  1.00 25.67 ? 48  HIS A CG  1 
ATOM   360  N  ND1 . HIS A 1 48  ? 14.745  -6.317  -1.396  1.00 25.75 ? 48  HIS A ND1 1 
ATOM   361  C  CD2 . HIS A 1 48  ? 13.135  -5.034  -0.617  1.00 25.37 ? 48  HIS A CD2 1 
ATOM   362  C  CE1 . HIS A 1 48  ? 13.674  -7.066  -1.206  1.00 25.32 ? 48  HIS A CE1 1 
ATOM   363  N  NE2 . HIS A 1 48  ? 12.705  -6.317  -0.742  1.00 25.31 ? 48  HIS A NE2 1 
ATOM   364  N  N   . GLY A 1 49  ? 18.217  -2.509  0.723   1.00 25.77 ? 49  GLY A N   1 
ATOM   365  C  CA  . GLY A 1 49  ? 19.082  -1.318  0.794   1.00 25.71 ? 49  GLY A CA  1 
ATOM   366  C  C   . GLY A 1 49  ? 18.280  -0.071  1.187   1.00 26.12 ? 49  GLY A C   1 
ATOM   367  O  O   . GLY A 1 49  ? 18.819  1.045   1.231   1.00 27.11 ? 49  GLY A O   1 
ATOM   368  N  N   . LEU A 1 50  ? 17.009  -0.292  1.453   1.00 25.84 ? 50  LEU A N   1 
ATOM   369  C  CA  . LEU A 1 50  ? 16.092  0.767   1.906   1.00 25.53 ? 50  LEU A CA  1 
ATOM   370  C  C   . LEU A 1 50  ? 15.758  0.528   3.371   1.00 25.82 ? 50  LEU A C   1 
ATOM   371  O  O   . LEU A 1 50  ? 15.978  -0.566  3.906   1.00 26.15 ? 50  LEU A O   1 
ATOM   372  C  CB  . LEU A 1 50  ? 14.760  0.720   1.143   1.00 24.83 ? 50  LEU A CB  1 
ATOM   373  C  CG  . LEU A 1 50  ? 14.898  0.778   -0.378  1.00 24.04 ? 50  LEU A CG  1 
ATOM   374  C  CD1 . LEU A 1 50  ? 13.546  0.726   -1.095  1.00 24.42 ? 50  LEU A CD1 1 
ATOM   375  C  CD2 . LEU A 1 50  ? 15.579  2.056   -0.872  1.00 24.16 ? 50  LEU A CD2 1 
ATOM   376  N  N   . THR A 1 51  ? 15.233  1.545   4.008   1.00 25.66 ? 51  THR A N   1 
ATOM   377  C  CA  . THR A 1 51  ? 14.787  1.411   5.396   1.00 26.32 ? 51  THR A CA  1 
ATOM   378  C  C   . THR A 1 51  ? 13.531  2.260   5.595   1.00 25.94 ? 51  THR A C   1 
ATOM   379  O  O   . THR A 1 51  ? 13.487  3.443   5.224   1.00 25.76 ? 51  THR A O   1 
ATOM   380  C  CB  . THR A 1 51  ? 15.922  1.746   6.380   1.00 27.86 ? 51  THR A CB  1 
ATOM   381  O  OG1 . THR A 1 51  ? 15.399  2.378   7.541   1.00 28.54 ? 51  THR A OG1 1 
ATOM   382  C  CG2 . THR A 1 51  ? 16.999  2.660   5.792   1.00 27.45 ? 51  THR A CG2 1 
ATOM   383  N  N   . ASN A 1 52  ? 12.559  1.580   6.158   1.00 25.80 ? 52  ASN A N   1 
ATOM   384  C  CA  . ASN A 1 52  ? 11.235  2.126   6.454   1.00 26.67 ? 52  ASN A CA  1 
ATOM   385  C  C   . ASN A 1 52  ? 11.305  2.905   7.770   1.00 27.54 ? 52  ASN A C   1 
ATOM   386  O  O   . ASN A 1 52  ? 11.468  2.320   8.852   1.00 27.88 ? 52  ASN A O   1 
ATOM   387  C  CB  . ASN A 1 52  ? 10.249  0.959   6.546   1.00 24.84 ? 52  ASN A CB  1 
ATOM   388  C  CG  . ASN A 1 52  ? 8.826   1.383   6.884   1.00 24.71 ? 52  ASN A CG  1 
ATOM   389  O  OD1 . ASN A 1 52  ? 8.505   2.567   6.800   1.00 26.52 ? 52  ASN A OD1 1 
ATOM   390  N  ND2 . ASN A 1 52  ? 7.945   0.476   7.262   1.00 23.50 ? 52  ASN A ND2 1 
ATOM   391  N  N   . THR A 1 53  ? 11.182  4.215   7.638   1.00 28.62 ? 53  THR A N   1 
ATOM   392  C  CA  . THR A 1 53  ? 11.270  5.132   8.785   1.00 29.26 ? 53  THR A CA  1 
ATOM   393  C  C   . THR A 1 53  ? 9.880   5.530   9.290   1.00 29.39 ? 53  THR A C   1 
ATOM   394  O  O   . THR A 1 53  ? 9.746   6.377   10.184  1.00 29.70 ? 53  THR A O   1 
ATOM   395  C  CB  . THR A 1 53  ? 12.048  6.396   8.403   1.00 30.04 ? 53  THR A CB  1 
ATOM   396  O  OG1 . THR A 1 53  ? 11.345  7.121   7.404   1.00 31.26 ? 53  THR A OG1 1 
ATOM   397  C  CG2 . THR A 1 53  ? 13.448  6.094   7.861   1.00 30.41 ? 53  THR A CG2 1 
ATOM   398  N  N   . ALA A 1 54  ? 8.865   4.915   8.713   1.00 28.75 ? 54  ALA A N   1 
ATOM   399  C  CA  . ALA A 1 54  ? 7.476   5.157   9.130   1.00 27.94 ? 54  ALA A CA  1 
ATOM   400  C  C   . ALA A 1 54  ? 7.178   4.294   10.354  1.00 27.47 ? 54  ALA A C   1 
ATOM   401  O  O   . ALA A 1 54  ? 7.891   3.318   10.635  1.00 27.35 ? 54  ALA A O   1 
ATOM   402  C  CB  . ALA A 1 54  ? 6.505   4.797   8.005   1.00 28.14 ? 54  ALA A CB  1 
ATOM   403  N  N   . SER A 1 55  ? 6.132   4.675   11.057  1.00 27.26 ? 55  SER A N   1 
ATOM   404  C  CA  . SER A 1 55  ? 5.704   3.955   12.257  1.00 27.38 ? 55  SER A CA  1 
ATOM   405  C  C   . SER A 1 55  ? 4.707   2.859   11.877  1.00 26.88 ? 55  SER A C   1 
ATOM   406  O  O   . SER A 1 55  ? 4.131   2.189   12.747  1.00 27.65 ? 55  SER A O   1 
ATOM   407  C  CB  . SER A 1 55  ? 5.069   4.915   13.264  1.00 28.78 ? 55  SER A CB  1 
ATOM   408  O  OG  . SER A 1 55  ? 4.022   5.645   12.647  1.00 31.99 ? 55  SER A OG  1 
ATOM   409  N  N   . HIS A 1 56  ? 4.512   2.704   10.570  1.00 26.00 ? 56  HIS A N   1 
ATOM   410  C  CA  . HIS A 1 56  ? 3.649   1.632   10.045  1.00 25.12 ? 56  HIS A CA  1 
ATOM   411  C  C   . HIS A 1 56  ? 4.378   0.866   8.940   1.00 23.17 ? 56  HIS A C   1 
ATOM   412  O  O   . HIS A 1 56  ? 5.409   1.317   8.418   1.00 22.19 ? 56  HIS A O   1 
ATOM   413  C  CB  . HIS A 1 56  ? 2.255   2.140   9.562   1.00 26.99 ? 56  HIS A CB  1 
ATOM   414  C  CG  . HIS A 1 56  ? 2.186   3.303   8.536   1.00 28.19 ? 56  HIS A CG  1 
ATOM   415  N  ND1 . HIS A 1 56  ? 2.255   3.093   7.154   1.00 29.29 ? 56  HIS A ND1 1 
ATOM   416  C  CD2 . HIS A 1 56  ? 2.018   4.649   8.692   1.00 29.11 ? 56  HIS A CD2 1 
ATOM   417  C  CE1 . HIS A 1 56  ? 2.126   4.265   6.545   1.00 30.64 ? 56  HIS A CE1 1 
ATOM   418  N  NE2 . HIS A 1 56  ? 1.983   5.199   7.447   1.00 31.23 ? 56  HIS A NE2 1 
ATOM   419  N  N   . THR A 1 57  ? 3.815   -0.285  8.641   1.00 21.62 ? 57  THR A N   1 
ATOM   420  C  CA  . THR A 1 57  ? 4.344   -1.189  7.621   1.00 20.10 ? 57  THR A CA  1 
ATOM   421  C  C   . THR A 1 57  ? 4.215   -0.557  6.244   1.00 18.88 ? 57  THR A C   1 
ATOM   422  O  O   . THR A 1 57  ? 3.223   0.121   5.942   1.00 18.66 ? 57  THR A O   1 
ATOM   423  C  CB  . THR A 1 57  ? 3.551   -2.501  7.604   1.00 20.11 ? 57  THR A CB  1 
ATOM   424  O  OG1 . THR A 1 57  ? 3.649   -3.151  8.861   1.00 21.43 ? 57  THR A OG1 1 
ATOM   425  C  CG2 . THR A 1 57  ? 4.045   -3.486  6.541   1.00 20.78 ? 57  THR A CG2 1 
ATOM   426  N  N   . ARG A 1 58  ? 5.231   -0.797  5.457   1.00 17.54 ? 58  ARG A N   1 
ATOM   427  C  CA  . ARG A 1 58  ? 5.273   -0.355  4.067   1.00 16.73 ? 58  ARG A CA  1 
ATOM   428  C  C   . ARG A 1 58  ? 5.549   -1.598  3.229   1.00 16.51 ? 58  ARG A C   1 
ATOM   429  O  O   . ARG A 1 58  ? 6.414   -2.418  3.571   1.00 16.61 ? 58  ARG A O   1 
ATOM   430  C  CB  . ARG A 1 58  ? 6.315   0.760   3.909   1.00 17.28 ? 58  ARG A CB  1 
ATOM   431  C  CG  . ARG A 1 58  ? 5.668   2.141   4.065   1.00 18.47 ? 58  ARG A CG  1 
ATOM   432  C  CD  . ARG A 1 58  ? 6.645   3.316   4.161   1.00 20.43 ? 58  ARG A CD  1 
ATOM   433  N  NE  . ARG A 1 58  ? 5.962   4.550   4.592   1.00 21.86 ? 58  ARG A NE  1 
ATOM   434  C  CZ  . ARG A 1 58  ? 6.500   5.777   4.578   1.00 23.94 ? 58  ARG A CZ  1 
ATOM   435  N  NH1 . ARG A 1 58  ? 7.754   5.979   4.153   1.00 24.79 ? 58  ARG A NH1 1 
ATOM   436  N  NH2 . ARG A 1 58  ? 5.851   6.879   4.977   1.00 24.58 ? 58  ARG A NH2 1 
ATOM   437  N  N   . LEU A 1 59  ? 4.792   -1.740  2.155   1.00 16.59 ? 59  LEU A N   1 
ATOM   438  C  CA  . LEU A 1 59  ? 4.926   -2.916  1.285   1.00 16.42 ? 59  LEU A CA  1 
ATOM   439  C  C   . LEU A 1 59  ? 5.322   -2.556  -0.142  1.00 16.66 ? 59  LEU A C   1 
ATOM   440  O  O   . LEU A 1 59  ? 5.371   -1.375  -0.517  1.00 16.08 ? 59  LEU A O   1 
ATOM   441  C  CB  . LEU A 1 59  ? 3.614   -3.713  1.145   1.00 16.64 ? 59  LEU A CB  1 
ATOM   442  C  CG  . LEU A 1 59  ? 2.423   -3.210  1.974   1.00 16.52 ? 59  LEU A CG  1 
ATOM   443  C  CD1 . LEU A 1 59  ? 1.501   -4.351  2.416   1.00 16.10 ? 59  LEU A CD1 1 
ATOM   444  C  CD2 . LEU A 1 59  ? 2.821   -2.486  3.260   1.00 16.70 ? 59  LEU A CD2 1 
ATOM   445  N  N   . SER A 1 60  ? 5.582   -3.625  -0.872  1.00 17.14 ? 60  SER A N   1 
ATOM   446  C  CA  . SER A 1 60  ? 5.939   -3.564  -2.287  1.00 17.70 ? 60  SER A CA  1 
ATOM   447  C  C   . SER A 1 60  ? 4.783   -2.901  -3.034  1.00 17.81 ? 60  SER A C   1 
ATOM   448  O  O   . SER A 1 60  ? 3.618   -2.996  -2.620  1.00 18.14 ? 60  SER A O   1 
ATOM   449  C  CB  . SER A 1 60  ? 6.181   -4.980  -2.808  1.00 19.64 ? 60  SER A CB  1 
ATOM   450  O  OG  . SER A 1 60  ? 4.983   -5.500  -3.361  1.00 20.03 ? 60  SER A OG  1 
ATOM   451  N  N   . CYS A 1 61  ? 5.128   -2.243  -4.119  1.00 17.46 ? 61  CYS A N   1 
ATOM   452  C  CA  . CYS A 1 61  ? 4.159   -1.489  -4.928  1.00 16.46 ? 61  CYS A CA  1 
ATOM   453  C  C   . CYS A 1 61  ? 3.100   -2.406  -5.548  1.00 16.26 ? 61  CYS A C   1 
ATOM   454  O  O   . CYS A 1 61  ? 1.939   -2.008  -5.724  1.00 15.36 ? 61  CYS A O   1 
ATOM   455  C  CB  . CYS A 1 61  ? 4.880   -0.737  -6.043  1.00 16.69 ? 61  CYS A CB  1 
ATOM   456  S  SG  . CYS A 1 61  ? 5.793   0.757   -5.417  1.00 17.11 ? 61  CYS A SG  1 
ATOM   457  N  N   . ASP A 1 62  ? 3.513   -3.618  -5.871  1.00 16.21 ? 62  ASP A N   1 
ATOM   458  C  CA  . ASP A 1 62  ? 2.615   -4.607  -6.489  1.00 16.20 ? 62  ASP A CA  1 
ATOM   459  C  C   . ASP A 1 62  ? 1.410   -4.883  -5.592  1.00 15.32 ? 62  ASP A C   1 
ATOM   460  O  O   . ASP A 1 62  ? 0.268   -4.976  -6.064  1.00 14.50 ? 62  ASP A O   1 
ATOM   461  C  CB  . ASP A 1 62  ? 3.326   -5.940  -6.717  1.00 19.51 ? 62  ASP A CB  1 
ATOM   462  C  CG  . ASP A 1 62  ? 2.419   -6.957  -7.412  1.00 21.73 ? 62  ASP A CG  1 
ATOM   463  O  OD1 . ASP A 1 62  ? 1.756   -6.610  -8.461  1.00 23.62 ? 62  ASP A OD1 1 
ATOM   464  O  OD2 . ASP A 1 62  ? 2.314   -8.157  -6.951  1.00 24.39 ? 62  ASP A OD2 1 
ATOM   465  N  N   . CYS A 1 63  ? 1.704   -5.010  -4.315  1.00 14.34 ? 63  CYS A N   1 
ATOM   466  C  CA  . CYS A 1 63  ? 0.687   -5.300  -3.300  1.00 14.22 ? 63  CYS A CA  1 
ATOM   467  C  C   . CYS A 1 63  ? -0.221  -4.089  -3.084  1.00 13.06 ? 63  CYS A C   1 
ATOM   468  O  O   . CYS A 1 63  ? -1.436  -4.229  -2.895  1.00 14.73 ? 63  CYS A O   1 
ATOM   469  C  CB  . CYS A 1 63  ? 1.352   -5.663  -1.974  1.00 14.51 ? 63  CYS A CB  1 
ATOM   470  S  SG  . CYS A 1 63  ? 2.136   -7.348  -2.007  1.00 15.96 ? 63  CYS A SG  1 
ATOM   471  N  N   . ASP A 1 64  ? 0.382   -2.920  -3.121  1.00 13.65 ? 64  ASP A N   1 
ATOM   472  C  CA  . ASP A 1 64  ? -0.352  -1.670  -2.899  1.00 13.23 ? 64  ASP A CA  1 
ATOM   473  C  C   . ASP A 1 64  ? -1.287  -1.371  -4.079  1.00 13.44 ? 64  ASP A C   1 
ATOM   474  O  O   . ASP A 1 64  ? -2.360  -0.777  -3.909  1.00 13.15 ? 64  ASP A O   1 
ATOM   475  C  CB  . ASP A 1 64  ? 0.623   -0.515  -2.672  1.00 13.32 ? 64  ASP A CB  1 
ATOM   476  C  CG  . ASP A 1 64  ? 0.955   -0.327  -1.189  1.00 13.15 ? 64  ASP A CG  1 
ATOM   477  O  OD1 . ASP A 1 64  ? 0.281   -0.962  -0.292  1.00 16.24 ? 64  ASP A OD1 1 
ATOM   478  O  OD2 . ASP A 1 64  ? 1.905   0.467   -0.834  1.00 13.74 ? 64  ASP A OD2 1 
ATOM   479  N  N   . ASP A 1 65  ? -0.882  -1.791  -5.262  1.00 13.95 ? 65  ASP A N   1 
ATOM   480  C  CA  . ASP A 1 65  ? -1.691  -1.571  -6.473  1.00 15.41 ? 65  ASP A CA  1 
ATOM   481  C  C   . ASP A 1 65  ? -2.878  -2.535  -6.503  1.00 15.30 ? 65  ASP A C   1 
ATOM   482  O  O   . ASP A 1 65  ? -3.992  -2.163  -6.896  1.00 15.16 ? 65  ASP A O   1 
ATOM   483  C  CB  . ASP A 1 65  ? -0.839  -1.745  -7.722  1.00 19.11 ? 65  ASP A CB  1 
ATOM   484  C  CG  . ASP A 1 65  ? -0.131  -0.447  -8.090  1.00 22.10 ? 65  ASP A CG  1 
ATOM   485  O  OD1 . ASP A 1 65  ? -0.703  0.681   -7.840  1.00 24.33 ? 65  ASP A OD1 1 
ATOM   486  O  OD2 . ASP A 1 65  ? 1.034   -0.484  -8.635  1.00 23.80 ? 65  ASP A OD2 1 
ATOM   487  N  N   . LYS A 1 66  ? -2.615  -3.755  -6.082  1.00 14.59 ? 66  LYS A N   1 
ATOM   488  C  CA  . LYS A 1 66  ? -3.646  -4.800  -6.028  1.00 13.97 ? 66  LYS A CA  1 
ATOM   489  C  C   . LYS A 1 66  ? -4.706  -4.418  -4.988  1.00 13.23 ? 66  LYS A C   1 
ATOM   490  O  O   . LYS A 1 66  ? -5.904  -4.671  -5.178  1.00 13.29 ? 66  LYS A O   1 
ATOM   491  C  CB  . LYS A 1 66  ? -3.009  -6.146  -5.678  1.00 14.95 ? 66  LYS A CB  1 
ATOM   492  C  CG  . LYS A 1 66  ? -2.250  -6.745  -6.866  1.00 16.89 ? 66  LYS A CG  1 
ATOM   493  C  CD  . LYS A 1 66  ? -1.747  -8.166  -6.621  1.00 18.00 ? 66  LYS A CD  1 
ATOM   494  C  CE  . LYS A 1 66  ? -0.965  -8.723  -7.814  1.00 16.90 ? 66  LYS A CE  1 
ATOM   495  N  NZ  . LYS A 1 66  ? -0.152  -9.898  -7.471  1.00 16.70 ? 66  LYS A NZ  1 
ATOM   496  N  N   . PHE A 1 67  ? -4.220  -3.810  -3.918  1.00 12.39 ? 67  PHE A N   1 
ATOM   497  C  CA  . PHE A 1 67  ? -5.060  -3.340  -2.801  1.00 11.96 ? 67  PHE A CA  1 
ATOM   498  C  C   . PHE A 1 67  ? -6.003  -2.234  -3.301  1.00 12.08 ? 67  PHE A C   1 
ATOM   499  O  O   . PHE A 1 67  ? -7.193  -2.206  -2.959  1.00 11.94 ? 67  PHE A O   1 
ATOM   500  C  CB  . PHE A 1 67  ? -4.160  -2.806  -1.677  1.00 10.65 ? 67  PHE A CB  1 
ATOM   501  C  CG  . PHE A 1 67  ? -4.915  -2.443  -0.392  1.00 10.65 ? 67  PHE A CG  1 
ATOM   502  C  CD1 . PHE A 1 67  ? -5.910  -3.293  0.108   1.00 10.18 ? 67  PHE A CD1 1 
ATOM   503  C  CD2 . PHE A 1 67  ? -4.606  -1.257  0.284   1.00 10.37 ? 67  PHE A CD2 1 
ATOM   504  C  CE1 . PHE A 1 67  ? -6.597  -2.953  1.282   1.00 10.52 ? 67  PHE A CE1 1 
ATOM   505  C  CE2 . PHE A 1 67  ? -5.294  -0.916  1.457   1.00 10.33 ? 67  PHE A CE2 1 
ATOM   506  C  CZ  . PHE A 1 67  ? -6.290  -1.764  1.954   1.00 9.82  ? 67  PHE A CZ  1 
ATOM   507  N  N   . TYR A 1 68  ? -5.438  -1.357  -4.110  1.00 13.35 ? 68  TYR A N   1 
ATOM   508  C  CA  . TYR A 1 68  ? -6.167  -0.222  -4.707  1.00 14.73 ? 68  TYR A CA  1 
ATOM   509  C  C   . TYR A 1 68  ? -7.353  -0.735  -5.543  1.00 15.81 ? 68  TYR A C   1 
ATOM   510  O  O   . TYR A 1 68  ? -8.495  -0.283  -5.379  1.00 15.74 ? 68  TYR A O   1 
ATOM   511  C  CB  . TYR A 1 68  ? -5.210  0.585   -5.594  1.00 14.32 ? 68  TYR A CB  1 
ATOM   512  C  CG  . TYR A 1 68  ? -5.803  1.889   -6.148  1.00 15.53 ? 68  TYR A CG  1 
ATOM   513  C  CD1 . TYR A 1 68  ? -6.597  1.863   -7.301  1.00 16.08 ? 68  TYR A CD1 1 
ATOM   514  C  CD2 . TYR A 1 68  ? -5.546  3.111   -5.511  1.00 16.20 ? 68  TYR A CD2 1 
ATOM   515  C  CE1 . TYR A 1 68  ? -7.114  3.053   -7.826  1.00 17.19 ? 68  TYR A CE1 1 
ATOM   516  C  CE2 . TYR A 1 68  ? -6.060  4.303   -6.038  1.00 16.82 ? 68  TYR A CE2 1 
ATOM   517  C  CZ  . TYR A 1 68  ? -6.838  4.274   -7.201  1.00 18.10 ? 68  TYR A CZ  1 
ATOM   518  O  OH  . TYR A 1 68  ? -7.311  5.433   -7.732  1.00 18.81 ? 68  TYR A OH  1 
ATOM   519  N  N   . ASP A 1 69  ? -7.050  -1.675  -6.423  1.00 17.38 ? 69  ASP A N   1 
ATOM   520  C  CA  . ASP A 1 69  ? -8.053  -2.273  -7.325  1.00 17.12 ? 69  ASP A CA  1 
ATOM   521  C  C   . ASP A 1 69  ? -9.104  -3.053  -6.539  1.00 16.27 ? 69  ASP A C   1 
ATOM   522  O  O   . ASP A 1 69  ? -10.296 -3.033  -6.873  1.00 15.96 ? 69  ASP A O   1 
ATOM   523  C  CB  . ASP A 1 69  ? -7.381  -3.226  -8.310  1.00 19.93 ? 69  ASP A CB  1 
ATOM   524  C  CG  . ASP A 1 69  ? -6.547  -2.488  -9.350  1.00 22.15 ? 69  ASP A CG  1 
ATOM   525  O  OD1 . ASP A 1 69  ? -6.941  -1.342  -9.788  1.00 23.05 ? 69  ASP A OD1 1 
ATOM   526  O  OD2 . ASP A 1 69  ? -5.451  -3.008  -9.783  1.00 24.11 ? 69  ASP A OD2 1 
ATOM   527  N  N   . CYS A 1 70  ? -8.643  -3.734  -5.513  1.00 16.00 ? 70  CYS A N   1 
ATOM   528  C  CA  . CYS A 1 70  ? -9.525  -4.536  -4.657  1.00 15.51 ? 70  CYS A CA  1 
ATOM   529  C  C   . CYS A 1 70  ? -10.600 -3.632  -4.041  1.00 15.62 ? 70  CYS A C   1 
ATOM   530  O  O   . CYS A 1 70  ? -11.805 -3.913  -4.130  1.00 15.68 ? 70  CYS A O   1 
ATOM   531  C  CB  . CYS A 1 70  ? -8.709  -5.210  -3.553  1.00 15.26 ? 70  CYS A CB  1 
ATOM   532  S  SG  . CYS A 1 70  ? -9.589  -6.646  -2.768  1.00 15.23 ? 70  CYS A SG  1 
ATOM   533  N  N   . LEU A 1 71  ? -10.130 -2.556  -3.440  1.00 15.76 ? 71  LEU A N   1 
ATOM   534  C  CA  . LEU A 1 71  ? -10.996 -1.574  -2.772  1.00 15.33 ? 71  LEU A CA  1 
ATOM   535  C  C   . LEU A 1 71  ? -11.983 -0.931  -3.755  1.00 15.40 ? 71  LEU A C   1 
ATOM   536  O  O   . LEU A 1 71  ? -13.171 -0.756  -3.451  1.00 16.16 ? 71  LEU A O   1 
ATOM   537  C  CB  . LEU A 1 71  ? -10.161 -0.453  -2.156  1.00 13.06 ? 71  LEU A CB  1 
ATOM   538  C  CG  . LEU A 1 71  ? -9.415  -0.874  -0.890  1.00 11.38 ? 71  LEU A CG  1 
ATOM   539  C  CD1 . LEU A 1 71  ? -8.552  0.255   -0.322  1.00 11.05 ? 71  LEU A CD1 1 
ATOM   540  C  CD2 . LEU A 1 71  ? -10.352 -1.308  0.240   1.00 12.21 ? 71  LEU A CD2 1 
ATOM   541  N  N   . LYS A 1 72  ? -11.491 -0.578  -4.925  1.00 16.48 ? 72  LYS A N   1 
ATOM   542  C  CA  . LYS A 1 72  ? -12.332 0.080   -5.938  1.00 16.61 ? 72  LYS A CA  1 
ATOM   543  C  C   . LYS A 1 72  ? -13.407 -0.885  -6.457  1.00 17.29 ? 72  LYS A C   1 
ATOM   544  O  O   . LYS A 1 72  ? -14.437 -0.467  -7.004  1.00 17.21 ? 72  LYS A O   1 
ATOM   545  C  CB  . LYS A 1 72  ? -11.477 0.577   -7.110  1.00 17.38 ? 72  LYS A CB  1 
ATOM   546  C  CG  . LYS A 1 72  ? -10.646 1.819   -6.764  1.00 17.58 ? 72  LYS A CG  1 
ATOM   547  C  CD  . LYS A 1 72  ? -11.410 3.136   -6.937  1.00 16.50 ? 72  LYS A CD  1 
ATOM   548  C  CE  . LYS A 1 72  ? -10.516 4.365   -6.744  1.00 17.90 ? 72  LYS A CE  1 
ATOM   549  N  NZ  . LYS A 1 72  ? -11.274 5.620   -6.641  1.00 18.97 ? 72  LYS A NZ  1 
ATOM   550  N  N   . ASN A 1 73  ? -13.168 -2.170  -6.265  1.00 18.04 ? 73  ASN A N   1 
ATOM   551  C  CA  . ASN A 1 73  ? -14.090 -3.211  -6.754  1.00 18.29 ? 73  ASN A CA  1 
ATOM   552  C  C   . ASN A 1 73  ? -14.931 -3.836  -5.637  1.00 18.00 ? 73  ASN A C   1 
ATOM   553  O  O   . ASN A 1 73  ? -15.760 -4.720  -5.889  1.00 17.76 ? 73  ASN A O   1 
ATOM   554  C  CB  . ASN A 1 73  ? -13.306 -4.331  -7.423  1.00 21.18 ? 73  ASN A CB  1 
ATOM   555  C  CG  . ASN A 1 73  ? -13.281 -4.165  -8.932  1.00 23.14 ? 73  ASN A CG  1 
ATOM   556  O  OD1 . ASN A 1 73  ? -12.468 -3.397  -9.445  1.00 25.27 ? 73  ASN A OD1 1 
ATOM   557  N  ND2 . ASN A 1 73  ? -14.142 -4.833  -9.674  1.00 26.71 ? 73  ASN A ND2 1 
ATOM   558  N  N   . SER A 1 74  ? -14.714 -3.363  -4.429  1.00 18.11 ? 74  SER A N   1 
ATOM   559  C  CA  . SER A 1 74  ? -15.397 -3.903  -3.235  1.00 17.71 ? 74  SER A CA  1 
ATOM   560  C  C   . SER A 1 74  ? -16.875 -3.473  -3.168  1.00 18.03 ? 74  SER A C   1 
ATOM   561  O  O   . SER A 1 74  ? -17.216 -2.297  -3.372  1.00 18.55 ? 74  SER A O   1 
ATOM   562  C  CB  . SER A 1 74  ? -14.687 -3.420  -1.974  1.00 17.91 ? 74  SER A CB  1 
ATOM   563  O  OG  . SER A 1 74  ? -15.449 -3.767  -0.830  1.00 19.41 ? 74  SER A OG  1 
ATOM   564  N  N   . ALA A 1 75  ? -17.700 -4.472  -2.865  1.00 18.02 ? 75  ALA A N   1 
ATOM   565  C  CA  . ALA A 1 75  ? -19.164 -4.328  -2.741  1.00 18.42 ? 75  ALA A CA  1 
ATOM   566  C  C   . ALA A 1 75  ? -19.532 -3.477  -1.514  1.00 18.50 ? 75  ALA A C   1 
ATOM   567  O  O   . ALA A 1 75  ? -20.594 -2.843  -1.477  1.00 18.16 ? 75  ALA A O   1 
ATOM   568  C  CB  . ALA A 1 75  ? -19.821 -5.703  -2.601  1.00 17.77 ? 75  ALA A CB  1 
ATOM   569  N  N   . ASP A 1 76  ? -18.651 -3.492  -0.525  1.00 19.16 ? 76  ASP A N   1 
ATOM   570  C  CA  . ASP A 1 76  ? -18.810 -2.673  0.699   1.00 19.34 ? 76  ASP A CA  1 
ATOM   571  C  C   . ASP A 1 76  ? -18.235 -1.294  0.400   1.00 20.06 ? 76  ASP A C   1 
ATOM   572  O  O   . ASP A 1 76  ? -17.180 -0.918  0.925   1.00 20.63 ? 76  ASP A O   1 
ATOM   573  C  CB  . ASP A 1 76  ? -18.003 -3.281  1.855   1.00 18.89 ? 76  ASP A CB  1 
ATOM   574  C  CG  . ASP A 1 76  ? -18.462 -4.678  2.265   1.00 19.43 ? 76  ASP A CG  1 
ATOM   575  O  OD1 . ASP A 1 76  ? -19.693 -5.022  2.115   1.00 21.21 ? 76  ASP A OD1 1 
ATOM   576  O  OD2 . ASP A 1 76  ? -17.616 -5.510  2.768   1.00 20.65 ? 76  ASP A OD2 1 
ATOM   577  N  N   . THR A 1 77  ? -18.938 -0.561  -0.440  1.00 20.44 ? 77  THR A N   1 
ATOM   578  C  CA  . THR A 1 77  ? -18.413 0.707   -0.976  1.00 20.59 ? 77  THR A CA  1 
ATOM   579  C  C   . THR A 1 77  ? -18.173 1.799   0.093   1.00 19.97 ? 77  THR A C   1 
ATOM   580  O  O   . THR A 1 77  ? -17.186 2.542   0.026   1.00 20.23 ? 77  THR A O   1 
ATOM   581  C  CB  . THR A 1 77  ? -19.300 1.238   -2.121  1.00 21.13 ? 77  THR A CB  1 
ATOM   582  O  OG1 . THR A 1 77  ? -19.536 2.630   -1.966  1.00 24.01 ? 77  THR A OG1 1 
ATOM   583  C  CG2 . THR A 1 77  ? -20.658 0.541   -2.225  1.00 19.85 ? 77  THR A CG2 1 
ATOM   584  N  N   . ILE A 1 78  ? -19.021 1.925   1.097   1.00 18.86 ? 78  ILE A N   1 
ATOM   585  C  CA  . ILE A 1 78  ? -18.836 3.013   2.090   1.00 18.60 ? 78  ILE A CA  1 
ATOM   586  C  C   . ILE A 1 78  ? -17.550 2.817   2.920   1.00 17.25 ? 78  ILE A C   1 
ATOM   587  O  O   . ILE A 1 78  ? -16.766 3.759   3.113   1.00 18.17 ? 78  ILE A O   1 
ATOM   588  C  CB  . ILE A 1 78  ? -20.058 3.138   3.004   1.00 18.13 ? 78  ILE A CB  1 
ATOM   589  C  CG1 . ILE A 1 78  ? -21.275 3.675   2.242   1.00 19.08 ? 78  ILE A CG1 1 
ATOM   590  C  CG2 . ILE A 1 78  ? -19.834 4.093   4.185   1.00 18.88 ? 78  ILE A CG2 1 
ATOM   591  C  CD1 . ILE A 1 78  ? -22.519 3.832   3.116   1.00 19.28 ? 78  ILE A CD1 1 
ATOM   592  N  N   . SER A 1 79  ? -17.336 1.601   3.397   1.00 16.64 ? 79  SER A N   1 
ATOM   593  C  CA  . SER A 1 79  ? -16.156 1.297   4.234   1.00 15.70 ? 79  SER A CA  1 
ATOM   594  C  C   . SER A 1 79  ? -14.875 1.217   3.382   1.00 15.46 ? 79  SER A C   1 
ATOM   595  O  O   . SER A 1 79  ? -13.769 1.508   3.861   1.00 15.03 ? 79  SER A O   1 
ATOM   596  C  CB  . SER A 1 79  ? -16.358 -0.011  5.011   1.00 15.07 ? 79  SER A CB  1 
ATOM   597  O  OG  . SER A 1 79  ? -16.519 -1.107  4.125   1.00 18.12 ? 79  SER A OG  1 
ATOM   598  N  N   . SER A 1 80  ? -15.033 0.828   2.127   1.00 14.90 ? 80  SER A N   1 
ATOM   599  C  CA  . SER A 1 80  ? -13.891 0.725   1.195   1.00 14.69 ? 80  SER A CA  1 
ATOM   600  C  C   . SER A 1 80  ? -13.430 2.129   0.788   1.00 14.49 ? 80  SER A C   1 
ATOM   601  O  O   . SER A 1 80  ? -12.229 2.386   0.616   1.00 15.61 ? 80  SER A O   1 
ATOM   602  C  CB  . SER A 1 80  ? -14.292 -0.065  -0.050  1.00 13.62 ? 80  SER A CB  1 
ATOM   603  O  OG  . SER A 1 80  ? -14.256 -1.455  0.234   1.00 16.98 ? 80  SER A OG  1 
ATOM   604  N  N   . TYR A 1 81  ? -14.413 2.995   0.646   1.00 15.09 ? 81  TYR A N   1 
ATOM   605  C  CA  . TYR A 1 81  ? -14.192 4.400   0.286   1.00 14.72 ? 81  TYR A CA  1 
ATOM   606  C  C   . TYR A 1 81  ? -13.391 5.085   1.398   1.00 14.67 ? 81  TYR A C   1 
ATOM   607  O  O   . TYR A 1 81  ? -12.470 5.872   1.133   1.00 14.90 ? 81  TYR A O   1 
ATOM   608  C  CB  . TYR A 1 81  ? -15.545 5.103   0.105   1.00 15.08 ? 81  TYR A CB  1 
ATOM   609  C  CG  . TYR A 1 81  ? -15.445 6.529   -0.455  1.00 17.13 ? 81  TYR A CG  1 
ATOM   610  C  CD1 . TYR A 1 81  ? -15.013 6.747   -1.772  1.00 18.15 ? 81  TYR A CD1 1 
ATOM   611  C  CD2 . TYR A 1 81  ? -15.801 7.620   0.349   1.00 17.90 ? 81  TYR A CD2 1 
ATOM   612  C  CE1 . TYR A 1 81  ? -14.937 8.054   -2.280  1.00 18.19 ? 81  TYR A CE1 1 
ATOM   613  C  CE2 . TYR A 1 81  ? -15.725 8.924   -0.160  1.00 18.36 ? 81  TYR A CE2 1 
ATOM   614  C  CZ  . TYR A 1 81  ? -15.294 9.141   -1.472  1.00 18.81 ? 81  TYR A CZ  1 
ATOM   615  O  OH  . TYR A 1 81  ? -15.226 10.407  -1.962  1.00 21.74 ? 81  TYR A OH  1 
ATOM   616  N  N   . PHE A 1 82  ? -13.758 4.764   2.629   1.00 14.65 ? 82  PHE A N   1 
ATOM   617  C  CA  . PHE A 1 82  ? -13.105 5.345   3.814   1.00 15.12 ? 82  PHE A CA  1 
ATOM   618  C  C   . PHE A 1 82  ? -11.674 4.814   3.963   1.00 14.95 ? 82  PHE A C   1 
ATOM   619  O  O   . PHE A 1 82  ? -10.728 5.579   4.196   1.00 14.65 ? 82  PHE A O   1 
ATOM   620  C  CB  . PHE A 1 82  ? -13.879 5.017   5.095   1.00 16.05 ? 82  PHE A CB  1 
ATOM   621  C  CG  . PHE A 1 82  ? -13.168 5.549   6.343   1.00 17.29 ? 82  PHE A CG  1 
ATOM   622  C  CD1 . PHE A 1 82  ? -13.290 6.899   6.699   1.00 17.36 ? 82  PHE A CD1 1 
ATOM   623  C  CD2 . PHE A 1 82  ? -12.388 4.689   7.124   1.00 18.40 ? 82  PHE A CD2 1 
ATOM   624  C  CE1 . PHE A 1 82  ? -12.617 7.390   7.824   1.00 17.16 ? 82  PHE A CE1 1 
ATOM   625  C  CE2 . PHE A 1 82  ? -11.712 5.180   8.247   1.00 17.40 ? 82  PHE A CE2 1 
ATOM   626  C  CZ  . PHE A 1 82  ? -11.823 6.532   8.595   1.00 18.27 ? 82  PHE A CZ  1 
ATOM   627  N  N   . VAL A 1 83  ? -11.536 3.509   3.828   1.00 14.76 ? 83  VAL A N   1 
ATOM   628  C  CA  . VAL A 1 83  ? -10.228 2.847   3.968   1.00 14.47 ? 83  VAL A CA  1 
ATOM   629  C  C   . VAL A 1 83  ? -9.304  3.238   2.802   1.00 14.62 ? 83  VAL A C   1 
ATOM   630  O  O   . VAL A 1 83  ? -8.087  3.391   2.978   1.00 14.64 ? 83  VAL A O   1 
ATOM   631  C  CB  . VAL A 1 83  ? -10.412 1.327   4.024   1.00 14.75 ? 83  VAL A CB  1 
ATOM   632  C  CG1 . VAL A 1 83  ? -9.091  0.560   3.923   1.00 16.03 ? 83  VAL A CG1 1 
ATOM   633  C  CG2 . VAL A 1 83  ? -11.064 0.856   5.328   1.00 15.27 ? 83  VAL A CG2 1 
ATOM   634  N  N   . GLY A 1 84  ? -9.914  3.402   1.640   1.00 14.21 ? 84  GLY A N   1 
ATOM   635  C  CA  . GLY A 1 84  ? -9.206  3.769   0.399   1.00 14.49 ? 84  GLY A CA  1 
ATOM   636  C  C   . GLY A 1 84  ? -8.650  5.201   0.473   1.00 15.21 ? 84  GLY A C   1 
ATOM   637  O  O   . GLY A 1 84  ? -7.475  5.451   0.162   1.00 15.12 ? 84  GLY A O   1 
ATOM   638  N  N   . LYS A 1 85  ? -9.502  6.129   0.881   1.00 16.12 ? 85  LYS A N   1 
ATOM   639  C  CA  . LYS A 1 85  ? -9.113  7.548   0.982   1.00 17.22 ? 85  LYS A CA  1 
ATOM   640  C  C   . LYS A 1 85  ? -8.039  7.733   2.065   1.00 17.51 ? 85  LYS A C   1 
ATOM   641  O  O   . LYS A 1 85  ? -7.076  8.488   1.887   1.00 18.37 ? 85  LYS A O   1 
ATOM   642  C  CB  . LYS A 1 85  ? -10.321 8.438   1.313   1.00 18.40 ? 85  LYS A CB  1 
ATOM   643  C  CG  . LYS A 1 85  ? -11.403 8.441   0.221   1.00 20.46 ? 85  LYS A CG  1 
ATOM   644  C  CD  . LYS A 1 85  ? -11.270 9.603   -0.773  1.00 22.14 ? 85  LYS A CD  1 
ATOM   645  C  CE  . LYS A 1 85  ? -12.012 10.872  -0.332  1.00 24.07 ? 85  LYS A CE  1 
ATOM   646  N  NZ  . LYS A 1 85  ? -12.910 11.312  0.780   1.00 24.02 ? 85  LYS A NZ  1 
ATOM   647  N  N   . MET A 1 86  ? -8.211  7.034   3.172   1.00 17.77 ? 86  MET A N   1 
ATOM   648  C  CA  . MET A 1 86  ? -7.275  7.124   4.309   1.00 18.07 ? 86  MET A CA  1 
ATOM   649  C  C   . MET A 1 86  ? -5.864  6.654   3.922   1.00 17.97 ? 86  MET A C   1 
ATOM   650  O  O   . MET A 1 86  ? -4.877  7.382   4.100   1.00 17.50 ? 86  MET A O   1 
ATOM   651  C  CB  . MET A 1 86  ? -7.746  6.250   5.474   1.00 20.68 ? 86  MET A CB  1 
ATOM   652  C  CG  . MET A 1 86  ? -8.868  6.891   6.291   1.00 24.15 ? 86  MET A CG  1 
ATOM   653  S  SD  . MET A 1 86  ? -8.271  8.062   7.490   1.00 28.39 ? 86  MET A SD  1 
ATOM   654  C  CE  . MET A 1 86  ? -6.612  7.628   7.967   1.00 25.75 ? 86  MET A CE  1 
ATOM   655  N  N   . TYR A 1 87  ? -5.810  5.444   3.401   1.00 17.62 ? 87  TYR A N   1 
ATOM   656  C  CA  . TYR A 1 87  ? -4.541  4.775   3.060   1.00 16.78 ? 87  TYR A CA  1 
ATOM   657  C  C   . TYR A 1 87  ? -3.780  5.439   1.901   1.00 16.74 ? 87  TYR A C   1 
ATOM   658  O  O   . TYR A 1 87  ? -2.569  5.685   1.992   1.00 16.61 ? 87  TYR A O   1 
ATOM   659  C  CB  . TYR A 1 87  ? -4.784  3.316   2.655   1.00 15.49 ? 87  TYR A CB  1 
ATOM   660  C  CG  . TYR A 1 87  ? -3.477  2.532   2.478   1.00 14.23 ? 87  TYR A CG  1 
ATOM   661  C  CD1 . TYR A 1 87  ? -2.786  2.061   3.602   1.00 14.20 ? 87  TYR A CD1 1 
ATOM   662  C  CD2 . TYR A 1 87  ? -2.970  2.287   1.196   1.00 13.33 ? 87  TYR A CD2 1 
ATOM   663  C  CE1 . TYR A 1 87  ? -1.586  1.355   3.443   1.00 14.07 ? 87  TYR A CE1 1 
ATOM   664  C  CE2 . TYR A 1 87  ? -1.769  1.582   1.038   1.00 12.60 ? 87  TYR A CE2 1 
ATOM   665  C  CZ  . TYR A 1 87  ? -1.077  1.117   2.162   1.00 13.23 ? 87  TYR A CZ  1 
ATOM   666  O  OH  . TYR A 1 87  ? 0.089   0.434   2.009   1.00 15.75 ? 87  TYR A OH  1 
ATOM   667  N  N   . PHE A 1 88  ? -4.478  5.727   0.824   1.00 16.74 ? 88  PHE A N   1 
ATOM   668  C  CA  . PHE A 1 88  ? -3.830  6.247   -0.394  1.00 15.96 ? 88  PHE A CA  1 
ATOM   669  C  C   . PHE A 1 88  ? -3.720  7.771   -0.433  1.00 16.10 ? 88  PHE A C   1 
ATOM   670  O  O   . PHE A 1 88  ? -2.874  8.329   -1.150  1.00 16.10 ? 88  PHE A O   1 
ATOM   671  C  CB  . PHE A 1 88  ? -4.608  5.798   -1.633  1.00 16.04 ? 88  PHE A CB  1 
ATOM   672  C  CG  . PHE A 1 88  ? -4.441  4.303   -1.879  1.00 16.15 ? 88  PHE A CG  1 
ATOM   673  C  CD1 . PHE A 1 88  ? -3.286  3.829   -2.509  1.00 15.10 ? 88  PHE A CD1 1 
ATOM   674  C  CD2 . PHE A 1 88  ? -5.434  3.412   -1.464  1.00 16.28 ? 88  PHE A CD2 1 
ATOM   675  C  CE1 . PHE A 1 88  ? -3.113  2.457   -2.704  1.00 14.69 ? 88  PHE A CE1 1 
ATOM   676  C  CE2 . PHE A 1 88  ? -5.259  2.038   -1.655  1.00 15.93 ? 88  PHE A CE2 1 
ATOM   677  C  CZ  . PHE A 1 88  ? -4.096  1.559   -2.272  1.00 14.69 ? 88  PHE A CZ  1 
ATOM   678  N  N   . ASN A 1 89  ? -4.540  8.451   0.335   1.00 16.50 ? 89  ASN A N   1 
ATOM   679  C  CA  . ASN A 1 89  ? -4.574  9.915   0.250   1.00 17.39 ? 89  ASN A CA  1 
ATOM   680  C  C   . ASN A 1 89  ? -4.129  10.658  1.519   1.00 17.62 ? 89  ASN A C   1 
ATOM   681  O  O   . ASN A 1 89  ? -3.496  11.720  1.438   1.00 17.73 ? 89  ASN A O   1 
ATOM   682  C  CB  . ASN A 1 89  ? -5.997  10.389  -0.058  1.00 17.91 ? 89  ASN A CB  1 
ATOM   683  C  CG  . ASN A 1 89  ? -6.482  9.943   -1.439  1.00 18.21 ? 89  ASN A CG  1 
ATOM   684  O  OD1 . ASN A 1 89  ? -5.730  9.307   -2.176  1.00 18.66 ? 89  ASN A OD1 1 
ATOM   685  N  ND2 . ASN A 1 89  ? -7.705  10.242  -1.836  1.00 19.21 ? 89  ASN A ND2 1 
ATOM   686  N  N   . LEU A 1 90  ? -4.429  10.121  2.688   1.00 17.73 ? 90  LEU A N   1 
ATOM   687  C  CA  . LEU A 1 90  ? -4.210  10.885  3.935   1.00 18.23 ? 90  LEU A CA  1 
ATOM   688  C  C   . LEU A 1 90  ? -2.980  10.486  4.791   1.00 19.42 ? 90  LEU A C   1 
ATOM   689  O  O   . LEU A 1 90  ? -2.396  11.323  5.495   1.00 20.27 ? 90  LEU A O   1 
ATOM   690  C  CB  . LEU A 1 90  ? -5.450  10.776  4.824   1.00 18.27 ? 90  LEU A CB  1 
ATOM   691  C  CG  . LEU A 1 90  ? -6.691  11.407  4.180   1.00 17.64 ? 90  LEU A CG  1 
ATOM   692  C  CD1 . LEU A 1 90  ? -7.970  11.172  4.987   1.00 18.01 ? 90  LEU A CD1 1 
ATOM   693  C  CD2 . LEU A 1 90  ? -6.576  12.926  4.020   1.00 18.82 ? 90  LEU A CD2 1 
ATOM   694  N  N   . ILE A 1 91  ? -2.541  9.236   4.777   1.00 20.47 ? 91  ILE A N   1 
ATOM   695  C  CA  . ILE A 1 91  ? -1.418  8.839   5.675   1.00 20.82 ? 91  ILE A CA  1 
ATOM   696  C  C   . ILE A 1 91  ? -0.032  9.072   5.050   1.00 22.06 ? 91  ILE A C   1 
ATOM   697  O  O   . ILE A 1 91  ? 1.004   8.908   5.712   1.00 22.77 ? 91  ILE A O   1 
ATOM   698  C  CB  . ILE A 1 91  ? -1.529  7.377   6.104   1.00 21.03 ? 91  ILE A CB  1 
ATOM   699  C  CG1 . ILE A 1 91  ? -1.526  6.395   4.934   1.00 19.60 ? 91  ILE A CG1 1 
ATOM   700  C  CG2 . ILE A 1 91  ? -2.807  7.092   6.900   1.00 20.84 ? 91  ILE A CG2 1 
ATOM   701  C  CD1 . ILE A 1 91  ? -1.301  4.947   5.378   1.00 17.89 ? 91  ILE A CD1 1 
ATOM   702  N  N   . ASP A 1 92  ? -0.028  9.443   3.791   1.00 23.03 ? 92  ASP A N   1 
ATOM   703  C  CA  . ASP A 1 92  ? 1.213   9.767   3.068   1.00 23.56 ? 92  ASP A CA  1 
ATOM   704  C  C   . ASP A 1 92  ? 2.258   8.652   3.171   1.00 22.38 ? 92  ASP A C   1 
ATOM   705  O  O   . ASP A 1 92  ? 3.398   8.881   3.601   1.00 22.34 ? 92  ASP A O   1 
ATOM   706  C  CB  . ASP A 1 92  ? 1.835   11.027  3.667   1.00 28.38 ? 92  ASP A CB  1 
ATOM   707  C  CG  . ASP A 1 92  ? 1.204   12.290  3.106   1.00 31.69 ? 92  ASP A CG  1 
ATOM   708  O  OD1 . ASP A 1 92  ? 0.830   12.311  1.874   1.00 34.86 ? 92  ASP A OD1 1 
ATOM   709  O  OD2 . ASP A 1 92  ? 1.043   13.322  3.861   1.00 32.75 ? 92  ASP A OD2 1 
ATOM   710  N  N   . THR A 1 93  ? 1.869   7.460   2.768   1.00 20.83 ? 93  THR A N   1 
ATOM   711  C  CA  . THR A 1 93  ? 2.791   6.316   2.773   1.00 19.44 ? 93  THR A CA  1 
ATOM   712  C  C   . THR A 1 93  ? 3.392   6.153   1.371   1.00 19.34 ? 93  THR A C   1 
ATOM   713  O  O   . THR A 1 93  ? 3.016   6.871   0.430   1.00 19.18 ? 93  THR A O   1 
ATOM   714  C  CB  . THR A 1 93  ? 2.068   5.038   3.223   1.00 17.15 ? 93  THR A CB  1 
ATOM   715  O  OG1 . THR A 1 93  ? 3.024   4.044   3.575   1.00 16.49 ? 93  THR A OG1 1 
ATOM   716  C  CG2 . THR A 1 93  ? 1.154   4.441   2.151   1.00 17.05 ? 93  THR A CG2 1 
ATOM   717  N  N   . LYS A 1 94  ? 4.319   5.212   1.293   1.00 19.84 ? 94  LYS A N   1 
ATOM   718  C  CA  . LYS A 1 94  ? 5.050   4.879   0.057   1.00 19.87 ? 94  LYS A CA  1 
ATOM   719  C  C   . LYS A 1 94  ? 5.228   3.375   -0.083  1.00 19.53 ? 94  LYS A C   1 
ATOM   720  O  O   . LYS A 1 94  ? 5.165   2.631   0.903   1.00 19.50 ? 94  LYS A O   1 
ATOM   721  C  CB  . LYS A 1 94  ? 6.479   5.422   0.100   1.00 23.32 ? 94  LYS A CB  1 
ATOM   722  C  CG  . LYS A 1 94  ? 6.562   6.906   0.413   1.00 25.86 ? 94  LYS A CG  1 
ATOM   723  C  CD  . LYS A 1 94  ? 7.008   7.722   -0.794  1.00 29.09 ? 94  LYS A CD  1 
ATOM   724  C  CE  . LYS A 1 94  ? 7.476   9.124   -0.422  1.00 31.92 ? 94  LYS A CE  1 
ATOM   725  N  NZ  . LYS A 1 94  ? 6.437   10.141  -0.640  1.00 34.13 ? 94  LYS A NZ  1 
ATOM   726  N  N   . CYS A 1 95  ? 5.466   2.969   -1.312  1.00 18.89 ? 95  CYS A N   1 
ATOM   727  C  CA  . CYS A 1 95  ? 5.734   1.563   -1.634  1.00 19.12 ? 95  CYS A CA  1 
ATOM   728  C  C   . CYS A 1 95  ? 7.100   1.469   -2.317  1.00 19.07 ? 95  CYS A C   1 
ATOM   729  O  O   . CYS A 1 95  ? 7.631   2.469   -2.828  1.00 19.22 ? 95  CYS A O   1 
ATOM   730  C  CB  . CYS A 1 95  ? 4.633   1.001   -2.542  1.00 18.11 ? 95  CYS A CB  1 
ATOM   731  S  SG  . CYS A 1 95  ? 4.547   1.817   -4.208  1.00 18.12 ? 95  CYS A SG  1 
ATOM   732  N  N   . TYR A 1 96  ? 7.652   0.270   -2.307  1.00 18.81 ? 96  TYR A N   1 
ATOM   733  C  CA  . TYR A 1 96  ? 8.956   0.022   -2.937  1.00 19.31 ? 96  TYR A CA  1 
ATOM   734  C  C   . TYR A 1 96  ? 8.817   -1.023  -4.043  1.00 18.95 ? 96  TYR A C   1 
ATOM   735  O  O   . TYR A 1 96  ? 7.951   -1.909  -3.987  1.00 18.73 ? 96  TYR A O   1 
ATOM   736  C  CB  . TYR A 1 96  ? 10.002  -0.423  -1.901  1.00 18.42 ? 96  TYR A CB  1 
ATOM   737  C  CG  . TYR A 1 96  ? 9.628   -1.653  -1.061  1.00 19.29 ? 96  TYR A CG  1 
ATOM   738  C  CD1 . TYR A 1 96  ? 9.967   -2.939  -1.505  1.00 17.95 ? 96  TYR A CD1 1 
ATOM   739  C  CD2 . TYR A 1 96  ? 8.965   -1.492  0.161   1.00 18.33 ? 96  TYR A CD2 1 
ATOM   740  C  CE1 . TYR A 1 96  ? 9.660   -4.058  -0.716  1.00 17.91 ? 96  TYR A CE1 1 
ATOM   741  C  CE2 . TYR A 1 96  ? 8.667   -2.608  0.952   1.00 18.29 ? 96  TYR A CE2 1 
ATOM   742  C  CZ  . TYR A 1 96  ? 9.020   -3.889  0.517   1.00 17.96 ? 96  TYR A CZ  1 
ATOM   743  O  OH  . TYR A 1 96  ? 8.756   -4.965  1.305   1.00 17.75 ? 96  TYR A OH  1 
ATOM   744  N  N   . LYS A 1 97  ? 9.682   -0.867  -5.024  1.00 19.74 ? 97  LYS A N   1 
ATOM   745  C  CA  . LYS A 1 97  ? 9.723   -1.747  -6.193  1.00 20.49 ? 97  LYS A CA  1 
ATOM   746  C  C   . LYS A 1 97  ? 11.051  -1.555  -6.932  1.00 21.10 ? 97  LYS A C   1 
ATOM   747  O  O   . LYS A 1 97  ? 11.697  -0.503  -6.825  1.00 20.92 ? 97  LYS A O   1 
ATOM   748  C  CB  . LYS A 1 97  ? 8.507   -1.447  -7.096  1.00 20.85 ? 97  LYS A CB  1 
ATOM   749  C  CG  . LYS A 1 97  ? 8.825   -0.626  -8.353  1.00 22.09 ? 97  LYS A CG  1 
ATOM   750  C  CD  . LYS A 1 97  ? 7.854   0.546   -8.562  1.00 23.43 ? 97  LYS A CD  1 
ATOM   751  C  CE  . LYS A 1 97  ? 7.394   0.711   -10.014 1.00 25.47 ? 97  LYS A CE  1 
ATOM   752  N  NZ  . LYS A 1 97  ? 6.888   2.063   -10.303 1.00 26.91 ? 97  LYS A NZ  1 
ATOM   753  N  N   . LEU A 1 98  ? 11.407  -2.603  -7.642  1.00 21.56 ? 98  LEU A N   1 
ATOM   754  C  CA  . LEU A 1 98  ? 12.621  -2.668  -8.468  1.00 21.86 ? 98  LEU A CA  1 
ATOM   755  C  C   . LEU A 1 98  ? 12.341  -1.880  -9.755  1.00 21.58 ? 98  LEU A C   1 
ATOM   756  O  O   . LEU A 1 98  ? 11.441  -2.225  -10.532 1.00 22.41 ? 98  LEU A O   1 
ATOM   757  C  CB  . LEU A 1 98  ? 12.903  -4.147  -8.744  1.00 22.59 ? 98  LEU A CB  1 
ATOM   758  C  CG  . LEU A 1 98  ? 14.316  -4.456  -9.233  1.00 23.46 ? 98  LEU A CG  1 
ATOM   759  C  CD1 . LEU A 1 98  ? 15.404  -4.073  -8.225  1.00 23.01 ? 98  LEU A CD1 1 
ATOM   760  C  CD2 . LEU A 1 98  ? 14.511  -5.945  -9.519  1.00 24.31 ? 98  LEU A CD2 1 
ATOM   761  N  N   . GLU A 1 99  ? 13.114  -0.827  -9.958  1.00 21.60 ? 99  GLU A N   1 
ATOM   762  C  CA  . GLU A 1 99  ? 12.918  0.087   -11.103 1.00 21.04 ? 99  GLU A CA  1 
ATOM   763  C  C   . GLU A 1 99  ? 14.252  0.737   -11.487 1.00 21.15 ? 99  GLU A C   1 
ATOM   764  O  O   . GLU A 1 99  ? 15.191  0.800   -10.682 1.00 20.39 ? 99  GLU A O   1 
ATOM   765  C  CB  . GLU A 1 99  ? 11.902  1.162   -10.665 1.00 20.29 ? 99  GLU A CB  1 
ATOM   766  C  CG  . GLU A 1 99  ? 11.631  2.256   -11.700 1.00 21.67 ? 99  GLU A CG  1 
ATOM   767  C  CD  . GLU A 1 99  ? 11.085  1.718   -13.018 1.00 23.50 ? 99  GLU A CD  1 
ATOM   768  O  OE1 . GLU A 1 99  ? 11.809  0.936   -13.735 1.00 23.77 ? 99  GLU A OE1 1 
ATOM   769  O  OE2 . GLU A 1 99  ? 9.903   2.050   -13.416 1.00 24.72 ? 99  GLU A OE2 1 
ATOM   770  N  N   . HIS A 1 100 ? 14.331  1.209   -12.725 1.00 21.59 ? 100 HIS A N   1 
ATOM   771  C  CA  . HIS A 1 100 ? 15.537  1.912   -13.188 1.00 22.86 ? 100 HIS A CA  1 
ATOM   772  C  C   . HIS A 1 100 ? 15.699  3.154   -12.336 1.00 24.12 ? 100 HIS A C   1 
ATOM   773  O  O   . HIS A 1 100 ? 14.709  3.710   -11.838 1.00 24.50 ? 100 HIS A O   1 
ATOM   774  C  CB  . HIS A 1 100 ? 15.421  2.329   -14.651 1.00 22.45 ? 100 HIS A CB  1 
ATOM   775  C  CG  . HIS A 1 100 ? 15.413  1.141   -15.599 1.00 22.02 ? 100 HIS A CG  1 
ATOM   776  N  ND1 . HIS A 1 100 ? 16.541  0.354   -15.804 1.00 21.85 ? 100 HIS A ND1 1 
ATOM   777  C  CD2 . HIS A 1 100 ? 14.432  0.622   -16.374 1.00 22.70 ? 100 HIS A CD2 1 
ATOM   778  C  CE1 . HIS A 1 100 ? 16.224  -0.593  -16.669 1.00 22.70 ? 100 HIS A CE1 1 
ATOM   779  N  NE2 . HIS A 1 100 ? 14.968  -0.447  -17.018 1.00 23.41 ? 100 HIS A NE2 1 
ATOM   780  N  N   . PRO A 1 101 ? 16.918  3.646   -12.125 1.00 25.09 ? 101 PRO A N   1 
ATOM   781  C  CA  . PRO A 1 101 ? 17.109  4.809   -11.289 1.00 25.78 ? 101 PRO A CA  1 
ATOM   782  C  C   . PRO A 1 101 ? 16.277  5.956   -11.805 1.00 26.75 ? 101 PRO A C   1 
ATOM   783  O  O   . PRO A 1 101 ? 16.348  6.276   -13.031 1.00 26.53 ? 101 PRO A O   1 
ATOM   784  C  CB  . PRO A 1 101 ? 18.601  5.035   -11.331 1.00 25.86 ? 101 PRO A CB  1 
ATOM   785  C  CG  . PRO A 1 101 ? 19.214  3.945   -12.197 1.00 25.52 ? 101 PRO A CG  1 
ATOM   786  C  CD  . PRO A 1 101 ? 18.122  3.067   -12.716 1.00 25.12 ? 101 PRO A CD  1 
ATOM   787  N  N   . VAL A 1 102 ? 15.514  6.532   -10.885 1.00 28.72 ? 102 VAL A N   1 
ATOM   788  C  CA  . VAL A 1 102 ? 14.618  7.665   -11.176 1.00 30.13 ? 102 VAL A CA  1 
ATOM   789  C  C   . VAL A 1 102 ? 15.444  8.936   -11.360 1.00 32.40 ? 102 VAL A C   1 
ATOM   790  O  O   . VAL A 1 102 ? 16.477  9.126   -10.702 1.00 32.88 ? 102 VAL A O   1 
ATOM   791  C  CB  . VAL A 1 102 ? 13.628  7.862   -10.028 1.00 29.31 ? 102 VAL A CB  1 
ATOM   792  C  CG1 . VAL A 1 102 ? 12.760  9.112   -10.195 1.00 27.57 ? 102 VAL A CG1 1 
ATOM   793  C  CG2 . VAL A 1 102 ? 12.654  6.690   -9.880  1.00 27.78 ? 102 VAL A CG2 1 
ATOM   794  N  N   . THR A 1 103 ? 14.955  9.777   -12.251 1.00 34.74 ? 103 THR A N   1 
ATOM   795  C  CA  . THR A 1 103 ? 15.639  11.025  -12.600 1.00 37.40 ? 103 THR A CA  1 
ATOM   796  C  C   . THR A 1 103 ? 14.736  12.247  -12.420 1.00 39.83 ? 103 THR A C   1 
ATOM   797  O  O   . THR A 1 103 ? 15.184  13.305  -11.949 1.00 40.74 ? 103 THR A O   1 
ATOM   798  C  CB  . THR A 1 103 ? 16.064  10.987  -14.069 1.00 36.74 ? 103 THR A CB  1 
ATOM   799  O  OG1 . THR A 1 103 ? 14.916  10.861  -14.895 1.00 37.07 ? 103 THR A OG1 1 
ATOM   800  C  CG2 . THR A 1 103 ? 16.998  9.818   -14.392 1.00 36.66 ? 103 THR A CG2 1 
ATOM   801  N  N   . GLY A 1 104 ? 13.474  12.088  -12.805 1.00 41.91 ? 104 GLY A N   1 
ATOM   802  C  CA  . GLY A 1 104 ? 12.520  13.207  -12.771 1.00 44.27 ? 104 GLY A CA  1 
ATOM   803  C  C   . GLY A 1 104 ? 11.065  12.761  -12.599 1.00 46.14 ? 104 GLY A C   1 
ATOM   804  O  O   . GLY A 1 104 ? 10.781  11.592  -12.291 1.00 45.66 ? 104 GLY A O   1 
ATOM   805  N  N   . CYS A 1 105 ? 10.209  13.746  -12.846 1.00 48.25 ? 105 CYS A N   1 
ATOM   806  C  CA  . CYS A 1 105 ? 8.774   13.644  -12.589 1.00 50.12 ? 105 CYS A CA  1 
ATOM   807  C  C   . CYS A 1 105 ? 7.970   14.652  -13.450 1.00 51.48 ? 105 CYS A C   1 
ATOM   808  O  O   . CYS A 1 105 ? 8.543   15.525  -14.120 1.00 51.89 ? 105 CYS A O   1 
ATOM   809  C  CB  . CYS A 1 105 ? 8.626   13.982  -11.102 1.00 50.64 ? 105 CYS A CB  1 
ATOM   810  S  SG  . CYS A 1 105 ? 6.905   13.863  -10.442 1.00 52.61 ? 105 CYS A SG  1 
ATOM   811  N  N   . GLY A 1 106 ? 6.649   14.483  -13.384 1.00 52.77 ? 106 GLY A N   1 
ATOM   812  C  CA  . GLY A 1 106 ? 5.658   15.337  -14.083 1.00 53.82 ? 106 GLY A CA  1 
ATOM   813  C  C   . GLY A 1 106 ? 4.311   15.252  -13.337 1.00 54.78 ? 106 GLY A C   1 
ATOM   814  O  O   . GLY A 1 106 ? 3.274   14.913  -13.930 1.00 54.46 ? 106 GLY A O   1 
ATOM   815  N  N   . GLU A 1 107 ? 4.404   15.572  -12.050 1.00 55.79 ? 107 GLU A N   1 
ATOM   816  C  CA  . GLU A 1 107 ? 3.284   15.516  -11.071 1.00 56.86 ? 107 GLU A CA  1 
ATOM   817  C  C   . GLU A 1 107 ? 1.945   15.181  -11.761 1.00 57.94 ? 107 GLU A C   1 
ATOM   818  O  O   . GLU A 1 107 ? 1.086   16.055  -11.955 1.00 58.21 ? 107 GLU A O   1 
ATOM   819  C  CB  . GLU A 1 107 ? 3.179   16.842  -10.305 1.00 56.46 ? 107 GLU A CB  1 
ATOM   820  C  CG  . GLU A 1 107 ? 4.528   17.312  -9.733  1.00 56.37 ? 107 GLU A CG  1 
ATOM   821  C  CD  . GLU A 1 107 ? 4.631   17.215  -8.204  1.00 56.43 ? 107 GLU A CD  1 
ATOM   822  O  OE1 . GLU A 1 107 ? 3.575   17.325  -7.470  1.00 56.58 ? 107 GLU A OE1 1 
ATOM   823  O  OE2 . GLU A 1 107 ? 5.778   17.028  -7.648  1.00 56.48 ? 107 GLU A OE2 1 
ATOM   824  N  N   . ARG A 1 108 ? 1.842   13.895  -12.078 1.00 58.81 ? 108 ARG A N   1 
ATOM   825  C  CA  . ARG A 1 108 ? 0.690   13.267  -12.768 1.00 59.68 ? 108 ARG A CA  1 
ATOM   826  C  C   . ARG A 1 108 ? -0.610  13.421  -11.958 1.00 59.92 ? 108 ARG A C   1 
ATOM   827  O  O   . ARG A 1 108 ? -1.650  12.844  -12.306 1.00 60.19 ? 108 ARG A O   1 
ATOM   828  C  CB  . ARG A 1 108 ? 0.977   11.775  -12.954 1.00 60.46 ? 108 ARG A CB  1 
ATOM   829  C  CG  . ARG A 1 108 ? 2.139   11.510  -13.912 1.00 61.31 ? 108 ARG A CG  1 
ATOM   830  C  CD  . ARG A 1 108 ? 1.807   11.945  -15.331 1.00 62.41 ? 108 ARG A CD  1 
ATOM   831  N  NE  . ARG A 1 108 ? 0.628   12.814  -15.363 1.00 63.67 ? 108 ARG A NE  1 
ATOM   832  C  CZ  . ARG A 1 108 ? 0.644   14.082  -15.779 1.00 64.03 ? 108 ARG A CZ  1 
ATOM   833  N  NH1 . ARG A 1 108 ? 1.774   14.648  -16.222 1.00 64.35 ? 108 ARG A NH1 1 
ATOM   834  N  NH2 . ARG A 1 108 ? -0.435  14.876  -15.777 1.00 64.36 ? 108 ARG A NH2 1 
ATOM   835  N  N   . THR A 1 109 ? -0.477  14.193  -10.915 1.00 60.10 ? 109 THR A N   1 
ATOM   836  C  CA  . THR A 1 109 ? -1.545  14.546  -9.964  1.00 60.21 ? 109 THR A CA  1 
ATOM   837  C  C   . THR A 1 109 ? -0.828  15.130  -8.756  1.00 60.15 ? 109 THR A C   1 
ATOM   838  O  O   . THR A 1 109 ? -0.419  14.399  -7.841  1.00 60.45 ? 109 THR A O   1 
ATOM   839  C  CB  . THR A 1 109 ? -2.425  13.323  -9.630  1.00 60.44 ? 109 THR A CB  1 
ATOM   840  O  OG1 . THR A 1 109 ? -3.603  13.747  -8.950  1.00 60.90 ? 109 THR A OG1 1 
ATOM   841  C  CG2 . THR A 1 109 ? -1.736  12.287  -8.739  1.00 60.61 ? 109 THR A CG2 1 
ATOM   842  N  N   . GLU A 1 110 ? -0.687  16.440  -8.840  1.00 59.86 ? 110 GLU A N   1 
ATOM   843  C  CA  . GLU A 1 110 ? 0.057   17.236  -7.862  1.00 59.45 ? 110 GLU A CA  1 
ATOM   844  C  C   . GLU A 1 110 ? 0.127   16.533  -6.522  1.00 58.74 ? 110 GLU A C   1 
ATOM   845  O  O   . GLU A 1 110 ? -0.619  15.580  -6.254  1.00 58.82 ? 110 GLU A O   1 
ATOM   846  C  CB  . GLU A 1 110 ? -0.560  18.611  -7.651  1.00 60.70 ? 110 GLU A CB  1 
ATOM   847  C  CG  . GLU A 1 110 ? 0.502   19.637  -7.259  1.00 61.71 ? 110 GLU A CG  1 
ATOM   848  C  CD  . GLU A 1 110 ? 1.905   19.202  -7.687  1.00 62.44 ? 110 GLU A CD  1 
ATOM   849  O  OE1 . GLU A 1 110 ? 2.095   18.718  -8.867  1.00 62.74 ? 110 GLU A OE1 1 
ATOM   850  O  OE2 . GLU A 1 110 ? 2.893   19.314  -6.867  1.00 62.83 ? 110 GLU A OE2 1 
ATOM   851  N  N   . GLY A 1 111 ? 1.032   17.045  -5.724  1.00 57.91 ? 111 GLY A N   1 
ATOM   852  C  CA  . GLY A 1 111 ? 1.301   16.503  -4.401  1.00 56.66 ? 111 GLY A CA  1 
ATOM   853  C  C   . GLY A 1 111 ? 2.185   15.263  -4.549  1.00 55.77 ? 111 GLY A C   1 
ATOM   854  O  O   . GLY A 1 111 ? 3.094   15.031  -3.739  1.00 55.71 ? 111 GLY A O   1 
ATOM   855  N  N   . ARG A 1 112 ? 1.890   14.485  -5.596  1.00 54.67 ? 112 ARG A N   1 
ATOM   856  C  CA  . ARG A 1 112 ? 2.655   13.252  -5.892  1.00 53.69 ? 112 ARG A CA  1 
ATOM   857  C  C   . ARG A 1 112 ? 2.955   13.080  -7.389  1.00 52.99 ? 112 ARG A C   1 
ATOM   858  O  O   . ARG A 1 112 ? 2.225   13.595  -8.252  1.00 53.18 ? 112 ARG A O   1 
ATOM   859  C  CB  . ARG A 1 112 ? 1.932   11.989  -5.438  1.00 53.66 ? 112 ARG A CB  1 
ATOM   860  C  CG  . ARG A 1 112 ? 0.479   12.209  -5.064  1.00 53.79 ? 112 ARG A CG  1 
ATOM   861  C  CD  . ARG A 1 112 ? 0.201   11.801  -3.617  1.00 53.80 ? 112 ARG A CD  1 
ATOM   862  N  NE  . ARG A 1 112 ? -0.972  10.949  -3.494  1.00 53.79 ? 112 ARG A NE  1 
ATOM   863  C  CZ  . ARG A 1 112 ? -1.499  10.487  -2.355  1.00 53.19 ? 112 ARG A CZ  1 
ATOM   864  N  NH1 . ARG A 1 112 ? -0.942  10.724  -1.156  1.00 53.05 ? 112 ARG A NH1 1 
ATOM   865  N  NH2 . ARG A 1 112 ? -2.637  9.798   -2.321  1.00 53.28 ? 112 ARG A NH2 1 
ATOM   866  N  N   . CYS A 1 113 ? 4.025   12.325  -7.567  1.00 51.77 ? 113 CYS A N   1 
ATOM   867  C  CA  . CYS A 1 113 ? 4.693   12.045  -8.851  1.00 50.58 ? 113 CYS A CA  1 
ATOM   868  C  C   . CYS A 1 113 ? 4.395   10.627  -9.374  1.00 49.54 ? 113 CYS A C   1 
ATOM   869  O  O   . CYS A 1 113 ? 4.988   9.639   -8.920  1.00 49.53 ? 113 CYS A O   1 
ATOM   870  C  CB  . CYS A 1 113 ? 6.196   12.142  -8.574  1.00 50.96 ? 113 CYS A CB  1 
ATOM   871  S  SG  . CYS A 1 113 ? 7.245   12.001  -10.080 1.00 51.94 ? 113 CYS A SG  1 
ATOM   872  N  N   . LEU A 1 114 ? 3.500   10.541  -10.351 1.00 48.27 ? 114 LEU A N   1 
ATOM   873  C  CA  . LEU A 1 114 ? 3.083   9.237   -10.907 1.00 47.20 ? 114 LEU A CA  1 
ATOM   874  C  C   . LEU A 1 114 ? 3.824   8.890   -12.216 1.00 46.31 ? 114 LEU A C   1 
ATOM   875  O  O   . LEU A 1 114 ? 3.999   7.711   -12.559 1.00 46.29 ? 114 LEU A O   1 
ATOM   876  C  CB  . LEU A 1 114 ? 1.575   9.225   -11.125 1.00 47.26 ? 114 LEU A CB  1 
ATOM   877  C  CG  . LEU A 1 114 ? 0.802   9.420   -9.815  1.00 47.55 ? 114 LEU A CG  1 
ATOM   878  C  CD1 . LEU A 1 114 ? -0.649  8.946   -9.900  1.00 47.43 ? 114 LEU A CD1 1 
ATOM   879  C  CD2 . LEU A 1 114 ? 1.424   8.663   -8.636  1.00 47.12 ? 114 LEU A CD2 1 
ATOM   880  N  N   . HIS A 1 115 ? 4.259   9.897   -12.963 1.00 45.47 ? 115 HIS A N   1 
ATOM   881  C  CA  . HIS A 1 115 ? 5.046   9.629   -14.187 1.00 44.30 ? 115 HIS A CA  1 
ATOM   882  C  C   . HIS A 1 115 ? 6.442   10.228  -14.072 1.00 42.92 ? 115 HIS A C   1 
ATOM   883  O  O   . HIS A 1 115 ? 6.751   11.263  -14.686 1.00 43.50 ? 115 HIS A O   1 
ATOM   884  C  CB  . HIS A 1 115 ? 4.433   10.193  -15.464 1.00 45.83 ? 115 HIS A CB  1 
ATOM   885  C  CG  . HIS A 1 115 ? 5.432   10.086  -16.628 1.00 47.31 ? 115 HIS A CG  1 
ATOM   886  N  ND1 . HIS A 1 115 ? 6.572   10.883  -16.687 1.00 47.85 ? 115 HIS A ND1 1 
ATOM   887  C  CD2 . HIS A 1 115 ? 5.474   9.291   -17.735 1.00 47.96 ? 115 HIS A CD2 1 
ATOM   888  C  CE1 . HIS A 1 115 ? 7.245   10.566  -17.778 1.00 48.21 ? 115 HIS A CE1 1 
ATOM   889  N  NE2 . HIS A 1 115 ? 6.604   9.619   -18.415 1.00 48.16 ? 115 HIS A NE2 1 
ATOM   890  N  N   . TYR A 1 116 ? 7.225   9.543   -13.278 1.00 41.01 ? 116 TYR A N   1 
ATOM   891  C  CA  . TYR A 1 116 ? 8.621   9.886   -13.039 1.00 39.05 ? 116 TYR A CA  1 
ATOM   892  C  C   . TYR A 1 116 ? 9.435   9.436   -14.243 1.00 37.51 ? 116 TYR A C   1 
ATOM   893  O  O   . TYR A 1 116 ? 8.981   8.606   -15.045 1.00 37.45 ? 116 TYR A O   1 
ATOM   894  C  CB  . TYR A 1 116 ? 9.117   9.141   -11.800 1.00 38.61 ? 116 TYR A CB  1 
ATOM   895  C  CG  . TYR A 1 116 ? 8.795   7.645   -11.855 1.00 38.32 ? 116 TYR A CG  1 
ATOM   896  C  CD1 . TYR A 1 116 ? 9.617   6.779   -12.588 1.00 37.91 ? 116 TYR A CD1 1 
ATOM   897  C  CD2 . TYR A 1 116 ? 7.676   7.139   -11.180 1.00 38.39 ? 116 TYR A CD2 1 
ATOM   898  C  CE1 . TYR A 1 116 ? 9.325   5.411   -12.640 1.00 37.62 ? 116 TYR A CE1 1 
ATOM   899  C  CE2 . TYR A 1 116 ? 7.383   5.769   -11.234 1.00 37.72 ? 116 TYR A CE2 1 
ATOM   900  C  CZ  . TYR A 1 116 ? 8.211   4.906   -11.963 1.00 37.53 ? 116 TYR A CZ  1 
ATOM   901  O  OH  . TYR A 1 116 ? 7.937   3.575   -12.011 1.00 37.33 ? 116 TYR A OH  1 
ATOM   902  N  N   . THR A 1 117 ? 10.615  9.992   -14.355 1.00 36.25 ? 117 THR A N   1 
ATOM   903  C  CA  . THR A 1 117 ? 11.531  9.615   -15.431 1.00 34.67 ? 117 THR A CA  1 
ATOM   904  C  C   . THR A 1 117 ? 12.638  8.760   -14.817 1.00 33.07 ? 117 THR A C   1 
ATOM   905  O  O   . THR A 1 117 ? 13.067  8.991   -13.676 1.00 32.88 ? 117 THR A O   1 
ATOM   906  C  CB  . THR A 1 117 ? 12.056  10.866  -16.142 1.00 35.45 ? 117 THR A CB  1 
ATOM   907  O  OG1 . THR A 1 117 ? 12.543  11.805  -15.193 1.00 35.81 ? 117 THR A OG1 1 
ATOM   908  C  CG2 . THR A 1 117 ? 10.977  11.565  -16.975 1.00 35.88 ? 117 THR A CG2 1 
ATOM   909  N  N   . VAL A 1 118 ? 13.049  7.786   -15.597 1.00 31.85 ? 118 VAL A N   1 
ATOM   910  C  CA  . VAL A 1 118 ? 14.066  6.807   -15.190 1.00 30.58 ? 118 VAL A CA  1 
ATOM   911  C  C   . VAL A 1 118 ? 15.213  6.830   -16.183 1.00 29.82 ? 118 VAL A C   1 
ATOM   912  O  O   . VAL A 1 118 ? 15.073  7.491   -17.247 1.00 30.03 ? 118 VAL A O   1 
ATOM   913  C  CB  . VAL A 1 118 ? 13.410  5.423   -15.137 1.00 30.83 ? 118 VAL A CB  1 
ATOM   914  C  CG1 . VAL A 1 118 ? 12.246  5.349   -14.142 1.00 30.47 ? 118 VAL A CG1 1 
ATOM   915  C  CG2 . VAL A 1 118 ? 12.836  4.979   -16.487 1.00 28.96 ? 118 VAL A CG2 1 
ATOM   916  N  N   . ASP A 1 119 ? 16.384  6.401   -15.765 1.00 28.65 ? 119 ASP A N   1 
ATOM   917  C  CA  . ASP A 1 119 ? 17.524  6.180   -16.657 1.00 27.49 ? 119 ASP A CA  1 
ATOM   918  C  C   . ASP A 1 119 ? 17.572  4.677   -16.988 1.00 26.98 ? 119 ASP A C   1 
ATOM   919  O  O   . ASP A 1 119 ? 18.021  3.859   -16.182 1.00 26.48 ? 119 ASP A O   1 
ATOM   920  C  CB  . ASP A 1 119 ? 18.829  6.688   -16.054 1.00 26.99 ? 119 ASP A CB  1 
ATOM   921  C  CG  . ASP A 1 119 ? 20.030  6.387   -16.948 1.00 26.77 ? 119 ASP A CG  1 
ATOM   922  O  OD1 . ASP A 1 119 ? 19.891  5.768   -18.002 1.00 27.27 ? 119 ASP A OD1 1 
ATOM   923  O  OD2 . ASP A 1 119 ? 21.141  6.773   -16.498 1.00 26.70 ? 119 ASP A OD2 1 
ATOM   924  N  N   . LYS A 1 120 ? 17.129  4.352   -18.163 1.00 27.00 ? 120 LYS A N   1 
ATOM   925  C  CA  . LYS A 1 120 ? 16.944  3.029   -18.712 1.00 27.24 ? 120 LYS A CA  1 
ATOM   926  C  C   . LYS A 1 120 ? 18.214  2.272   -19.059 1.00 26.48 ? 120 LYS A C   1 
ATOM   927  O  O   . LYS A 1 120 ? 18.145  1.095   -19.458 1.00 26.14 ? 120 LYS A O   1 
ATOM   928  C  CB  . LYS A 1 120 ? 16.088  3.103   -20.005 1.00 29.39 ? 120 LYS A CB  1 
ATOM   929  C  CG  . LYS A 1 120 ? 14.556  3.541   -20.012 1.00 31.85 ? 120 LYS A CG  1 
ATOM   930  C  CD  . LYS A 1 120 ? 13.890  2.195   -20.047 1.00 33.60 ? 120 LYS A CD  1 
ATOM   931  C  CE  . LYS A 1 120 ? 12.387  2.214   -20.051 1.00 35.82 ? 120 LYS A CE  1 
ATOM   932  N  NZ  . LYS A 1 120 ? 11.854  2.868   -21.299 1.00 37.53 ? 120 LYS A NZ  1 
ATOM   933  N  N   . SER A 1 121 ? 19.339  2.915   -18.962 1.00 26.58 ? 121 SER A N   1 
ATOM   934  C  CA  . SER A 1 121 ? 20.664  2.399   -19.225 1.00 26.18 ? 121 SER A CA  1 
ATOM   935  C  C   . SER A 1 121 ? 21.318  1.815   -17.986 1.00 25.69 ? 121 SER A C   1 
ATOM   936  O  O   . SER A 1 121 ? 22.357  1.138   -18.134 1.00 26.04 ? 121 SER A O   1 
ATOM   937  C  CB  . SER A 1 121 ? 21.592  3.474   -19.811 1.00 26.41 ? 121 SER A CB  1 
ATOM   938  O  OG  . SER A 1 121 ? 21.867  4.467   -18.832 1.00 28.85 ? 121 SER A OG  1 
ATOM   939  N  N   . LYS A 1 122 ? 20.721  2.046   -16.840 1.00 25.13 ? 122 LYS A N   1 
ATOM   940  C  CA  . LYS A 1 122 ? 21.277  1.545   -15.564 1.00 24.23 ? 122 LYS A CA  1 
ATOM   941  C  C   . LYS A 1 122 ? 20.343  0.475   -15.014 1.00 23.74 ? 122 LYS A C   1 
ATOM   942  O  O   . LYS A 1 122 ? 19.118  0.550   -15.223 1.00 24.10 ? 122 LYS A O   1 
ATOM   943  C  CB  . LYS A 1 122 ? 21.482  2.627   -14.541 1.00 24.84 ? 122 LYS A CB  1 
ATOM   944  C  CG  . LYS A 1 122 ? 22.104  3.913   -15.088 1.00 26.26 ? 122 LYS A CG  1 
ATOM   945  C  CD  . LYS A 1 122 ? 23.409  4.733   -14.901 1.00 27.85 ? 122 LYS A CD  1 
ATOM   946  C  CE  . LYS A 1 122 ? 24.034  6.119   -14.729 1.00 29.68 ? 122 LYS A CE  1 
ATOM   947  N  NZ  . LYS A 1 122 ? 25.529  6.039   -14.903 1.00 31.95 ? 122 LYS A NZ  1 
ATOM   948  N  N   . PRO A 1 123 ? 20.962  -0.592  -14.532 1.00 22.92 ? 123 PRO A N   1 
ATOM   949  C  CA  . PRO A 1 123 ? 20.216  -1.708  -13.952 1.00 23.27 ? 123 PRO A CA  1 
ATOM   950  C  C   . PRO A 1 123 ? 19.265  -1.177  -12.869 1.00 23.20 ? 123 PRO A C   1 
ATOM   951  O  O   . PRO A 1 123 ? 19.493  -0.208  -12.139 1.00 22.95 ? 123 PRO A O   1 
ATOM   952  C  CB  . PRO A 1 123 ? 21.275  -2.659  -13.417 1.00 22.79 ? 123 PRO A CB  1 
ATOM   953  C  CG  . PRO A 1 123 ? 22.569  -2.202  -14.010 1.00 22.81 ? 123 PRO A CG  1 
ATOM   954  C  CD  . PRO A 1 123 ? 22.409  -0.736  -14.307 1.00 22.71 ? 123 PRO A CD  1 
ATOM   955  N  N   . LYS A 1 124 ? 18.196  -1.933  -12.740 1.00 23.69 ? 124 LYS A N   1 
ATOM   956  C  CA  . LYS A 1 124 ? 17.099  -1.680  -11.797 1.00 23.02 ? 124 LYS A CA  1 
ATOM   957  C  C   . LYS A 1 124 ? 17.576  -1.776  -10.372 1.00 22.77 ? 124 LYS A C   1 
ATOM   958  O  O   . LYS A 1 124 ? 18.487  -2.558  -10.056 1.00 23.50 ? 124 LYS A O   1 
ATOM   959  C  CB  . LYS A 1 124 ? 15.952  -2.665  -12.080 1.00 22.61 ? 124 LYS A CB  1 
ATOM   960  C  CG  . LYS A 1 124 ? 15.377  -2.293  -13.457 1.00 22.93 ? 124 LYS A CG  1 
ATOM   961  C  CD  . LYS A 1 124 ? 14.243  -3.197  -13.873 1.00 23.72 ? 124 LYS A CD  1 
ATOM   962  C  CE  . LYS A 1 124 ? 13.250  -2.379  -14.699 1.00 24.17 ? 124 LYS A CE  1 
ATOM   963  N  NZ  . LYS A 1 124 ? 12.094  -3.242  -15.069 1.00 25.97 ? 124 LYS A NZ  1 
ATOM   964  N  N   . VAL A 1 125 ? 17.016  -0.921  -9.545  1.00 22.12 ? 125 VAL A N   1 
ATOM   965  C  CA  . VAL A 1 125 ? 17.342  -0.866  -8.105  1.00 21.88 ? 125 VAL A CA  1 
ATOM   966  C  C   . VAL A 1 125 ? 16.039  -0.581  -7.359  1.00 22.12 ? 125 VAL A C   1 
ATOM   967  O  O   . VAL A 1 125 ? 15.171  0.125   -7.912  1.00 22.47 ? 125 VAL A O   1 
ATOM   968  C  CB  . VAL A 1 125 ? 18.458  0.192   -7.939  1.00 22.23 ? 125 VAL A CB  1 
ATOM   969  C  CG1 . VAL A 1 125 ? 17.991  1.628   -8.108  1.00 21.65 ? 125 VAL A CG1 1 
ATOM   970  C  CG2 . VAL A 1 125 ? 19.170  -0.001  -6.615  1.00 23.72 ? 125 VAL A CG2 1 
ATOM   971  N  N   . TYR A 1 126 ? 15.937  -1.089  -6.147  1.00 22.13 ? 126 TYR A N   1 
ATOM   972  C  CA  . TYR A 1 126 ? 14.784  -0.809  -5.266  1.00 22.03 ? 126 TYR A CA  1 
ATOM   973  C  C   . TYR A 1 126 ? 14.813  0.664   -4.831  1.00 21.37 ? 126 TYR A C   1 
ATOM   974  O  O   . TYR A 1 126 ? 15.825  1.146   -4.355  1.00 21.54 ? 126 TYR A O   1 
ATOM   975  C  CB  . TYR A 1 126 ? 14.804  -1.663  -3.988  1.00 21.48 ? 126 TYR A CB  1 
ATOM   976  C  CG  . TYR A 1 126 ? 14.221  -3.021  -4.238  1.00 22.57 ? 126 TYR A CG  1 
ATOM   977  C  CD1 . TYR A 1 126 ? 12.834  -3.220  -4.213  1.00 21.98 ? 126 TYR A CD1 1 
ATOM   978  C  CD2 . TYR A 1 126 ? 15.052  -4.117  -4.525  1.00 22.48 ? 126 TYR A CD2 1 
ATOM   979  C  CE1 . TYR A 1 126 ? 12.299  -4.490  -4.365  1.00 22.50 ? 126 TYR A CE1 1 
ATOM   980  C  CE2 . TYR A 1 126 ? 14.506  -5.368  -4.819  1.00 23.14 ? 126 TYR A CE2 1 
ATOM   981  C  CZ  . TYR A 1 126 ? 13.143  -5.548  -4.702  1.00 23.18 ? 126 TYR A CZ  1 
ATOM   982  O  OH  . TYR A 1 126 ? 12.613  -6.782  -4.958  1.00 25.01 ? 126 TYR A OH  1 
ATOM   983  N  N   . GLN A 1 127 ? 13.625  1.238   -4.899  1.00 21.37 ? 127 GLN A N   1 
ATOM   984  C  CA  . GLN A 1 127 ? 13.420  2.674   -4.621  1.00 20.74 ? 127 GLN A CA  1 
ATOM   985  C  C   . GLN A 1 127 ? 12.006  2.812   -4.035  1.00 20.44 ? 127 GLN A C   1 
ATOM   986  O  O   . GLN A 1 127 ? 11.205  1.892   -4.150  1.00 19.32 ? 127 GLN A O   1 
ATOM   987  C  CB  . GLN A 1 127 ? 13.568  3.468   -5.913  1.00 21.41 ? 127 GLN A CB  1 
ATOM   988  C  CG  . GLN A 1 127 ? 14.954  3.310   -6.576  1.00 21.59 ? 127 GLN A CG  1 
ATOM   989  C  CD  . GLN A 1 127 ? 14.949  3.929   -7.947  1.00 21.87 ? 127 GLN A CD  1 
ATOM   990  O  OE1 . GLN A 1 127 ? 15.021  5.150   -8.122  1.00 23.24 ? 127 GLN A OE1 1 
ATOM   991  N  NE2 . GLN A 1 127 ? 14.775  3.123   -8.967  1.00 22.23 ? 127 GLN A NE2 1 
ATOM   992  N  N   . TRP A 1 128 ? 11.747  3.963   -3.458  1.00 21.00 ? 128 TRP A N   1 
ATOM   993  C  CA  . TRP A 1 128 ? 10.462  4.315   -2.860  1.00 21.12 ? 128 TRP A CA  1 
ATOM   994  C  C   . TRP A 1 128 ? 9.653   5.088   -3.894  1.00 21.34 ? 128 TRP A C   1 
ATOM   995  O  O   . TRP A 1 128 ? 10.253  5.969   -4.527  1.00 22.32 ? 128 TRP A O   1 
ATOM   996  C  CB  . TRP A 1 128 ? 10.665  5.211   -1.613  1.00 20.63 ? 128 TRP A CB  1 
ATOM   997  C  CG  . TRP A 1 128 ? 11.226  4.497   -0.437  1.00 19.87 ? 128 TRP A CG  1 
ATOM   998  C  CD1 . TRP A 1 128 ? 12.462  4.649   0.118   1.00 20.10 ? 128 TRP A CD1 1 
ATOM   999  C  CD2 . TRP A 1 128 ? 10.550  3.525   0.381   1.00 19.78 ? 128 TRP A CD2 1 
ATOM   1000 N  NE1 . TRP A 1 128 ? 12.638  3.771   1.169   1.00 20.78 ? 128 TRP A NE1 1 
ATOM   1001 C  CE2 . TRP A 1 128 ? 11.440  3.091   1.356   1.00 19.69 ? 128 TRP A CE2 1 
ATOM   1002 C  CE3 . TRP A 1 128 ? 9.295   2.891   0.256   1.00 19.41 ? 128 TRP A CE3 1 
ATOM   1003 C  CZ2 . TRP A 1 128 ? 11.124  2.112   2.284   1.00 19.66 ? 128 TRP A CZ2 1 
ATOM   1004 C  CZ3 . TRP A 1 128 ? 8.956   1.951   1.192   1.00 19.58 ? 128 TRP A CZ3 1 
ATOM   1005 C  CH2 . TRP A 1 128 ? 9.855   1.553   2.192   1.00 19.10 ? 128 TRP A CH2 1 
ATOM   1006 N  N   . PHE A 1 129 ? 8.342   4.905   -3.894  1.00 21.28 ? 129 PHE A N   1 
ATOM   1007 C  CA  . PHE A 1 129 ? 7.461   5.578   -4.860  1.00 20.82 ? 129 PHE A CA  1 
ATOM   1008 C  C   . PHE A 1 129 ? 6.182   6.080   -4.182  1.00 21.53 ? 129 PHE A C   1 
ATOM   1009 O  O   . PHE A 1 129 ? 5.690   5.462   -3.242  1.00 21.60 ? 129 PHE A O   1 
ATOM   1010 C  CB  . PHE A 1 129 ? 7.123   4.585   -6.011  1.00 20.00 ? 129 PHE A CB  1 
ATOM   1011 C  CG  . PHE A 1 129 ? 8.291   4.246   -6.881  1.00 19.92 ? 129 PHE A CG  1 
ATOM   1012 C  CD1 . PHE A 1 129 ? 8.579   5.038   -8.007  1.00 19.24 ? 129 PHE A CD1 1 
ATOM   1013 C  CD2 . PHE A 1 129 ? 9.050   3.103   -6.658  1.00 19.54 ? 129 PHE A CD2 1 
ATOM   1014 C  CE1 . PHE A 1 129 ? 9.702   4.794   -8.774  1.00 19.56 ? 129 PHE A CE1 1 
ATOM   1015 C  CE2 . PHE A 1 129 ? 10.163  2.813   -7.440  1.00 19.21 ? 129 PHE A CE2 1 
ATOM   1016 C  CZ  . PHE A 1 129 ? 10.506  3.669   -8.487  1.00 20.24 ? 129 PHE A CZ  1 
ATOM   1017 N  N   . ASP A 1 130 ? 5.566   7.077   -4.814  1.00 23.09 ? 130 ASP A N   1 
ATOM   1018 C  CA  . ASP A 1 130 ? 4.263   7.591   -4.387  1.00 24.06 ? 130 ASP A CA  1 
ATOM   1019 C  C   . ASP A 1 130 ? 3.165   6.654   -4.909  1.00 23.77 ? 130 ASP A C   1 
ATOM   1020 O  O   . ASP A 1 130 ? 3.370   5.933   -5.904  1.00 24.23 ? 130 ASP A O   1 
ATOM   1021 C  CB  . ASP A 1 130 ? 3.996   9.022   -4.755  1.00 25.79 ? 130 ASP A CB  1 
ATOM   1022 C  CG  . ASP A 1 130 ? 4.908   10.029  -4.119  1.00 27.52 ? 130 ASP A CG  1 
ATOM   1023 O  OD1 . ASP A 1 130 ? 5.313   9.983   -2.947  1.00 28.93 ? 130 ASP A OD1 1 
ATOM   1024 O  OD2 . ASP A 1 130 ? 5.223   10.958  -4.909  1.00 29.56 ? 130 ASP A OD2 1 
ATOM   1025 N  N   . LEU A 1 131 ? 2.038   6.715   -4.215  1.00 23.07 ? 131 LEU A N   1 
ATOM   1026 C  CA  . LEU A 1 131 ? 0.847   5.952   -4.616  1.00 22.64 ? 131 LEU A CA  1 
ATOM   1027 C  C   . LEU A 1 131 ? -0.062  6.858   -5.445  1.00 23.26 ? 131 LEU A C   1 
ATOM   1028 O  O   . LEU A 1 131 ? -0.005  8.078   -5.231  1.00 23.08 ? 131 LEU A O   1 
ATOM   1029 C  CB  . LEU A 1 131 ? 0.154   5.382   -3.372  1.00 21.37 ? 131 LEU A CB  1 
ATOM   1030 C  CG  . LEU A 1 131 ? 0.955   4.898   -2.203  1.00 21.55 ? 131 LEU A CG  1 
ATOM   1031 C  CD1 . LEU A 1 131 ? 0.091   4.473   -1.021  1.00 22.24 ? 131 LEU A CD1 1 
ATOM   1032 C  CD2 . LEU A 1 131 ? 1.850   3.732   -2.604  1.00 22.09 ? 131 LEU A CD2 1 
ATOM   1033 N  N   . ARG A 1 132 ? -0.975  6.232   -6.172  1.00 23.88 ? 132 ARG A N   1 
ATOM   1034 C  CA  . ARG A 1 132 ? -2.022  6.991   -6.897  1.00 24.93 ? 132 ARG A CA  1 
ATOM   1035 C  C   . ARG A 1 132 ? -2.971  7.546   -5.805  1.00 24.57 ? 132 ARG A C   1 
ATOM   1036 O  O   . ARG A 1 132 ? -3.139  6.849   -4.790  1.00 24.23 ? 132 ARG A O   1 
ATOM   1037 C  CB  . ARG A 1 132 ? -2.897  6.069   -7.760  1.00 27.63 ? 132 ARG A CB  1 
ATOM   1038 C  CG  . ARG A 1 132 ? -2.227  5.038   -8.616  1.00 31.22 ? 132 ARG A CG  1 
ATOM   1039 C  CD  . ARG A 1 132 ? -3.295  4.589   -9.577  1.00 33.38 ? 132 ARG A CD  1 
ATOM   1040 N  NE  . ARG A 1 132 ? -3.475  3.089   -9.442  1.00 34.96 ? 132 ARG A NE  1 
ATOM   1041 C  CZ  . ARG A 1 132 ? -3.860  1.859   -9.701  1.00 36.12 ? 132 ARG A CZ  1 
ATOM   1042 N  NH1 . ARG A 1 132 ? -3.453  0.757   -9.092  1.00 36.45 ? 132 ARG A NH1 1 
ATOM   1043 N  NH2 . ARG A 1 132 ? -4.889  1.700   -10.593 1.00 36.87 ? 132 ARG A NH2 1 
ATOM   1044 N  N   . LYS A 1 133 ? -3.685  8.589   -6.156  1.00 23.72 ? 133 LYS A N   1 
ATOM   1045 C  CA  . LYS A 1 133 ? -4.780  9.081   -5.295  1.00 23.21 ? 133 LYS A CA  1 
ATOM   1046 C  C   . LYS A 1 133 ? -5.930  8.068   -5.489  1.00 21.22 ? 133 LYS A C   1 
ATOM   1047 O  O   . LYS A 1 133 ? -6.189  7.723   -6.657  1.00 20.88 ? 133 LYS A O   1 
ATOM   1048 C  CB  . LYS A 1 133 ? -5.316  10.441  -5.721  1.00 24.79 ? 133 LYS A CB  1 
ATOM   1049 C  CG  . LYS A 1 133 ? -4.512  11.657  -5.377  1.00 28.37 ? 133 LYS A CG  1 
ATOM   1050 C  CD  . LYS A 1 133 ? -4.190  11.797  -3.886  1.00 30.61 ? 133 LYS A CD  1 
ATOM   1051 C  CE  . LYS A 1 133 ? -3.801  13.264  -3.625  1.00 32.32 ? 133 LYS A CE  1 
ATOM   1052 N  NZ  . LYS A 1 133 ? -5.061  14.015  -3.263  1.00 33.33 ? 133 LYS A NZ  1 
ATOM   1053 N  N   . TYR A 1 134 ? -6.656  7.852   -4.433  1.00 20.77 ? 134 TYR A N   1 
ATOM   1054 C  CA  . TYR A 1 134 ? -7.931  7.066   -4.489  1.00 19.98 ? 134 TYR A CA  1 
ATOM   1055 C  C   . TYR A 1 134 ? -9.108  8.000   -4.731  1.00 20.88 ? 134 TYR A C   1 
ATOM   1056 O  O   . TYR A 1 134 ? -9.166  9.094   -4.130  1.00 20.86 ? 134 TYR A O   1 
ATOM   1057 C  CB  . TYR A 1 134 ? -8.053  6.239   -3.213  1.00 17.58 ? 134 TYR A CB  1 
ATOM   1058 C  CG  . TYR A 1 134 ? -9.113  5.172   -3.123  1.00 16.82 ? 134 TYR A CG  1 
ATOM   1059 C  CD1 . TYR A 1 134 ? -10.448 5.497   -2.808  1.00 15.98 ? 134 TYR A CD1 1 
ATOM   1060 C  CD2 . TYR A 1 134 ? -8.817  3.845   -3.428  1.00 15.76 ? 134 TYR A CD2 1 
ATOM   1061 C  CE1 . TYR A 1 134 ? -11.465 4.526   -2.890  1.00 15.54 ? 134 TYR A CE1 1 
ATOM   1062 C  CE2 . TYR A 1 134 ? -9.801  2.876   -3.493  1.00 15.14 ? 134 TYR A CE2 1 
ATOM   1063 C  CZ  . TYR A 1 134 ? -11.127 3.219   -3.180  1.00 14.30 ? 134 TYR A CZ  1 
ATOM   1064 O  OH  . TYR A 1 134 ? -12.012 2.192   -3.148  1.00 14.42 ? 134 TYR A OH  1 
ATOM   1065 O  OXT . TYR A 1 134 ? -10.054 7.686   -5.497  1.00 21.78 ? 134 TYR A OXT 1 
HETATM 1066 CA CA  . CA  B 2 .   ? -3.585  -4.850  8.546   1.00 15.26 ? 501 CA  A CA  1 
HETATM 1067 C  C1  . GEL C 3 .   ? -0.446  -1.031  6.447   1.00 19.35 ? 420 GEL A C1  1 
HETATM 1068 O  O1  . GEL C 3 .   ? -1.214  0.181   6.690   1.00 20.42 ? 420 GEL A O1  1 
HETATM 1069 C  C11 . GEL C 3 .   ? -0.854  0.611   8.039   1.00 22.85 ? 420 GEL A C11 1 
HETATM 1070 C  C12 . GEL C 3 .   ? -1.970  1.439   8.661   1.00 23.99 ? 420 GEL A C12 1 
HETATM 1071 C  C13 . GEL C 3 .   ? -1.548  2.743   9.296   1.00 25.38 ? 420 GEL A C13 1 
HETATM 1072 C  C14 . GEL C 3 .   ? -2.611  3.489   10.080  1.00 26.22 ? 420 GEL A C14 1 
HETATM 1073 C  C15 . GEL C 3 .   ? -2.542  4.978   9.983   1.00 27.09 ? 420 GEL A C15 1 
HETATM 1074 C  C16 . GEL C 3 .   ? -3.004  5.812   11.123  1.00 27.56 ? 420 GEL A C16 1 
HETATM 1075 C  C17 . GEL C 3 .   ? -2.559  7.259   11.133  1.00 27.85 ? 420 GEL A C17 1 
HETATM 1076 C  C18 . GEL C 3 .   ? -3.696  8.269   11.355  1.00 28.13 ? 420 GEL A C18 1 
HETATM 1077 C  C2  . GEL C 3 .   ? -1.365  -2.223  6.435   1.00 17.95 ? 420 GEL A C2  1 
HETATM 1078 O  O2  . GEL C 3 .   ? -2.496  -1.948  5.635   1.00 17.46 ? 420 GEL A O2  1 
HETATM 1079 P  P2  . GEL C 3 .   ? -4.019  -2.406  5.837   1.00 16.87 ? 420 GEL A P2  1 
HETATM 1080 O  O1P . GEL C 3 .   ? -4.362  -3.175  4.606   1.00 16.58 ? 420 GEL A O1P 1 
HETATM 1081 O  O2P . GEL C 3 .   ? -4.157  -3.167  7.089   1.00 17.85 ? 420 GEL A O2P 1 
HETATM 1082 C  C22 . GEL C 3 .   ? -4.337  -0.644  5.857   1.00 18.75 ? 420 GEL A C22 1 
HETATM 1083 C  C23 . GEL C 3 .   ? -5.488  0.026   6.376   1.00 20.00 ? 420 GEL A C23 1 
HETATM 1084 C  C24 . GEL C 3 .   ? -5.512  1.495   6.738   1.00 21.60 ? 420 GEL A C24 1 
HETATM 1085 C  C25 . GEL C 3 .   ? -6.922  1.936   6.969   1.00 22.97 ? 420 GEL A C25 1 
HETATM 1086 C  C26 . GEL C 3 .   ? -7.345  2.979   7.891   1.00 24.18 ? 420 GEL A C26 1 
HETATM 1087 C  C27 . GEL C 3 .   ? -8.418  2.627   8.907   1.00 24.09 ? 420 GEL A C27 1 
HETATM 1088 C  C28 . GEL C 3 .   ? -7.899  2.861   10.330  1.00 25.01 ? 420 GEL A C28 1 
HETATM 1089 C  C3  . GEL C 3 .   ? -0.664  -3.504  6.018   1.00 18.11 ? 420 GEL A C3  1 
HETATM 1090 O  O3  . GEL C 3 .   ? 0.376   -3.762  6.985   1.00 18.48 ? 420 GEL A O3  1 
HETATM 1091 P  P3  . GEL C 3 .   ? 0.097   -4.683  8.314   1.00 19.24 ? 420 GEL A P3  1 
HETATM 1092 O  O3P . GEL C 3 .   ? 1.069   -4.197  9.338   1.00 19.71 ? 420 GEL A O3P 1 
HETATM 1093 O  O4P . GEL C 3 .   ? -1.307  -4.641  8.706   1.00 20.69 ? 420 GEL A O4P 1 
HETATM 1094 O  O5P . GEL C 3 .   ? 0.621   -5.888  7.519   1.00 20.44 ? 420 GEL A O5P 1 
HETATM 1095 C  C31 . GEL C 3 .   ? 0.578   -7.252  7.809   1.00 21.88 ? 420 GEL A C31 1 
HETATM 1096 C  C32 . GEL C 3 .   ? 2.004   -7.804  7.794   1.00 21.93 ? 420 GEL A C32 1 
HETATM 1097 N  N3  . GEL C 3 .   ? 2.112   -8.618  9.055   1.00 22.75 ? 420 GEL A N3  1 
HETATM 1098 O  O   . HOH D 4 .   ? 1.016   4.947   12.558  1.00 24.71 ? 201 HOH A O   1 
HETATM 1099 O  O   . HOH D 4 .   ? -3.734  1.934   17.817  1.00 29.29 ? 202 HOH A O   1 
HETATM 1100 O  O   . HOH D 4 .   ? -3.666  -2.348  15.847  1.00 30.05 ? 203 HOH A O   1 
HETATM 1101 O  O   . HOH D 4 .   ? -8.589  -10.303 -1.969  1.00 23.08 ? 204 HOH A O   1 
HETATM 1102 O  O   . HOH D 4 .   ? -13.078 -8.109  -1.635  1.00 12.49 ? 205 HOH A O   1 
HETATM 1103 O  O   . HOH D 4 .   ? -8.333  -13.493 -2.615  1.00 28.08 ? 206 HOH A O   1 
HETATM 1104 O  O   . HOH D 4 .   ? -8.860  -12.142 1.517   1.00 14.33 ? 207 HOH A O   1 
HETATM 1105 O  O   . HOH D 4 .   ? -12.678 -13.457 -0.625  1.00 36.39 ? 208 HOH A O   1 
HETATM 1106 O  O   . HOH D 4 .   ? -10.249 -12.981 -0.779  1.00 29.91 ? 209 HOH A O   1 
HETATM 1107 O  O   . HOH D 4 .   ? -5.629  -6.498  -1.536  1.00 13.65 ? 210 HOH A O   1 
HETATM 1108 O  O   . HOH D 4 .   ? -16.405 -7.342  12.798  1.00 27.95 ? 211 HOH A O   1 
HETATM 1109 O  O   . HOH D 4 .   ? -5.600  -19.449 4.145   1.00 22.18 ? 212 HOH A O   1 
HETATM 1110 O  O   . HOH D 4 .   ? -15.949 0.263   -3.617  1.00 27.52 ? 213 HOH A O   1 
HETATM 1111 O  O   . HOH D 4 .   ? -14.937 -11.628 0.711   1.00 41.67 ? 214 HOH A O   1 
HETATM 1112 O  O   . HOH D 4 .   ? 3.256   0.691   1.338   1.00 13.68 ? 215 HOH A O   1 
HETATM 1113 O  O   . HOH D 4 .   ? -1.736  -8.417  9.921   1.00 16.55 ? 216 HOH A O   1 
HETATM 1114 O  O   . HOH D 4 .   ? -2.569  -6.539  -1.863  1.00 27.47 ? 217 HOH A O   1 
HETATM 1115 O  O   . HOH D 4 .   ? 2.249   4.087   -8.328  1.00 41.31 ? 218 HOH A O   1 
HETATM 1116 O  O   . HOH D 4 .   ? -8.147  -1.035  17.690  1.00 22.17 ? 219 HOH A O   1 
HETATM 1117 O  O   . HOH D 4 .   ? -14.912 -4.754  17.268  1.00 61.59 ? 220 HOH A O   1 
HETATM 1118 O  O   . HOH D 4 .   ? -14.589 2.659   -2.617  1.00 21.07 ? 221 HOH A O   1 
HETATM 1119 O  O   . HOH D 4 .   ? -13.702 6.082   -5.217  1.00 30.88 ? 222 HOH A O   1 
HETATM 1120 O  O   . HOH D 4 .   ? -22.984 1.299   5.705   1.00 54.55 ? 223 HOH A O   1 
HETATM 1121 O  O   . HOH D 4 .   ? -22.032 2.507   9.844   1.00 55.23 ? 224 HOH A O   1 
HETATM 1122 O  O   . HOH D 4 .   ? -19.706 -0.674  3.782   1.00 9.99  ? 225 HOH A O   1 
HETATM 1123 O  O   . HOH D 4 .   ? -10.714 -4.117  25.605  1.00 31.89 ? 226 HOH A O   1 
HETATM 1124 O  O   . HOH D 4 .   ? -17.713 6.724   2.876   1.00 34.03 ? 227 HOH A O   1 
HETATM 1125 O  O   . HOH D 4 .   ? -23.380 3.574   -0.916  1.00 30.66 ? 228 HOH A O   1 
HETATM 1126 O  O   . HOH D 4 .   ? -17.209 1.011   11.911  1.00 47.57 ? 229 HOH A O   1 
HETATM 1127 O  O   . HOH D 4 .   ? -0.905  7.716   1.288   1.00 16.30 ? 230 HOH A O   1 
HETATM 1128 O  O   . HOH D 4 .   ? 2.159   1.755   4.018   1.00 23.29 ? 231 HOH A O   1 
HETATM 1129 O  O   . HOH D 4 .   ? -0.783  3.388   -6.639  1.00 60.22 ? 232 HOH A O   1 
HETATM 1130 O  O   . HOH D 4 .   ? 3.245   7.059   6.129   1.00 33.65 ? 233 HOH A O   1 
HETATM 1131 O  O   . HOH D 4 .   ? 9.607   -5.039  -7.464  1.00 18.57 ? 234 HOH A O   1 
HETATM 1132 O  O   . HOH D 4 .   ? -1.384  -0.038  -11.863 1.00 57.45 ? 235 HOH A O   1 
HETATM 1133 O  O   . HOH D 4 .   ? -0.304  -5.097  -13.499 1.00 45.26 ? 236 HOH A O   1 
HETATM 1134 O  O   . HOH D 4 .   ? -4.931  -11.402 -6.677  1.00 30.71 ? 237 HOH A O   1 
HETATM 1135 O  O   . HOH D 4 .   ? -15.117 -9.796  -1.639  1.00 30.32 ? 238 HOH A O   1 
HETATM 1136 O  O   . HOH D 4 .   ? -13.193 -6.411  -4.162  1.00 12.89 ? 239 HOH A O   1 
HETATM 1137 O  O   . HOH D 4 .   ? 6.395   -4.225  -6.901  1.00 24.61 ? 240 HOH A O   1 
HETATM 1138 O  O   . HOH D 4 .   ? -0.984  -10.702 -0.924  1.00 42.99 ? 241 HOH A O   1 
HETATM 1139 O  O   . HOH D 4 .   ? 8.197   -10.042 3.632   1.00 34.08 ? 242 HOH A O   1 
HETATM 1140 O  O   . HOH D 4 .   ? -4.170  -9.426  -5.048  1.00 38.18 ? 243 HOH A O   1 
HETATM 1141 O  O   . HOH D 4 .   ? -6.425  -14.526 -0.258  1.00 45.03 ? 244 HOH A O   1 
HETATM 1142 O  O   . HOH D 4 .   ? -11.424 -7.303  -6.785  1.00 35.79 ? 245 HOH A O   1 
HETATM 1143 O  O   . HOH D 4 .   ? -16.980 -7.123  -3.807  1.00 26.21 ? 246 HOH A O   1 
HETATM 1144 O  O   . HOH D 4 .   ? -2.331  -13.325 -0.803  1.00 27.34 ? 247 HOH A O   1 
HETATM 1145 O  O   . HOH D 4 .   ? -5.304  -9.094  -8.199  1.00 44.01 ? 248 HOH A O   1 
HETATM 1146 O  O   . HOH D 4 .   ? -14.294 -17.430 5.690   1.00 56.06 ? 249 HOH A O   1 
HETATM 1147 O  O   . HOH D 4 .   ? 1.905   8.220   -1.730  1.00 26.46 ? 250 HOH A O   1 
HETATM 1148 O  O   . HOH D 4 .   ? 7.153   8.542   -7.415  1.00 33.93 ? 251 HOH A O   1 
HETATM 1149 O  O   . HOH D 4 .   ? 18.415  -2.752  -5.153  1.00 28.68 ? 252 HOH A O   1 
HETATM 1150 O  O   . HOH D 4 .   ? -3.149  4.249   19.541  1.00 21.93 ? 253 HOH A O   1 
HETATM 1151 O  O   . HOH D 4 .   ? -0.523  5.192   19.993  1.00 43.29 ? 254 HOH A O   1 
HETATM 1152 O  O   . HOH D 4 .   ? -2.764  3.013   22.073  1.00 40.97 ? 255 HOH A O   1 
HETATM 1153 O  O   . HOH D 4 .   ? -20.340 -7.065  3.504   1.00 30.36 ? 256 HOH A O   1 
HETATM 1154 O  O   . HOH D 4 .   ? 2.934   -10.490 4.741   1.00 31.89 ? 257 HOH A O   1 
HETATM 1155 O  O   . HOH D 4 .   ? 17.071  -7.005  -2.371  1.00 38.39 ? 258 HOH A O   1 
HETATM 1156 O  O   . HOH D 4 .   ? 15.386  4.374   2.306   1.00 28.33 ? 259 HOH A O   1 
HETATM 1157 O  O   . HOH D 4 .   ? 14.188  5.906   -3.424  1.00 29.54 ? 260 HOH A O   1 
HETATM 1158 O  O   . HOH D 4 .   ? -9.333  -19.268 10.443  1.00 24.92 ? 261 HOH A O   1 
HETATM 1159 O  O   . HOH D 4 .   ? -16.028 -10.281 14.049  1.00 51.72 ? 262 HOH A O   1 
HETATM 1160 O  O   . HOH D 4 .   ? -10.540 0.582   17.041  1.00 47.39 ? 263 HOH A O   1 
HETATM 1161 O  O   . HOH D 4 .   ? -5.582  -3.821  17.861  1.00 44.79 ? 264 HOH A O   1 
HETATM 1162 O  O   . HOH D 4 .   ? -0.329  1.449   17.049  1.00 51.96 ? 265 HOH A O   1 
HETATM 1163 O  O   . HOH D 4 .   ? -18.270 -12.084 7.237   1.00 55.53 ? 266 HOH A O   1 
HETATM 1164 O  O   . HOH D 4 .   ? -22.228 -4.878  5.438   1.00 48.89 ? 267 HOH A O   1 
HETATM 1165 O  O   . HOH D 4 .   ? -23.220 -8.026  4.403   1.00 56.98 ? 268 HOH A O   1 
HETATM 1166 O  O   . HOH D 4 .   ? -14.078 11.366  -4.787  1.00 51.59 ? 269 HOH A O   1 
HETATM 1167 O  O   . HOH D 4 .   ? -12.959 8.761   -5.336  1.00 49.82 ? 270 HOH A O   1 
HETATM 1168 O  O   . HOH D 4 .   ? -2.641  -15.048 10.079  1.00 35.14 ? 271 HOH A O   1 
HETATM 1169 O  O   . HOH D 4 .   ? 19.232  5.518   -7.529  1.00 64.75 ? 272 HOH A O   1 
HETATM 1170 O  O   . HOH D 4 .   ? 21.966  4.036   -8.821  1.00 54.70 ? 273 HOH A O   1 
HETATM 1171 O  O   . HOH D 4 .   ? 4.457   -2.179  -9.236  1.00 45.37 ? 274 HOH A O   1 
HETATM 1172 O  O   . HOH D 4 .   ? 2.586   -1.851  12.799  1.00 64.80 ? 275 HOH A O   1 
HETATM 1173 O  O   . HOH D 4 .   ? 5.097   -2.434  11.580  1.00 64.80 ? 276 HOH A O   1 
HETATM 1174 O  O   . HOH D 4 .   ? 8.673   -8.021  8.485   1.00 64.80 ? 277 HOH A O   1 
HETATM 1175 O  O   . HOH D 4 .   ? 17.650  -7.387  1.539   1.00 64.80 ? 278 HOH A O   1 
HETATM 1176 O  O   . HOH D 4 .   ? -9.277  -19.712 14.781  1.00 64.80 ? 279 HOH A O   1 
HETATM 1177 O  O   . HOH D 4 .   ? 5.726   -8.318  -4.253  1.00 64.80 ? 280 HOH A O   1 
# 
